data_8UGQ
#
_entry.id   8UGQ
#
_cell.length_a   1.00
_cell.length_b   1.00
_cell.length_c   1.00
_cell.angle_alpha   90.00
_cell.angle_beta   90.00
_cell.angle_gamma   90.00
#
_symmetry.space_group_name_H-M   'P 1'
#
loop_
_entity.id
_entity.type
_entity.pdbx_description
1 polymer 'Capsid protein'
2 polymer "DNA (5'-D(P*CP*GP*AP*AP*CP*CP*CP*CP*A)-3')"
#
loop_
_entity_poly.entity_id
_entity_poly.type
_entity_poly.pdbx_seq_one_letter_code
_entity_poly.pdbx_strand_id
1 'polypeptide(L)'
;MSTSKRKRGDDSNWSKRVTKKKPSSAGLKRAGSKADRPSLQIQTLQHAGTTMITVPSGGVCDLINTYARGSDEGNRHTSE
TLTYKIAIDYHFVADAAACRYSNTGTGVMWLVYDTTPGGQAPTPQTIFAYPDTLKAWPATWKVSRELCHRFVVKRRWLFN
METDGRIGSDIPPSNASWKPCKRNIYFHKFTSGLGVRTQWKNVTDGGVGAIQRGALYMVIAPGNGLTFTAHGQTRLYFKS
VGN
;
A,B,C,D,E,F,G,H,I,J,K
2 'polydeoxyribonucleotide' (DC)(DG)(DA)(DA)(DC)(DC)(DC)(DC)(DA) L,M,N,O,P,Q,R,S,T,U,V
#
# COMPACT_ATOMS: atom_id res chain seq x y z
N ARG A 30 -35.68 -48.75 -43.69
CA ARG A 30 -36.37 -49.49 -42.63
C ARG A 30 -35.60 -49.49 -41.31
N ALA A 31 -36.07 -50.32 -40.38
CA ALA A 31 -35.50 -50.46 -39.05
C ALA A 31 -34.30 -51.40 -39.10
N GLY A 32 -33.74 -51.68 -37.92
CA GLY A 32 -32.60 -52.55 -37.79
C GLY A 32 -31.19 -52.09 -38.17
N SER A 33 -31.02 -51.63 -39.41
CA SER A 33 -29.71 -51.26 -39.95
C SER A 33 -28.83 -50.14 -39.36
N LYS A 34 -29.41 -48.99 -39.02
CA LYS A 34 -28.64 -47.88 -38.45
C LYS A 34 -27.43 -47.42 -39.30
N ALA A 35 -27.58 -47.35 -40.62
CA ALA A 35 -26.51 -46.93 -41.50
C ALA A 35 -27.16 -46.15 -42.64
N ASP A 36 -28.23 -45.43 -42.31
CA ASP A 36 -29.06 -44.69 -43.27
C ASP A 36 -28.49 -43.56 -44.13
N ARG A 37 -27.70 -42.67 -43.55
CA ARG A 37 -27.18 -41.54 -44.32
C ARG A 37 -26.30 -42.02 -45.46
N PRO A 38 -25.21 -42.73 -45.12
CA PRO A 38 -24.39 -43.28 -46.20
C PRO A 38 -24.84 -44.69 -46.49
N SER A 39 -24.02 -45.47 -47.18
CA SER A 39 -24.36 -46.86 -47.43
C SER A 39 -23.53 -47.74 -46.51
N LEU A 40 -23.93 -49.00 -46.38
CA LEU A 40 -23.17 -49.91 -45.53
C LEU A 40 -22.16 -50.67 -46.37
N GLN A 41 -21.07 -51.09 -45.74
CA GLN A 41 -20.12 -51.91 -46.46
C GLN A 41 -20.68 -53.30 -46.64
N ILE A 42 -20.24 -53.98 -47.70
CA ILE A 42 -20.80 -55.27 -48.08
C ILE A 42 -19.68 -56.26 -48.30
N GLN A 43 -19.65 -57.31 -47.49
CA GLN A 43 -18.77 -58.44 -47.68
C GLN A 43 -19.57 -59.61 -48.23
N THR A 44 -19.00 -60.33 -49.16
CA THR A 44 -19.68 -61.46 -49.78
C THR A 44 -18.87 -62.74 -49.60
N LEU A 45 -19.56 -63.86 -49.68
CA LEU A 45 -18.93 -65.17 -49.61
C LEU A 45 -19.45 -66.01 -50.76
N GLN A 46 -18.54 -66.72 -51.42
CA GLN A 46 -18.86 -67.45 -52.63
C GLN A 46 -18.58 -68.92 -52.40
N HIS A 47 -19.62 -69.73 -52.39
CA HIS A 47 -19.49 -71.18 -52.27
C HIS A 47 -20.06 -71.81 -53.53
N ALA A 48 -19.19 -72.37 -54.36
CA ALA A 48 -19.58 -72.94 -55.63
C ALA A 48 -18.35 -73.53 -56.29
N GLY A 49 -18.58 -74.37 -57.29
CA GLY A 49 -17.47 -74.97 -58.01
C GLY A 49 -16.65 -75.84 -57.09
N THR A 50 -15.33 -75.65 -57.11
CA THR A 50 -14.46 -76.51 -56.32
C THR A 50 -14.70 -76.31 -54.83
N THR A 51 -15.18 -75.15 -54.41
CA THR A 51 -15.52 -74.90 -53.03
C THR A 51 -17.03 -74.98 -52.90
N MET A 52 -17.52 -76.07 -52.31
CA MET A 52 -18.92 -76.23 -52.03
C MET A 52 -19.03 -76.84 -50.65
N ILE A 53 -20.01 -76.40 -49.87
CA ILE A 53 -20.17 -76.96 -48.54
C ILE A 53 -20.70 -78.38 -48.68
N THR A 54 -19.98 -79.33 -48.11
CA THR A 54 -20.43 -80.71 -48.05
C THR A 54 -20.62 -81.10 -46.59
N VAL A 55 -21.76 -81.69 -46.29
CA VAL A 55 -22.12 -81.95 -44.90
C VAL A 55 -22.07 -83.45 -44.65
N PRO A 56 -21.07 -83.95 -43.94
CA PRO A 56 -21.12 -85.32 -43.45
C PRO A 56 -22.06 -85.43 -42.26
N SER A 57 -22.44 -86.65 -41.95
CA SER A 57 -23.26 -86.90 -40.78
C SER A 57 -22.57 -86.37 -39.54
N GLY A 58 -23.29 -85.61 -38.74
CA GLY A 58 -22.75 -85.02 -37.53
C GLY A 58 -22.48 -83.53 -37.62
N GLY A 59 -22.77 -82.90 -38.74
CA GLY A 59 -22.68 -81.46 -38.83
C GLY A 59 -21.31 -80.94 -39.20
N VAL A 60 -21.26 -79.64 -39.46
CA VAL A 60 -20.02 -78.97 -39.83
C VAL A 60 -20.07 -77.54 -39.33
N CYS A 61 -18.93 -77.02 -38.89
CA CYS A 61 -18.82 -75.69 -38.34
C CYS A 61 -18.05 -74.79 -39.30
N ASP A 62 -18.39 -73.52 -39.31
CA ASP A 62 -17.69 -72.56 -40.15
C ASP A 62 -17.90 -71.16 -39.58
N LEU A 63 -17.01 -70.26 -39.97
CA LEU A 63 -17.03 -68.88 -39.51
C LEU A 63 -17.26 -67.97 -40.69
N ILE A 64 -18.35 -67.21 -40.66
CA ILE A 64 -18.73 -66.36 -41.78
C ILE A 64 -18.30 -64.92 -41.59
N ASN A 65 -17.62 -64.60 -40.51
CA ASN A 65 -17.41 -63.21 -40.12
C ASN A 65 -16.08 -62.64 -40.59
N THR A 66 -15.31 -63.39 -41.37
CA THR A 66 -13.95 -62.98 -41.73
C THR A 66 -13.93 -61.63 -42.41
N TYR A 67 -13.10 -60.72 -41.89
CA TYR A 67 -12.86 -59.42 -42.49
C TYR A 67 -11.36 -59.17 -42.53
N ALA A 68 -10.81 -59.05 -43.73
CA ALA A 68 -9.42 -58.61 -43.82
C ALA A 68 -9.32 -57.12 -43.51
N ARG A 69 -8.13 -56.68 -43.15
CA ARG A 69 -7.87 -55.27 -42.95
C ARG A 69 -7.11 -54.72 -44.15
N GLY A 70 -7.50 -53.53 -44.59
CA GLY A 70 -6.79 -52.93 -45.70
C GLY A 70 -7.58 -51.80 -46.31
N SER A 71 -7.18 -51.44 -47.53
CA SER A 71 -7.77 -50.33 -48.25
C SER A 71 -9.07 -50.71 -48.95
N ASP A 72 -9.22 -51.96 -49.34
CA ASP A 72 -10.32 -52.36 -50.22
C ASP A 72 -11.67 -52.16 -49.54
N GLU A 73 -12.74 -52.00 -50.31
CA GLU A 73 -13.98 -51.71 -49.59
C GLU A 73 -14.47 -52.94 -48.83
N GLY A 74 -14.21 -54.15 -49.33
CA GLY A 74 -14.70 -55.29 -48.56
C GLY A 74 -13.92 -55.50 -47.28
N ASN A 75 -12.81 -54.79 -47.12
CA ASN A 75 -12.01 -54.92 -45.92
C ASN A 75 -12.57 -54.05 -44.83
N ARG A 76 -11.95 -54.11 -43.66
CA ARG A 76 -12.31 -53.26 -42.55
C ARG A 76 -11.30 -52.14 -42.40
N HIS A 77 -11.56 -51.24 -41.46
CA HIS A 77 -10.68 -50.09 -41.25
C HIS A 77 -10.16 -50.08 -39.81
N THR A 78 -11.02 -49.86 -38.84
CA THR A 78 -10.60 -49.85 -37.45
C THR A 78 -10.55 -51.28 -36.92
N SER A 79 -10.43 -51.42 -35.61
CA SER A 79 -10.40 -52.73 -34.98
C SER A 79 -11.75 -53.17 -34.44
N GLU A 80 -12.81 -52.39 -34.64
CA GLU A 80 -14.12 -52.70 -34.10
C GLU A 80 -15.18 -52.55 -35.18
N THR A 81 -16.06 -53.55 -35.28
CA THR A 81 -17.08 -53.57 -36.31
C THR A 81 -18.44 -53.92 -35.71
N LEU A 82 -19.49 -53.63 -36.46
CA LEU A 82 -20.85 -53.97 -36.08
C LEU A 82 -21.58 -54.52 -37.29
N THR A 83 -22.09 -55.74 -37.18
CA THR A 83 -22.87 -56.33 -38.26
C THR A 83 -24.34 -56.13 -37.97
N TYR A 84 -25.12 -55.90 -39.03
CA TYR A 84 -26.53 -55.61 -38.87
C TYR A 84 -27.40 -56.62 -39.60
N LYS A 85 -27.35 -56.68 -40.92
CA LYS A 85 -28.22 -57.53 -41.70
C LYS A 85 -27.42 -58.66 -42.32
N ILE A 86 -28.10 -59.77 -42.56
CA ILE A 86 -27.48 -60.93 -43.19
C ILE A 86 -28.50 -61.58 -44.11
N ALA A 87 -28.04 -61.98 -45.29
CA ALA A 87 -28.89 -62.61 -46.30
C ALA A 87 -28.25 -63.90 -46.77
N ILE A 88 -29.09 -64.89 -47.05
CA ILE A 88 -28.63 -66.25 -47.31
C ILE A 88 -29.40 -66.83 -48.48
N ASP A 89 -28.68 -67.38 -49.46
CA ASP A 89 -29.29 -68.03 -50.61
C ASP A 89 -28.52 -69.31 -50.93
N TYR A 90 -29.22 -70.41 -51.06
CA TYR A 90 -28.53 -71.68 -51.33
C TYR A 90 -29.44 -72.63 -52.09
N HIS A 91 -28.80 -73.63 -52.67
CA HIS A 91 -29.47 -74.72 -53.38
C HIS A 91 -28.97 -76.02 -52.78
N PHE A 92 -29.85 -76.75 -52.11
CA PHE A 92 -29.46 -78.03 -51.52
C PHE A 92 -29.82 -79.16 -52.47
N VAL A 93 -28.96 -80.17 -52.52
CA VAL A 93 -29.22 -81.32 -53.36
C VAL A 93 -28.66 -82.56 -52.67
N ALA A 94 -29.40 -83.66 -52.76
CA ALA A 94 -29.00 -84.87 -52.09
C ALA A 94 -27.75 -85.46 -52.73
N ASP A 95 -27.08 -86.33 -51.97
CA ASP A 95 -25.85 -86.97 -52.41
C ASP A 95 -26.15 -88.32 -53.02
N ALA A 96 -25.39 -88.67 -54.06
CA ALA A 96 -25.60 -89.94 -54.74
C ALA A 96 -25.49 -91.12 -53.78
N ALA A 97 -24.65 -91.00 -52.75
CA ALA A 97 -24.54 -92.06 -51.76
C ALA A 97 -25.85 -92.26 -51.03
N ALA A 98 -26.49 -91.16 -50.61
CA ALA A 98 -27.75 -91.27 -49.88
C ALA A 98 -28.93 -91.53 -50.79
N CYS A 99 -28.77 -91.28 -52.10
CA CYS A 99 -29.86 -91.56 -53.02
C CYS A 99 -30.14 -93.06 -53.15
N ARG A 100 -29.30 -93.90 -52.55
CA ARG A 100 -29.53 -95.34 -52.60
C ARG A 100 -30.76 -95.75 -51.80
N TYR A 101 -30.83 -95.32 -50.54
CA TYR A 101 -31.96 -95.56 -49.67
C TYR A 101 -33.09 -94.59 -49.98
N SER A 102 -34.31 -94.95 -49.59
CA SER A 102 -35.45 -94.06 -49.68
C SER A 102 -35.95 -93.79 -48.27
N ASN A 103 -35.73 -92.57 -47.78
CA ASN A 103 -36.28 -92.16 -46.49
C ASN A 103 -36.28 -90.65 -46.41
N THR A 104 -37.10 -90.13 -45.50
CA THR A 104 -37.22 -88.70 -45.30
C THR A 104 -36.24 -88.25 -44.21
N GLY A 105 -36.37 -87.01 -43.78
CA GLY A 105 -35.51 -86.49 -42.74
C GLY A 105 -35.75 -85.02 -42.55
N THR A 106 -35.08 -84.45 -41.55
CA THR A 106 -35.20 -83.03 -41.26
C THR A 106 -33.85 -82.47 -40.85
N GLY A 107 -33.48 -81.34 -41.46
CA GLY A 107 -32.24 -80.67 -41.16
C GLY A 107 -32.47 -79.42 -40.33
N VAL A 108 -31.37 -78.86 -39.84
CA VAL A 108 -31.41 -77.65 -39.01
C VAL A 108 -30.23 -76.78 -39.38
N MET A 109 -30.42 -75.47 -39.34
CA MET A 109 -29.33 -74.51 -39.51
C MET A 109 -29.36 -73.52 -38.35
N TRP A 110 -28.39 -73.64 -37.45
CA TRP A 110 -28.21 -72.67 -36.39
C TRP A 110 -27.39 -71.48 -36.85
N LEU A 111 -27.54 -70.37 -36.15
CA LEU A 111 -26.65 -69.23 -36.29
C LEU A 111 -26.19 -68.87 -34.88
N VAL A 112 -24.91 -69.09 -34.59
CA VAL A 112 -24.41 -69.13 -33.21
C VAL A 112 -23.43 -67.99 -33.00
N TYR A 113 -23.49 -67.40 -31.81
CA TYR A 113 -22.69 -66.24 -31.44
C TYR A 113 -21.80 -66.56 -30.26
N ASP A 114 -20.49 -66.58 -30.49
CA ASP A 114 -19.52 -66.89 -29.45
C ASP A 114 -19.02 -65.61 -28.81
N THR A 115 -19.07 -65.56 -27.48
CA THR A 115 -18.53 -64.41 -26.77
C THR A 115 -17.03 -64.51 -26.59
N THR A 116 -16.53 -65.68 -26.24
CA THR A 116 -15.12 -65.87 -25.87
C THR A 116 -14.50 -66.88 -26.81
N PRO A 117 -13.98 -66.45 -27.95
CA PRO A 117 -13.33 -67.37 -28.88
C PRO A 117 -12.04 -67.92 -28.29
N GLY A 118 -11.53 -68.97 -28.93
CA GLY A 118 -10.28 -69.57 -28.52
C GLY A 118 -9.53 -70.05 -29.75
N GLY A 119 -8.28 -70.47 -29.51
CA GLY A 119 -7.42 -70.86 -30.61
C GLY A 119 -8.01 -71.97 -31.46
N GLN A 120 -8.35 -73.08 -30.82
CA GLN A 120 -8.91 -74.21 -31.53
C GLN A 120 -10.29 -73.88 -32.08
N ALA A 121 -10.53 -74.27 -33.32
CA ALA A 121 -11.84 -74.06 -33.92
C ALA A 121 -12.84 -75.07 -33.35
N PRO A 122 -14.01 -74.62 -32.93
CA PRO A 122 -14.94 -75.55 -32.28
C PRO A 122 -15.61 -76.48 -33.28
N THR A 123 -16.05 -77.62 -32.78
CA THR A 123 -16.83 -78.60 -33.53
C THR A 123 -18.20 -78.74 -32.89
N PRO A 124 -19.23 -79.08 -33.67
CA PRO A 124 -20.58 -79.21 -33.08
C PRO A 124 -20.62 -80.09 -31.84
N GLN A 125 -19.78 -81.11 -31.79
CA GLN A 125 -19.74 -81.98 -30.61
C GLN A 125 -19.45 -81.17 -29.35
N THR A 126 -18.67 -80.10 -29.47
CA THR A 126 -18.34 -79.30 -28.29
C THR A 126 -19.46 -78.34 -27.94
N ILE A 127 -20.06 -77.71 -28.94
CA ILE A 127 -21.08 -76.70 -28.66
C ILE A 127 -22.30 -77.34 -28.04
N PHE A 128 -22.88 -78.32 -28.71
CA PHE A 128 -23.98 -79.09 -28.17
C PHE A 128 -23.40 -80.37 -27.60
N ALA A 129 -23.81 -80.74 -26.40
CA ALA A 129 -23.37 -82.00 -25.84
C ALA A 129 -24.51 -82.99 -26.03
N TYR A 130 -24.36 -83.89 -27.00
CA TYR A 130 -25.41 -84.81 -27.36
C TYR A 130 -24.93 -86.23 -27.15
N PRO A 131 -25.60 -87.00 -26.30
CA PRO A 131 -25.24 -88.42 -26.16
C PRO A 131 -25.30 -89.11 -27.51
N ASP A 132 -24.35 -90.01 -27.73
CA ASP A 132 -24.08 -90.52 -29.06
C ASP A 132 -25.29 -91.20 -29.69
N THR A 133 -26.28 -91.59 -28.88
CA THR A 133 -27.47 -92.22 -29.44
C THR A 133 -28.36 -91.22 -30.16
N LEU A 134 -28.24 -89.93 -29.86
CA LEU A 134 -29.03 -88.91 -30.52
C LEU A 134 -28.34 -88.30 -31.71
N LYS A 135 -27.16 -88.82 -32.10
CA LYS A 135 -26.46 -88.26 -33.25
C LYS A 135 -27.36 -88.18 -34.47
N ALA A 136 -28.27 -89.14 -34.62
CA ALA A 136 -29.04 -89.22 -35.85
C ALA A 136 -29.95 -88.01 -36.02
N TRP A 137 -30.56 -87.53 -34.94
CA TRP A 137 -31.61 -86.54 -35.09
C TRP A 137 -31.16 -85.20 -34.53
N PRO A 138 -30.84 -84.23 -35.36
CA PRO A 138 -30.34 -82.95 -34.82
C PRO A 138 -31.41 -82.15 -34.13
N ALA A 139 -32.65 -82.19 -34.61
CA ALA A 139 -33.66 -81.24 -34.18
C ALA A 139 -33.91 -81.29 -32.68
N THR A 140 -33.43 -82.33 -32.01
CA THR A 140 -33.64 -82.45 -30.57
C THR A 140 -32.50 -81.89 -29.75
N TRP A 141 -31.44 -81.39 -30.38
CA TRP A 141 -30.30 -80.93 -29.64
C TRP A 141 -30.62 -79.61 -28.95
N LYS A 142 -29.97 -79.38 -27.81
CA LYS A 142 -30.02 -78.11 -27.12
C LYS A 142 -28.62 -77.69 -26.74
N VAL A 143 -28.42 -76.40 -26.54
CA VAL A 143 -27.10 -75.91 -26.20
C VAL A 143 -26.68 -76.48 -24.85
N SER A 144 -25.42 -76.91 -24.77
CA SER A 144 -24.93 -77.55 -23.56
C SER A 144 -24.98 -76.59 -22.38
N ARG A 145 -25.20 -77.15 -21.20
CA ARG A 145 -25.53 -76.32 -20.04
C ARG A 145 -24.28 -75.72 -19.40
N GLU A 146 -23.15 -76.45 -19.43
CA GLU A 146 -21.90 -75.92 -18.89
C GLU A 146 -21.57 -74.59 -19.51
N LEU A 147 -21.73 -74.49 -20.83
CA LEU A 147 -21.32 -73.36 -21.63
C LEU A 147 -22.37 -72.29 -21.70
N CYS A 148 -23.42 -72.40 -20.88
CA CYS A 148 -24.63 -71.62 -21.11
C CYS A 148 -24.37 -70.12 -21.20
N HIS A 149 -23.27 -69.65 -20.62
CA HIS A 149 -22.94 -68.24 -20.68
C HIS A 149 -21.92 -67.92 -21.76
N ARG A 150 -21.47 -68.91 -22.53
CA ARG A 150 -20.50 -68.67 -23.59
C ARG A 150 -21.17 -68.58 -24.95
N PHE A 151 -21.78 -69.65 -25.41
CA PHE A 151 -22.44 -69.70 -26.70
C PHE A 151 -23.91 -69.35 -26.56
N VAL A 152 -24.44 -68.67 -27.56
CA VAL A 152 -25.86 -68.33 -27.59
C VAL A 152 -26.33 -68.35 -29.03
N VAL A 153 -27.55 -68.85 -29.24
CA VAL A 153 -28.08 -69.04 -30.58
C VAL A 153 -29.05 -67.92 -30.86
N LYS A 154 -28.74 -67.10 -31.86
CA LYS A 154 -29.59 -65.96 -32.15
C LYS A 154 -30.63 -66.24 -33.24
N ARG A 155 -30.50 -67.35 -33.96
CA ARG A 155 -31.49 -67.75 -34.95
C ARG A 155 -31.46 -69.26 -35.11
N ARG A 156 -32.59 -69.81 -35.54
CA ARG A 156 -32.70 -71.23 -35.79
C ARG A 156 -33.71 -71.45 -36.89
N TRP A 157 -33.42 -72.37 -37.80
CA TRP A 157 -34.33 -72.64 -38.89
C TRP A 157 -34.42 -74.13 -39.14
N LEU A 158 -35.44 -74.53 -39.89
CA LEU A 158 -35.73 -75.92 -40.15
C LEU A 158 -35.98 -76.11 -41.65
N PHE A 159 -35.68 -77.30 -42.13
CA PHE A 159 -36.02 -77.66 -43.49
C PHE A 159 -36.05 -79.18 -43.56
N ASN A 160 -36.68 -79.69 -44.61
CA ASN A 160 -36.82 -81.13 -44.73
C ASN A 160 -36.67 -81.56 -46.18
N MET A 161 -36.08 -82.73 -46.38
CA MET A 161 -35.81 -83.28 -47.69
C MET A 161 -36.25 -84.73 -47.70
N GLU A 162 -36.52 -85.24 -48.90
CA GLU A 162 -36.88 -86.65 -49.02
C GLU A 162 -36.39 -87.17 -50.35
N THR A 163 -35.93 -88.42 -50.35
CA THR A 163 -35.38 -89.05 -51.52
C THR A 163 -36.12 -90.35 -51.78
N ASP A 164 -36.55 -90.55 -53.02
CA ASP A 164 -37.31 -91.74 -53.40
C ASP A 164 -36.41 -92.91 -53.73
N GLY A 165 -35.10 -92.75 -53.61
CA GLY A 165 -34.20 -93.83 -53.97
C GLY A 165 -33.87 -93.88 -55.44
N ARG A 166 -33.94 -92.74 -56.13
CA ARG A 166 -33.66 -92.70 -57.55
C ARG A 166 -32.89 -91.44 -57.88
N ILE A 167 -31.75 -91.58 -58.55
CA ILE A 167 -31.00 -90.40 -58.99
C ILE A 167 -31.73 -89.75 -60.15
N GLY A 168 -31.40 -88.49 -60.40
CA GLY A 168 -32.08 -87.74 -61.43
C GLY A 168 -31.49 -87.85 -62.82
N SER A 169 -30.43 -88.65 -62.99
CA SER A 169 -29.71 -88.69 -64.25
C SER A 169 -30.16 -89.83 -65.16
N ASP A 170 -31.10 -90.67 -64.73
CA ASP A 170 -31.45 -91.86 -65.47
C ASP A 170 -32.89 -91.78 -65.99
N ILE A 171 -33.14 -92.51 -67.07
CA ILE A 171 -34.40 -92.41 -67.80
C ILE A 171 -35.39 -93.43 -67.26
N PRO A 172 -36.64 -93.06 -67.03
CA PRO A 172 -37.65 -94.04 -66.63
C PRO A 172 -37.96 -94.99 -67.76
N PRO A 173 -38.47 -96.18 -67.45
CA PRO A 173 -38.99 -97.05 -68.50
C PRO A 173 -40.31 -96.54 -69.03
N SER A 174 -40.65 -96.98 -70.24
CA SER A 174 -41.87 -96.53 -70.88
C SER A 174 -43.13 -96.99 -70.16
N ASN A 175 -42.99 -97.87 -69.17
CA ASN A 175 -44.17 -98.40 -68.50
C ASN A 175 -44.74 -97.43 -67.47
N ALA A 176 -43.90 -96.78 -66.68
CA ALA A 176 -44.37 -96.01 -65.54
C ALA A 176 -43.58 -94.71 -65.41
N SER A 177 -44.08 -93.81 -64.56
CA SER A 177 -43.44 -92.54 -64.30
C SER A 177 -43.27 -92.38 -62.79
N TRP A 178 -42.74 -91.22 -62.38
CA TRP A 178 -42.56 -90.93 -60.96
C TRP A 178 -42.80 -89.45 -60.70
N LYS A 179 -43.36 -89.15 -59.52
CA LYS A 179 -43.47 -87.77 -59.08
C LYS A 179 -42.39 -87.54 -58.03
N PRO A 180 -41.33 -86.82 -58.34
CA PRO A 180 -40.25 -86.64 -57.37
C PRO A 180 -40.37 -85.37 -56.57
N CYS A 181 -41.34 -85.31 -55.64
CA CYS A 181 -41.47 -84.13 -54.82
C CYS A 181 -40.24 -83.92 -53.96
N LYS A 182 -39.71 -82.69 -53.99
CA LYS A 182 -38.72 -82.24 -53.02
C LYS A 182 -37.44 -83.06 -53.06
N ARG A 183 -36.99 -83.40 -54.27
CA ARG A 183 -35.68 -84.03 -54.37
C ARG A 183 -34.57 -83.02 -54.09
N ASN A 184 -34.84 -81.75 -54.33
CA ASN A 184 -33.91 -80.68 -54.03
C ASN A 184 -34.72 -79.41 -53.77
N ILE A 185 -34.20 -78.55 -52.91
CA ILE A 185 -34.98 -77.41 -52.43
C ILE A 185 -34.18 -76.13 -52.54
N TYR A 186 -34.90 -75.03 -52.42
CA TYR A 186 -34.35 -73.69 -52.41
C TYR A 186 -34.59 -73.05 -51.06
N PHE A 187 -33.54 -72.47 -50.48
CA PHE A 187 -33.56 -72.05 -49.09
C PHE A 187 -33.03 -70.64 -48.99
N HIS A 188 -33.87 -69.70 -48.54
CA HIS A 188 -33.43 -68.32 -48.44
C HIS A 188 -34.05 -67.67 -47.23
N LYS A 189 -33.26 -66.85 -46.54
CA LYS A 189 -33.73 -66.13 -45.37
C LYS A 189 -33.07 -64.75 -45.37
N PHE A 190 -33.76 -63.78 -44.79
CA PHE A 190 -33.23 -62.43 -44.66
C PHE A 190 -33.63 -61.90 -43.31
N THR A 191 -32.66 -61.52 -42.49
CA THR A 191 -32.93 -61.12 -41.10
C THR A 191 -32.16 -59.88 -40.75
N SER A 192 -32.88 -58.81 -40.41
CA SER A 192 -32.27 -57.55 -40.02
C SER A 192 -32.13 -57.39 -38.52
N GLY A 193 -32.74 -58.25 -37.72
CA GLY A 193 -32.90 -57.96 -36.32
C GLY A 193 -31.60 -58.00 -35.54
N LEU A 194 -30.73 -58.93 -35.87
CA LEU A 194 -29.59 -59.22 -35.02
C LEU A 194 -28.64 -58.04 -34.98
N GLY A 195 -27.78 -58.05 -33.97
CA GLY A 195 -26.65 -57.15 -33.94
C GLY A 195 -25.52 -57.80 -33.19
N VAL A 196 -24.29 -57.43 -33.54
CA VAL A 196 -23.10 -58.11 -33.06
C VAL A 196 -21.99 -57.08 -32.96
N ARG A 197 -21.15 -57.21 -31.95
CA ARG A 197 -20.05 -56.29 -31.71
C ARG A 197 -18.77 -57.07 -31.55
N THR A 198 -17.81 -56.83 -32.44
CA THR A 198 -16.57 -57.59 -32.46
C THR A 198 -15.41 -56.66 -32.15
N GLN A 199 -14.33 -57.24 -31.64
CA GLN A 199 -13.08 -56.51 -31.46
C GLN A 199 -11.94 -57.37 -31.95
N TRP A 200 -11.08 -56.77 -32.76
CA TRP A 200 -10.04 -57.48 -33.49
C TRP A 200 -8.69 -57.20 -32.86
N LYS A 201 -7.79 -58.18 -32.95
CA LYS A 201 -6.44 -57.98 -32.46
C LYS A 201 -5.65 -57.11 -33.42
N ASN A 202 -4.35 -57.01 -33.15
CA ASN A 202 -3.48 -56.18 -33.97
C ASN A 202 -3.35 -56.70 -35.38
N VAL A 203 -3.17 -58.02 -35.54
CA VAL A 203 -2.75 -58.58 -36.82
C VAL A 203 -3.69 -58.17 -37.94
N THR A 204 -3.12 -57.91 -39.12
CA THR A 204 -3.90 -57.53 -40.28
C THR A 204 -4.72 -58.67 -40.84
N ASP A 205 -4.50 -59.90 -40.39
CA ASP A 205 -5.19 -61.05 -40.95
C ASP A 205 -6.68 -60.99 -40.59
N GLY A 206 -7.48 -61.68 -41.38
CA GLY A 206 -8.89 -61.84 -41.12
C GLY A 206 -9.31 -63.21 -40.65
N GLY A 207 -8.38 -64.07 -40.26
CA GLY A 207 -8.71 -65.43 -39.88
C GLY A 207 -9.39 -65.51 -38.53
N VAL A 208 -9.51 -66.74 -38.05
CA VAL A 208 -10.20 -66.98 -36.78
C VAL A 208 -9.30 -66.61 -35.60
N GLY A 209 -7.99 -66.77 -35.76
CA GLY A 209 -7.09 -66.47 -34.67
C GLY A 209 -6.99 -65.00 -34.34
N ALA A 210 -7.54 -64.14 -35.19
CA ALA A 210 -7.34 -62.71 -35.02
C ALA A 210 -8.48 -62.03 -34.27
N ILE A 211 -9.50 -62.77 -33.88
CA ILE A 211 -10.66 -62.14 -33.27
C ILE A 211 -10.58 -62.29 -31.76
N GLN A 212 -10.69 -61.16 -31.06
CA GLN A 212 -10.60 -61.19 -29.60
C GLN A 212 -11.94 -61.55 -28.97
N ARG A 213 -13.04 -60.99 -29.46
CA ARG A 213 -14.35 -61.27 -28.92
C ARG A 213 -15.39 -61.28 -30.02
N GLY A 214 -16.53 -61.90 -29.72
CA GLY A 214 -17.70 -61.83 -30.57
C GLY A 214 -17.59 -62.51 -31.91
N ALA A 215 -17.22 -63.79 -31.94
CA ALA A 215 -17.22 -64.50 -33.20
C ALA A 215 -18.66 -64.77 -33.65
N LEU A 216 -18.81 -65.37 -34.81
CA LEU A 216 -20.13 -65.74 -35.30
C LEU A 216 -19.99 -66.99 -36.15
N TYR A 217 -20.93 -67.91 -36.01
CA TYR A 217 -20.78 -69.20 -36.67
C TYR A 217 -22.05 -69.61 -37.38
N MET A 218 -21.89 -70.32 -38.48
CA MET A 218 -22.97 -70.93 -39.23
C MET A 218 -22.84 -72.43 -39.12
N VAL A 219 -23.87 -73.09 -38.59
CA VAL A 219 -23.80 -74.52 -38.32
C VAL A 219 -24.90 -75.22 -39.12
N ILE A 220 -24.52 -76.26 -39.85
CA ILE A 220 -25.44 -77.07 -40.61
C ILE A 220 -25.40 -78.48 -40.07
N ALA A 221 -26.58 -79.10 -39.94
CA ALA A 221 -26.64 -80.48 -39.54
C ALA A 221 -27.65 -81.18 -40.43
N PRO A 222 -27.38 -82.40 -40.84
CA PRO A 222 -28.27 -83.09 -41.76
C PRO A 222 -29.37 -83.82 -41.00
N GLY A 223 -30.25 -84.45 -41.77
CA GLY A 223 -31.27 -85.30 -41.21
C GLY A 223 -30.67 -86.62 -40.80
N ASN A 224 -31.53 -87.63 -40.68
CA ASN A 224 -31.05 -88.94 -40.29
C ASN A 224 -30.41 -89.64 -41.48
N GLY A 225 -29.11 -89.90 -41.37
CA GLY A 225 -28.40 -90.62 -42.40
C GLY A 225 -28.44 -90.02 -43.78
N LEU A 226 -28.84 -88.76 -43.91
CA LEU A 226 -29.01 -88.14 -45.23
C LEU A 226 -27.99 -87.02 -45.38
N THR A 227 -26.94 -87.28 -46.15
CA THR A 227 -25.96 -86.27 -46.50
C THR A 227 -26.41 -85.47 -47.72
N PHE A 228 -25.88 -84.27 -47.86
CA PHE A 228 -26.15 -83.48 -49.06
C PHE A 228 -25.01 -82.50 -49.27
N THR A 229 -25.16 -81.64 -50.28
CA THR A 229 -24.21 -80.59 -50.60
C THR A 229 -24.97 -79.29 -50.79
N ALA A 230 -24.24 -78.22 -51.07
CA ALA A 230 -24.86 -76.91 -51.17
C ALA A 230 -24.18 -76.09 -52.26
N HIS A 231 -24.91 -75.08 -52.73
CA HIS A 231 -24.38 -74.11 -53.67
C HIS A 231 -25.09 -72.81 -53.39
N GLY A 232 -24.36 -71.71 -53.47
CA GLY A 232 -24.98 -70.42 -53.29
C GLY A 232 -23.98 -69.40 -52.77
N GLN A 233 -24.53 -68.33 -52.20
CA GLN A 233 -23.70 -67.24 -51.72
C GLN A 233 -24.47 -66.47 -50.65
N THR A 234 -23.72 -65.74 -49.83
CA THR A 234 -24.31 -64.97 -48.75
C THR A 234 -23.75 -63.54 -48.79
N ARG A 235 -24.37 -62.67 -48.01
CA ARG A 235 -23.91 -61.31 -47.88
C ARG A 235 -24.07 -60.83 -46.45
N LEU A 236 -23.19 -59.92 -46.05
CA LEU A 236 -23.24 -59.31 -44.74
C LEU A 236 -23.23 -57.79 -44.89
N TYR A 237 -23.71 -57.10 -43.87
CA TYR A 237 -23.76 -55.65 -43.90
C TYR A 237 -23.21 -55.14 -42.58
N PHE A 238 -22.12 -54.38 -42.64
CA PHE A 238 -21.48 -53.90 -41.43
C PHE A 238 -20.92 -52.51 -41.66
N LYS A 239 -20.34 -51.94 -40.61
CA LYS A 239 -19.75 -50.62 -40.71
C LYS A 239 -18.64 -50.49 -39.68
N SER A 240 -17.43 -50.22 -40.14
CA SER A 240 -16.29 -50.13 -39.24
C SER A 240 -16.49 -49.01 -38.23
N VAL A 241 -15.91 -49.16 -37.04
CA VAL A 241 -16.05 -48.13 -36.02
C VAL A 241 -14.93 -48.23 -34.99
N GLY A 242 -14.43 -47.09 -34.51
CA GLY A 242 -13.42 -47.12 -33.47
C GLY A 242 -12.29 -46.12 -33.56
N ASN A 243 -11.20 -46.40 -32.86
CA ASN A 243 -10.05 -45.48 -32.86
C ASN A 243 -10.50 -44.05 -32.70
N LYS C 29 -21.81 -44.91 9.16
CA LYS C 29 -20.59 -45.57 8.71
C LYS C 29 -20.06 -44.98 7.42
N ARG C 30 -18.86 -45.41 7.02
CA ARG C 30 -18.36 -45.19 5.67
C ARG C 30 -18.38 -46.57 5.01
N ALA C 31 -19.42 -46.81 4.22
CA ALA C 31 -19.71 -48.16 3.75
C ALA C 31 -20.23 -48.15 2.32
N GLY C 32 -19.60 -48.95 1.45
CA GLY C 32 -20.08 -49.07 0.09
C GLY C 32 -20.43 -50.53 -0.17
N SER C 33 -20.55 -51.31 0.90
CA SER C 33 -20.86 -52.72 0.77
C SER C 33 -22.20 -52.99 0.13
N LYS C 34 -23.21 -52.19 0.47
CA LYS C 34 -24.55 -52.32 -0.12
C LYS C 34 -25.43 -53.39 0.55
N ALA C 35 -24.89 -54.19 1.46
CA ALA C 35 -25.73 -55.24 2.02
C ALA C 35 -25.33 -55.73 3.41
N ASP C 36 -25.55 -54.90 4.42
CA ASP C 36 -25.19 -55.27 5.78
C ASP C 36 -26.39 -55.28 6.73
N ARG C 37 -27.58 -54.98 6.24
CA ARG C 37 -28.77 -55.07 7.09
C ARG C 37 -28.63 -56.33 7.92
N PRO C 38 -28.41 -57.47 7.25
CA PRO C 38 -28.14 -58.69 8.01
C PRO C 38 -26.64 -58.87 8.02
N SER C 39 -26.12 -59.84 8.77
CA SER C 39 -24.66 -59.97 8.87
C SER C 39 -23.99 -60.70 7.72
N LEU C 40 -23.32 -59.97 6.84
CA LEU C 40 -22.57 -60.59 5.76
C LEU C 40 -21.76 -61.77 6.27
N GLN C 41 -21.58 -62.78 5.44
CA GLN C 41 -20.81 -63.96 5.83
C GLN C 41 -19.33 -63.63 5.93
N ILE C 42 -18.55 -64.49 6.57
CA ILE C 42 -17.13 -64.25 6.74
C ILE C 42 -16.22 -65.44 6.50
N GLN C 43 -15.72 -65.61 5.28
CA GLN C 43 -14.75 -66.65 5.00
C GLN C 43 -13.37 -66.17 5.39
N THR C 44 -12.58 -67.06 5.99
CA THR C 44 -11.25 -66.72 6.44
C THR C 44 -10.22 -67.63 5.78
N LEU C 45 -8.99 -67.13 5.72
CA LEU C 45 -7.87 -67.89 5.20
C LEU C 45 -6.72 -67.81 6.19
N GLN C 46 -6.09 -68.94 6.46
CA GLN C 46 -5.07 -69.04 7.49
C GLN C 46 -3.76 -69.44 6.84
N HIS C 47 -2.78 -68.56 6.86
CA HIS C 47 -1.45 -68.86 6.37
C HIS C 47 -0.48 -68.71 7.53
N ALA C 48 0.07 -69.83 7.98
CA ALA C 48 0.96 -69.84 9.13
C ALA C 48 1.43 -71.28 9.34
N GLY C 49 2.48 -71.43 10.13
CA GLY C 49 2.98 -72.75 10.44
C GLY C 49 3.48 -73.43 9.17
N THR C 50 3.05 -74.67 8.96
CA THR C 50 3.53 -75.43 7.81
C THR C 50 3.10 -74.79 6.50
N THR C 51 1.98 -74.07 6.50
CA THR C 51 1.52 -73.36 5.31
C THR C 51 1.85 -71.89 5.50
N MET C 52 2.87 -71.43 4.79
CA MET C 52 3.24 -70.03 4.77
C MET C 52 3.56 -69.67 3.33
N ILE C 53 3.16 -68.48 2.91
CA ILE C 53 3.46 -68.06 1.57
C ILE C 53 4.95 -67.79 1.46
N THR C 54 5.61 -68.46 0.52
CA THR C 54 7.01 -68.20 0.22
C THR C 54 7.12 -67.71 -1.21
N VAL C 55 7.84 -66.62 -1.40
CA VAL C 55 7.87 -65.96 -2.70
C VAL C 55 9.25 -66.17 -3.31
N PRO C 56 9.39 -67.01 -4.32
CA PRO C 56 10.61 -67.02 -5.11
C PRO C 56 10.65 -65.85 -6.06
N SER C 57 11.84 -65.57 -6.58
CA SER C 57 11.98 -64.52 -7.57
C SER C 57 11.10 -64.81 -8.77
N GLY C 58 10.32 -63.80 -9.18
CA GLY C 58 9.41 -63.95 -10.29
C GLY C 58 7.96 -64.02 -9.90
N GLY C 59 7.63 -63.94 -8.62
CA GLY C 59 6.25 -63.84 -8.20
C GLY C 59 5.57 -65.17 -8.01
N VAL C 60 4.36 -65.11 -7.45
CA VAL C 60 3.56 -66.31 -7.22
C VAL C 60 2.09 -65.93 -7.32
N CYS C 61 1.30 -66.85 -7.85
CA CYS C 61 -0.13 -66.63 -8.06
C CYS C 61 -0.94 -67.49 -7.10
N ASP C 62 -2.10 -66.98 -6.71
CA ASP C 62 -2.97 -67.73 -5.83
C ASP C 62 -4.39 -67.20 -5.97
N LEU C 63 -5.35 -68.03 -5.57
CA LEU C 63 -6.76 -67.70 -5.67
C LEU C 63 -7.35 -67.66 -4.27
N ILE C 64 -7.88 -66.50 -3.88
CA ILE C 64 -8.39 -66.29 -2.54
C ILE C 64 -9.89 -66.47 -2.45
N ASN C 65 -10.56 -66.80 -3.54
CA ASN C 65 -12.00 -66.71 -3.61
C ASN C 65 -12.70 -68.04 -3.31
N THR C 66 -11.97 -69.07 -2.91
CA THR C 66 -12.54 -70.40 -2.76
C THR C 66 -13.71 -70.40 -1.79
N TYR C 67 -14.85 -70.95 -2.24
CA TYR C 67 -16.03 -71.14 -1.41
C TYR C 67 -16.53 -72.56 -1.61
N ALA C 68 -16.52 -73.37 -0.57
CA ALA C 68 -17.17 -74.66 -0.67
C ALA C 68 -18.69 -74.47 -0.62
N ARG C 69 -19.43 -75.45 -1.12
CA ARG C 69 -20.88 -75.42 -0.99
C ARG C 69 -21.30 -76.42 0.07
N GLY C 70 -22.26 -76.01 0.90
CA GLY C 70 -22.75 -76.89 1.94
C GLY C 70 -23.55 -76.12 2.97
N SER C 71 -23.72 -76.75 4.12
CA SER C 71 -24.53 -76.21 5.20
C SER C 71 -23.77 -75.20 6.04
N ASP C 72 -22.45 -75.32 6.14
CA ASP C 72 -21.69 -74.55 7.11
C ASP C 72 -21.77 -73.07 6.80
N GLU C 73 -21.45 -72.27 7.84
CA GLU C 73 -21.53 -70.81 7.81
C GLU C 73 -20.55 -70.21 6.82
N GLY C 74 -19.39 -70.84 6.65
CA GLY C 74 -18.37 -70.34 5.75
C GLY C 74 -18.58 -70.79 4.32
N ASN C 75 -19.52 -71.72 4.11
CA ASN C 75 -19.78 -72.21 2.78
C ASN C 75 -20.74 -71.27 2.07
N ARG C 76 -21.04 -71.59 0.81
CA ARG C 76 -22.02 -70.84 0.05
C ARG C 76 -23.32 -71.64 -0.03
N HIS C 77 -24.33 -71.02 -0.64
CA HIS C 77 -25.65 -71.64 -0.75
C HIS C 77 -26.05 -71.79 -2.22
N THR C 78 -26.30 -70.68 -2.90
CA THR C 78 -26.68 -70.73 -4.31
C THR C 78 -25.42 -70.85 -5.16
N SER C 79 -25.57 -70.66 -6.46
CA SER C 79 -24.46 -70.70 -7.39
C SER C 79 -23.89 -69.34 -7.71
N GLU C 80 -24.40 -68.27 -7.11
CA GLU C 80 -23.95 -66.92 -7.42
C GLU C 80 -23.67 -66.15 -6.15
N THR C 81 -22.53 -65.47 -6.09
CA THR C 81 -22.09 -64.75 -4.91
C THR C 81 -21.62 -63.35 -5.28
N LEU C 82 -21.55 -62.49 -4.27
CA LEU C 82 -21.04 -61.14 -4.43
C LEU C 82 -20.13 -60.82 -3.27
N THR C 83 -18.87 -60.47 -3.57
CA THR C 83 -17.94 -60.07 -2.53
C THR C 83 -17.91 -58.56 -2.44
N TYR C 84 -17.77 -58.05 -1.21
CA TYR C 84 -17.80 -56.62 -0.99
C TYR C 84 -16.52 -56.10 -0.37
N LYS C 85 -16.21 -56.49 0.85
CA LYS C 85 -15.05 -55.97 1.57
C LYS C 85 -14.00 -57.05 1.71
N ILE C 86 -12.75 -56.61 1.80
CA ILE C 86 -11.63 -57.52 1.98
C ILE C 86 -10.61 -56.87 2.91
N ALA C 87 -10.08 -57.65 3.84
CA ALA C 87 -9.11 -57.18 4.81
C ALA C 87 -7.89 -58.08 4.79
N ILE C 88 -6.72 -57.49 5.01
CA ILE C 88 -5.45 -58.18 4.81
C ILE C 88 -4.51 -57.81 5.94
N ASP C 89 -3.92 -58.83 6.59
CA ASP C 89 -2.93 -58.62 7.64
C ASP C 89 -1.80 -59.62 7.46
N TYR C 90 -0.57 -59.13 7.47
CA TYR C 90 0.57 -60.02 7.27
C TYR C 90 1.81 -59.48 7.95
N HIS C 91 2.78 -60.36 8.11
CA HIS C 91 4.09 -60.05 8.65
C HIS C 91 5.12 -60.56 7.66
N PHE C 92 5.85 -59.65 7.04
CA PHE C 92 6.87 -60.06 6.08
C PHE C 92 8.22 -60.09 6.78
N VAL C 93 9.04 -61.07 6.40
CA VAL C 93 10.38 -61.19 6.95
C VAL C 93 11.31 -61.73 5.89
N ALA C 94 12.52 -61.19 5.86
CA ALA C 94 13.48 -61.57 4.84
C ALA C 94 13.94 -63.01 5.03
N ASP C 95 14.48 -63.59 3.96
CA ASP C 95 14.95 -64.97 3.95
C ASP C 95 16.43 -65.02 4.27
N ALA C 96 16.84 -66.05 5.00
CA ALA C 96 18.23 -66.20 5.38
C ALA C 96 19.15 -66.22 4.16
N ALA C 97 18.65 -66.75 3.04
CA ALA C 97 19.45 -66.76 1.82
C ALA C 97 19.74 -65.34 1.35
N ALA C 98 18.72 -64.47 1.36
CA ALA C 98 18.92 -63.11 0.90
C ALA C 98 19.58 -62.24 1.96
N CYS C 99 19.59 -62.67 3.22
CA CYS C 99 20.26 -61.90 4.26
C CYS C 99 21.76 -61.87 4.07
N ARG C 100 22.33 -62.63 3.14
CA ARG C 100 23.77 -62.53 2.97
C ARG C 100 24.16 -61.21 2.32
N TYR C 101 23.52 -60.87 1.20
CA TYR C 101 23.80 -59.59 0.56
C TYR C 101 23.14 -58.46 1.33
N SER C 102 23.65 -57.25 1.12
CA SER C 102 23.03 -56.05 1.67
C SER C 102 22.57 -55.18 0.51
N ASN C 103 21.26 -55.10 0.30
CA ASN C 103 20.70 -54.21 -0.70
C ASN C 103 19.24 -53.96 -0.40
N THR C 104 18.71 -52.89 -0.96
CA THR C 104 17.32 -52.53 -0.78
C THR C 104 16.48 -53.14 -1.90
N GLY C 105 15.22 -52.73 -1.98
CA GLY C 105 14.34 -53.22 -3.02
C GLY C 105 12.94 -52.74 -2.79
N THR C 106 12.06 -53.06 -3.74
CA THR C 106 10.67 -52.67 -3.63
C THR C 106 9.77 -53.78 -4.17
N GLY C 107 8.75 -54.14 -3.40
CA GLY C 107 7.80 -55.16 -3.78
C GLY C 107 6.47 -54.55 -4.21
N VAL C 108 5.63 -55.41 -4.77
CA VAL C 108 4.32 -55.00 -5.25
C VAL C 108 3.32 -56.11 -4.93
N MET C 109 2.09 -55.73 -4.60
CA MET C 109 1.00 -56.69 -4.44
C MET C 109 -0.17 -56.24 -5.29
N TRP C 110 -0.45 -56.96 -6.37
CA TRP C 110 -1.63 -56.73 -7.18
C TRP C 110 -2.83 -57.47 -6.63
N LEU C 111 -4.01 -56.99 -6.99
CA LEU C 111 -5.25 -57.73 -6.76
C LEU C 111 -5.97 -57.77 -8.10
N VAL C 112 -6.07 -58.95 -8.70
CA VAL C 112 -6.41 -59.09 -10.12
C VAL C 112 -7.73 -59.82 -10.25
N TYR C 113 -8.54 -59.37 -11.22
CA TYR C 113 -9.88 -59.90 -11.45
C TYR C 113 -9.98 -60.49 -12.84
N ASP C 114 -10.17 -61.81 -12.90
CA ASP C 114 -10.26 -62.53 -14.17
C ASP C 114 -11.72 -62.68 -14.57
N THR C 115 -12.04 -62.27 -15.79
CA THR C 115 -13.40 -62.46 -16.30
C THR C 115 -13.62 -63.87 -16.81
N THR C 116 -12.66 -64.42 -17.55
CA THR C 116 -12.83 -65.71 -18.23
C THR C 116 -11.78 -66.68 -17.72
N PRO C 117 -12.07 -67.39 -16.64
CA PRO C 117 -11.11 -68.39 -16.13
C PRO C 117 -10.94 -69.55 -17.10
N GLY C 118 -9.91 -70.34 -16.85
CA GLY C 118 -9.66 -71.52 -17.65
C GLY C 118 -9.09 -72.60 -16.78
N GLY C 119 -8.97 -73.80 -17.37
CA GLY C 119 -8.54 -74.96 -16.59
C GLY C 119 -7.18 -74.75 -15.95
N GLN C 120 -6.21 -74.32 -16.75
CA GLN C 120 -4.85 -74.24 -16.23
C GLN C 120 -4.62 -72.96 -15.44
N ALA C 121 -4.12 -73.12 -14.23
CA ALA C 121 -3.93 -71.99 -13.33
C ALA C 121 -2.90 -71.04 -13.90
N PRO C 122 -3.19 -69.73 -13.94
CA PRO C 122 -2.25 -68.80 -14.59
C PRO C 122 -1.03 -68.54 -13.72
N THR C 123 0.05 -68.16 -14.38
CA THR C 123 1.29 -67.73 -13.75
C THR C 123 1.55 -66.27 -14.10
N PRO C 124 2.25 -65.53 -13.23
CA PRO C 124 2.49 -64.12 -13.54
C PRO C 124 3.09 -63.88 -14.91
N GLN C 125 3.90 -64.82 -15.39
CA GLN C 125 4.48 -64.68 -16.72
C GLN C 125 3.40 -64.52 -17.78
N THR C 126 2.25 -65.16 -17.58
CA THR C 126 1.18 -65.07 -18.56
C THR C 126 0.40 -63.78 -18.42
N ILE C 127 0.11 -63.37 -17.19
CA ILE C 127 -0.73 -62.18 -16.99
C ILE C 127 0.00 -60.94 -17.48
N PHE C 128 1.19 -60.70 -16.96
CA PHE C 128 2.03 -59.61 -17.42
C PHE C 128 3.03 -60.20 -18.40
N ALA C 129 3.21 -59.56 -19.54
CA ALA C 129 4.22 -60.00 -20.48
C ALA C 129 5.43 -59.10 -20.29
N TYR C 130 6.46 -59.61 -19.63
CA TYR C 130 7.62 -58.82 -19.29
C TYR C 130 8.85 -59.41 -19.95
N PRO C 131 9.54 -58.67 -20.80
CA PRO C 131 10.80 -59.17 -21.35
C PRO C 131 11.75 -59.55 -20.23
N ASP C 132 12.49 -60.64 -20.46
CA ASP C 132 13.21 -61.30 -19.38
C ASP C 132 14.23 -60.42 -18.70
N THR C 133 14.62 -59.30 -19.34
CA THR C 133 15.55 -58.38 -18.71
C THR C 133 14.92 -57.57 -17.60
N LEU C 134 13.59 -57.43 -17.60
CA LEU C 134 12.90 -56.70 -16.55
C LEU C 134 12.42 -57.59 -15.42
N LYS C 135 12.78 -58.87 -15.43
CA LYS C 135 12.35 -59.76 -14.35
C LYS C 135 12.70 -59.19 -12.98
N ALA C 136 13.82 -58.49 -12.88
CA ALA C 136 14.30 -58.07 -11.57
C ALA C 136 13.36 -57.08 -10.92
N TRP C 137 12.79 -56.16 -11.70
CA TRP C 137 12.06 -55.05 -11.09
C TRP C 137 10.58 -55.15 -11.40
N PRO C 138 9.75 -55.54 -10.44
CA PRO C 138 8.32 -55.70 -10.74
C PRO C 138 7.61 -54.39 -10.97
N ALA C 139 7.99 -53.33 -10.26
CA ALA C 139 7.18 -52.14 -10.22
C ALA C 139 6.97 -51.52 -11.60
N THR C 140 7.73 -51.95 -12.59
CA THR C 140 7.60 -51.40 -13.93
C THR C 140 6.68 -52.22 -14.82
N TRP C 141 6.12 -53.32 -14.32
CA TRP C 141 5.30 -54.17 -15.16
C TRP C 141 3.95 -53.51 -15.42
N LYS C 142 3.37 -53.82 -16.57
CA LYS C 142 2.02 -53.42 -16.89
C LYS C 142 1.28 -54.62 -17.45
N VAL C 143 -0.05 -54.57 -17.37
CA VAL C 143 -0.84 -55.69 -17.86
C VAL C 143 -0.64 -55.83 -19.35
N SER C 144 -0.49 -57.08 -19.80
CA SER C 144 -0.22 -57.33 -21.20
C SER C 144 -1.37 -56.84 -22.07
N ARG C 145 -1.04 -56.41 -23.29
CA ARG C 145 -2.01 -55.71 -24.10
C ARG C 145 -2.96 -56.66 -24.83
N GLU C 146 -2.46 -57.84 -25.23
CA GLU C 146 -3.31 -58.84 -25.88
C GLU C 146 -4.54 -59.12 -25.04
N LEU C 147 -4.34 -59.30 -23.74
CA LEU C 147 -5.36 -59.74 -22.80
C LEU C 147 -6.17 -58.60 -22.23
N CYS C 148 -6.01 -57.41 -22.79
CA CYS C 148 -6.48 -56.19 -22.13
C CYS C 148 -7.94 -56.26 -21.73
N HIS C 149 -8.73 -57.09 -22.40
CA HIS C 149 -10.14 -57.24 -22.06
C HIS C 149 -10.42 -58.45 -21.18
N ARG C 150 -9.39 -59.20 -20.79
CA ARG C 150 -9.59 -60.37 -19.94
C ARG C 150 -9.27 -60.06 -18.48
N PHE C 151 -8.01 -59.73 -18.19
CA PHE C 151 -7.58 -59.43 -16.83
C PHE C 151 -7.67 -57.93 -16.57
N VAL C 152 -8.01 -57.57 -15.34
CA VAL C 152 -8.06 -56.18 -14.94
C VAL C 152 -7.65 -56.10 -13.48
N VAL C 153 -6.90 -55.06 -13.15
CA VAL C 153 -6.33 -54.90 -11.81
C VAL C 153 -7.17 -53.88 -11.05
N LYS C 154 -7.82 -54.33 -9.98
CA LYS C 154 -8.68 -53.42 -9.24
C LYS C 154 -7.99 -52.74 -8.07
N ARG C 155 -6.80 -53.19 -7.68
CA ARG C 155 -6.03 -52.54 -6.63
C ARG C 155 -4.55 -52.83 -6.86
N ARG C 156 -3.71 -51.92 -6.36
CA ARG C 156 -2.27 -52.07 -6.45
C ARG C 156 -1.65 -51.41 -5.24
N TRP C 157 -0.62 -52.06 -4.67
CA TRP C 157 0.04 -51.48 -3.51
C TRP C 157 1.54 -51.67 -3.62
N LEU C 158 2.26 -50.92 -2.80
CA LEU C 158 3.70 -50.90 -2.82
C LEU C 158 4.25 -51.07 -1.41
N PHE C 159 5.42 -51.65 -1.30
CA PHE C 159 6.12 -51.71 -0.03
C PHE C 159 7.60 -51.91 -0.33
N ASN C 160 8.43 -51.63 0.66
CA ASN C 160 9.86 -51.73 0.46
C ASN C 160 10.54 -52.29 1.70
N MET C 161 11.59 -53.07 1.46
CA MET C 161 12.34 -53.73 2.51
C MET C 161 13.81 -53.51 2.27
N GLU C 162 14.61 -53.61 3.32
CA GLU C 162 16.05 -53.50 3.17
C GLU C 162 16.73 -54.38 4.19
N THR C 163 17.84 -54.98 3.79
CA THR C 163 18.59 -55.90 4.63
C THR C 163 20.03 -55.43 4.72
N ASP C 164 20.56 -55.35 5.92
CA ASP C 164 21.92 -54.89 6.15
C ASP C 164 22.95 -55.98 5.99
N GLY C 165 22.52 -57.19 5.64
CA GLY C 165 23.45 -58.29 5.52
C GLY C 165 23.74 -58.99 6.83
N ARG C 166 22.80 -58.93 7.77
CA ARG C 166 23.01 -59.55 9.07
C ARG C 166 21.72 -60.20 9.53
N ILE C 167 21.78 -61.48 9.89
CA ILE C 167 20.59 -62.14 10.43
C ILE C 167 20.35 -61.64 11.85
N GLY C 168 19.12 -61.84 12.32
CA GLY C 168 18.75 -61.35 13.62
C GLY C 168 19.02 -62.29 14.78
N SER C 169 19.62 -63.45 14.53
CA SER C 169 19.79 -64.47 15.56
C SER C 169 21.16 -64.43 16.23
N ASP C 170 22.04 -63.53 15.81
CA ASP C 170 23.42 -63.53 16.30
C ASP C 170 23.72 -62.28 17.11
N ILE C 171 24.69 -62.40 18.01
CA ILE C 171 24.98 -61.37 18.99
C ILE C 171 26.05 -60.43 18.45
N PRO C 172 25.88 -59.12 18.58
CA PRO C 172 26.92 -58.19 18.17
C PRO C 172 28.13 -58.29 19.07
N PRO C 173 29.31 -57.90 18.59
CA PRO C 173 30.47 -57.78 19.48
C PRO C 173 30.33 -56.58 20.40
N SER C 174 31.07 -56.62 21.50
CA SER C 174 31.00 -55.54 22.48
C SER C 174 31.53 -54.23 21.94
N ASN C 175 32.15 -54.23 20.76
CA ASN C 175 32.74 -53.00 20.26
C ASN C 175 31.71 -52.06 19.64
N ALA C 176 30.77 -52.59 18.86
CA ALA C 176 29.88 -51.74 18.08
C ALA C 176 28.45 -52.29 18.11
N SER C 177 27.52 -51.48 17.64
CA SER C 177 26.11 -51.85 17.56
C SER C 177 25.61 -51.61 16.14
N TRP C 178 24.31 -51.86 15.92
CA TRP C 178 23.72 -51.63 14.62
C TRP C 178 22.28 -51.13 14.78
N LYS C 179 21.87 -50.26 13.87
CA LYS C 179 20.46 -49.85 13.79
C LYS C 179 19.83 -50.60 12.64
N PRO C 180 18.99 -51.59 12.88
CA PRO C 180 18.41 -52.36 11.78
C PRO C 180 17.05 -51.86 11.36
N CYS C 181 16.99 -50.70 10.71
CA CYS C 181 15.70 -50.20 10.24
C CYS C 181 15.10 -51.15 9.22
N LYS C 182 13.83 -51.48 9.42
CA LYS C 182 13.02 -52.13 8.40
C LYS C 182 13.60 -53.47 7.98
N ARG C 183 14.05 -54.27 8.95
CA ARG C 183 14.42 -55.64 8.62
C ARG C 183 13.18 -56.48 8.36
N ASN C 184 12.06 -56.12 8.97
CA ASN C 184 10.79 -56.78 8.74
C ASN C 184 9.67 -55.77 8.98
N ILE C 185 8.57 -55.93 8.27
CA ILE C 185 7.54 -54.90 8.27
C ILE C 185 6.17 -55.53 8.52
N TYR C 186 5.23 -54.65 8.82
CA TYR C 186 3.83 -55.00 9.03
C TYR C 186 2.99 -54.34 7.95
N PHE C 187 2.11 -55.13 7.33
CA PHE C 187 1.43 -54.70 6.12
C PHE C 187 -0.06 -54.98 6.26
N HIS C 188 -0.89 -53.94 6.24
CA HIS C 188 -2.31 -54.15 6.40
C HIS C 188 -3.07 -53.16 5.54
N LYS C 189 -4.15 -53.62 4.93
CA LYS C 189 -5.00 -52.79 4.10
C LYS C 189 -6.43 -53.23 4.29
N PHE C 190 -7.36 -52.29 4.13
CA PHE C 190 -8.78 -52.58 4.23
C PHE C 190 -9.50 -51.79 3.16
N THR C 191 -10.22 -52.47 2.27
CA THR C 191 -10.83 -51.79 1.12
C THR C 191 -12.26 -52.28 0.93
N SER C 192 -13.21 -51.36 1.03
CA SER C 192 -14.61 -51.68 0.83
C SER C 192 -15.10 -51.41 -0.58
N GLY C 193 -14.31 -50.74 -1.41
CA GLY C 193 -14.85 -50.19 -2.64
C GLY C 193 -15.24 -51.25 -3.65
N LEU C 194 -14.43 -52.30 -3.76
CA LEU C 194 -14.56 -53.22 -4.87
C LEU C 194 -15.88 -53.96 -4.82
N GLY C 195 -16.25 -54.53 -5.96
CA GLY C 195 -17.33 -55.49 -6.01
C GLY C 195 -17.07 -56.47 -7.13
N VAL C 196 -17.59 -57.68 -6.96
CA VAL C 196 -17.26 -58.80 -7.84
C VAL C 196 -18.48 -59.69 -7.91
N ARG C 197 -18.72 -60.26 -9.08
CA ARG C 197 -19.87 -61.13 -9.30
C ARG C 197 -19.40 -62.43 -9.92
N THR C 198 -19.63 -63.54 -9.22
CA THR C 198 -19.14 -64.83 -9.65
C THR C 198 -20.31 -65.74 -9.96
N GLN C 199 -20.07 -66.73 -10.82
CA GLN C 199 -21.04 -67.77 -11.08
C GLN C 199 -20.34 -69.12 -11.06
N TRP C 200 -20.90 -70.05 -10.33
CA TRP C 200 -20.28 -71.33 -10.04
C TRP C 200 -20.94 -72.44 -10.85
N LYS C 201 -20.15 -73.44 -11.19
CA LYS C 201 -20.70 -74.59 -11.90
C LYS C 201 -21.48 -75.48 -10.94
N ASN C 202 -21.89 -76.63 -11.44
CA ASN C 202 -22.69 -77.55 -10.66
C ASN C 202 -21.91 -78.11 -9.47
N VAL C 203 -20.66 -78.50 -9.68
CA VAL C 203 -19.93 -79.30 -8.70
C VAL C 203 -19.90 -78.62 -7.33
N THR C 204 -20.03 -79.43 -6.29
CA THR C 204 -20.00 -78.92 -4.92
C THR C 204 -18.63 -78.43 -4.50
N ASP C 205 -17.59 -78.71 -5.27
CA ASP C 205 -16.24 -78.32 -4.89
C ASP C 205 -16.09 -76.81 -4.91
N GLY C 206 -15.10 -76.34 -4.15
CA GLY C 206 -14.74 -74.93 -4.14
C GLY C 206 -13.44 -74.61 -4.82
N GLY C 207 -12.87 -75.52 -5.61
CA GLY C 207 -11.59 -75.30 -6.22
C GLY C 207 -11.67 -74.32 -7.38
N VAL C 208 -10.56 -74.25 -8.11
CA VAL C 208 -10.46 -73.31 -9.23
C VAL C 208 -11.22 -73.82 -10.43
N GLY C 209 -11.30 -75.14 -10.60
CA GLY C 209 -11.97 -75.68 -11.75
C GLY C 209 -13.48 -75.49 -11.72
N ALA C 210 -14.02 -75.07 -10.59
CA ALA C 210 -15.46 -75.02 -10.45
C ALA C 210 -16.05 -73.65 -10.75
N ILE C 211 -15.22 -72.68 -11.08
CA ILE C 211 -15.73 -71.32 -11.26
C ILE C 211 -15.92 -71.04 -12.74
N GLN C 212 -17.13 -70.61 -13.11
CA GLN C 212 -17.41 -70.33 -14.50
C GLN C 212 -16.95 -68.93 -14.92
N ARG C 213 -17.18 -67.93 -14.07
CA ARG C 213 -16.76 -66.57 -14.39
C ARG C 213 -16.32 -65.86 -13.12
N GLY C 214 -15.57 -64.78 -13.31
CA GLY C 214 -15.23 -63.85 -12.25
C GLY C 214 -14.34 -64.39 -11.16
N ALA C 215 -13.17 -64.93 -11.52
CA ALA C 215 -12.23 -65.34 -10.51
C ALA C 215 -11.61 -64.11 -9.86
N LEU C 216 -10.76 -64.34 -8.87
CA LEU C 216 -10.05 -63.25 -8.21
C LEU C 216 -8.71 -63.77 -7.75
N TYR C 217 -7.66 -62.96 -7.90
CA TYR C 217 -6.32 -63.44 -7.63
C TYR C 217 -5.54 -62.46 -6.80
N MET C 218 -4.66 -62.99 -5.96
CA MET C 218 -3.71 -62.21 -5.18
C MET C 218 -2.32 -62.52 -5.67
N VAL C 219 -1.60 -61.50 -6.13
CA VAL C 219 -0.30 -61.68 -6.75
C VAL C 219 0.74 -60.94 -5.93
N ILE C 220 1.82 -61.63 -5.58
CA ILE C 220 2.94 -61.05 -4.85
C ILE C 220 4.17 -61.13 -5.72
N ALA C 221 4.96 -60.07 -5.75
CA ALA C 221 6.21 -60.10 -6.44
C ALA C 221 7.26 -59.44 -5.58
N PRO C 222 8.46 -59.97 -5.54
CA PRO C 222 9.49 -59.45 -4.64
C PRO C 222 10.24 -58.31 -5.31
N GLY C 223 11.17 -57.73 -4.56
CA GLY C 223 12.08 -56.73 -5.07
C GLY C 223 13.15 -57.39 -5.92
N ASN C 224 14.25 -56.68 -6.08
CA ASN C 224 15.33 -57.21 -6.89
C ASN C 224 16.13 -58.22 -6.07
N GLY C 225 16.11 -59.48 -6.51
CA GLY C 225 16.88 -60.52 -5.87
C GLY C 225 16.58 -60.74 -4.40
N LEU C 226 15.49 -60.20 -3.88
CA LEU C 226 15.20 -60.29 -2.46
C LEU C 226 13.96 -61.16 -2.25
N THR C 227 14.17 -62.40 -1.81
CA THR C 227 13.08 -63.29 -1.43
C THR C 227 12.66 -63.04 0.01
N PHE C 228 11.43 -63.42 0.33
CA PHE C 228 10.97 -63.35 1.71
C PHE C 228 9.85 -64.37 1.91
N THR C 229 9.27 -64.36 3.12
CA THR C 229 8.14 -65.21 3.47
C THR C 229 7.07 -64.34 4.12
N ALA C 230 5.97 -64.97 4.50
CA ALA C 230 4.84 -64.23 5.05
C ALA C 230 4.16 -65.03 6.13
N HIS C 231 3.43 -64.32 6.98
CA HIS C 231 2.59 -64.92 7.99
C HIS C 231 1.42 -64.00 8.21
N GLY C 232 0.24 -64.56 8.40
CA GLY C 232 -0.92 -63.74 8.68
C GLY C 232 -2.19 -64.42 8.22
N GLN C 233 -3.23 -63.61 8.07
CA GLN C 233 -4.53 -64.14 7.70
C GLN C 233 -5.35 -63.04 7.04
N THR C 234 -6.36 -63.44 6.28
CA THR C 234 -7.22 -62.51 5.57
C THR C 234 -8.67 -62.85 5.84
N ARG C 235 -9.56 -61.94 5.46
CA ARG C 235 -10.99 -62.16 5.57
C ARG C 235 -11.70 -61.59 4.37
N LEU C 236 -12.83 -62.21 4.03
CA LEU C 236 -13.68 -61.75 2.95
C LEU C 236 -15.10 -61.59 3.48
N TYR C 237 -15.89 -60.79 2.77
CA TYR C 237 -17.26 -60.53 3.17
C TYR C 237 -18.13 -60.67 1.93
N PHE C 238 -19.06 -61.62 1.95
CA PHE C 238 -19.89 -61.87 0.77
C PHE C 238 -21.28 -62.27 1.22
N LYS C 239 -22.16 -62.46 0.24
CA LYS C 239 -23.53 -62.84 0.52
C LYS C 239 -24.07 -63.67 -0.62
N SER C 240 -24.54 -64.88 -0.32
CA SER C 240 -25.06 -65.74 -1.36
C SER C 240 -26.29 -65.12 -1.98
N VAL C 241 -26.53 -65.39 -3.25
CA VAL C 241 -27.69 -64.83 -3.93
C VAL C 241 -28.04 -65.63 -5.17
N GLY C 242 -29.33 -65.75 -5.47
CA GLY C 242 -29.74 -66.44 -6.68
C GLY C 242 -30.78 -67.52 -6.54
N ASN C 243 -31.02 -68.28 -7.61
CA ASN C 243 -32.00 -69.36 -7.58
C ASN C 243 -33.23 -68.96 -6.79
N ALA E 31 -18.55 -30.57 23.93
CA ALA E 31 -19.28 -31.75 23.52
C ALA E 31 -18.83 -32.97 24.31
N GLY E 32 -17.64 -33.47 23.99
CA GLY E 32 -17.13 -34.64 24.68
C GLY E 32 -18.12 -35.78 24.62
N SER E 33 -18.43 -36.36 25.76
CA SER E 33 -19.40 -37.44 25.81
C SER E 33 -20.42 -37.23 26.91
N LYS E 34 -21.47 -36.47 26.63
CA LYS E 34 -22.51 -36.25 27.61
C LYS E 34 -21.92 -35.86 28.95
N ALA E 35 -21.00 -34.91 28.93
CA ALA E 35 -20.41 -34.44 30.18
C ALA E 35 -21.49 -33.69 30.94
N ASP E 36 -21.14 -33.14 32.10
CA ASP E 36 -22.16 -32.49 32.91
C ASP E 36 -21.80 -31.09 33.36
N ARG E 37 -22.80 -30.25 33.66
CA ARG E 37 -22.53 -28.92 34.22
C ARG E 37 -21.51 -29.07 35.33
N PRO E 38 -21.83 -29.87 36.36
CA PRO E 38 -20.79 -30.12 37.36
C PRO E 38 -19.62 -30.93 36.80
N SER E 39 -18.53 -31.00 37.54
CA SER E 39 -17.37 -31.77 37.09
C SER E 39 -17.57 -33.25 37.30
N LEU E 40 -16.99 -34.07 36.44
CA LEU E 40 -17.08 -35.52 36.61
C LEU E 40 -16.13 -35.97 37.67
N GLN E 41 -16.42 -37.09 38.31
CA GLN E 41 -15.51 -37.63 39.30
C GLN E 41 -14.28 -38.19 38.60
N ILE E 42 -13.12 -38.08 39.23
CA ILE E 42 -11.90 -38.54 38.60
C ILE E 42 -11.17 -39.59 39.44
N GLN E 43 -10.99 -40.78 38.89
CA GLN E 43 -10.29 -41.83 39.60
C GLN E 43 -8.95 -42.05 38.93
N THR E 44 -7.89 -42.18 39.72
CA THR E 44 -6.57 -42.30 39.12
C THR E 44 -5.85 -43.59 39.46
N LEU E 45 -5.02 -44.08 38.55
CA LEU E 45 -4.24 -45.28 38.81
C LEU E 45 -2.77 -44.93 38.65
N GLN E 46 -1.96 -45.31 39.62
CA GLN E 46 -0.54 -45.03 39.56
C GLN E 46 0.25 -46.31 39.42
N HIS E 47 0.95 -46.47 38.31
CA HIS E 47 1.79 -47.64 38.14
C HIS E 47 3.22 -47.17 38.16
N ALA E 48 3.88 -47.30 39.30
CA ALA E 48 5.25 -46.82 39.41
C ALA E 48 6.01 -47.59 40.46
N GLY E 49 7.32 -47.38 40.48
CA GLY E 49 8.15 -48.02 41.49
C GLY E 49 7.89 -49.51 41.57
N THR E 50 7.71 -50.00 42.78
CA THR E 50 7.50 -51.43 42.97
C THR E 50 6.38 -51.92 42.08
N THR E 51 5.36 -51.09 41.91
CA THR E 51 4.23 -51.46 41.08
C THR E 51 4.42 -51.00 39.65
N MET E 52 5.12 -51.78 38.85
CA MET E 52 5.33 -51.43 37.46
C MET E 52 4.81 -52.52 36.55
N ILE E 53 4.07 -52.15 35.52
CA ILE E 53 3.57 -53.13 34.59
C ILE E 53 4.73 -53.75 33.85
N THR E 54 4.85 -55.07 33.92
CA THR E 54 5.90 -55.77 33.18
C THR E 54 5.24 -56.70 32.19
N VAL E 55 5.49 -56.50 30.91
CA VAL E 55 4.83 -57.31 29.90
C VAL E 55 5.69 -58.48 29.44
N PRO E 56 5.29 -59.69 29.83
CA PRO E 56 6.03 -60.85 29.34
C PRO E 56 5.52 -61.23 27.97
N SER E 57 6.28 -62.01 27.21
CA SER E 57 5.78 -62.46 25.93
C SER E 57 4.46 -63.18 26.15
N GLY E 58 3.50 -62.96 25.27
CA GLY E 58 2.21 -63.57 25.43
C GLY E 58 1.17 -62.56 25.84
N GLY E 59 1.60 -61.48 26.48
CA GLY E 59 0.68 -60.42 26.83
C GLY E 59 0.24 -60.37 28.28
N VAL E 60 -0.32 -59.23 28.70
CA VAL E 60 -0.78 -59.09 30.06
C VAL E 60 -2.15 -58.46 30.04
N CYS E 61 -3.01 -58.85 30.98
CA CYS E 61 -4.37 -58.33 31.04
C CYS E 61 -4.61 -57.64 32.37
N ASP E 62 -5.48 -56.65 32.37
CA ASP E 62 -5.76 -55.92 33.60
C ASP E 62 -7.09 -55.19 33.52
N LEU E 63 -7.69 -54.90 34.67
CA LEU E 63 -8.98 -54.20 34.69
C LEU E 63 -8.75 -52.79 35.13
N ILE E 64 -9.37 -51.85 34.43
CA ILE E 64 -9.14 -50.44 34.73
C ILE E 64 -10.40 -49.67 35.12
N ASN E 65 -11.43 -50.37 35.54
CA ASN E 65 -12.68 -49.71 35.88
C ASN E 65 -12.95 -49.82 37.36
N THR E 66 -11.94 -50.24 38.13
CA THR E 66 -12.15 -50.45 39.55
C THR E 66 -12.59 -49.21 40.29
N TYR E 67 -13.75 -49.28 40.93
CA TYR E 67 -14.21 -48.16 41.76
C TYR E 67 -14.79 -48.75 43.01
N ALA E 68 -14.18 -48.47 44.15
CA ALA E 68 -14.75 -48.93 45.41
C ALA E 68 -15.97 -48.10 45.73
N ARG E 69 -16.76 -48.55 46.70
CA ARG E 69 -17.95 -47.82 47.08
C ARG E 69 -17.73 -47.18 48.43
N GLY E 70 -17.92 -45.88 48.52
CA GLY E 70 -17.67 -45.18 49.77
C GLY E 70 -18.01 -43.71 49.71
N SER E 71 -17.51 -42.94 50.66
CA SER E 71 -17.80 -41.52 50.71
C SER E 71 -16.75 -40.74 49.95
N ASP E 72 -15.58 -41.34 49.78
CA ASP E 72 -14.50 -40.64 49.08
C ASP E 72 -14.92 -40.29 47.67
N GLU E 73 -14.48 -39.13 47.19
CA GLU E 73 -14.90 -38.68 45.87
C GLU E 73 -14.53 -39.70 44.81
N GLY E 74 -13.38 -40.35 44.98
CA GLY E 74 -12.97 -41.36 44.04
C GLY E 74 -13.93 -42.54 44.02
N ASN E 75 -14.48 -42.89 45.18
CA ASN E 75 -15.36 -44.05 45.26
C ASN E 75 -16.71 -43.79 44.63
N ARG E 76 -17.35 -44.86 44.16
CA ARG E 76 -18.63 -44.71 43.50
C ARG E 76 -19.81 -44.87 44.42
N HIS E 77 -20.83 -44.04 44.24
CA HIS E 77 -22.02 -44.20 45.01
C HIS E 77 -22.93 -45.10 44.21
N THR E 78 -24.17 -45.27 44.65
CA THR E 78 -25.12 -46.07 43.88
C THR E 78 -24.54 -47.43 43.50
N SER E 79 -24.91 -47.92 42.33
CA SER E 79 -24.39 -49.21 41.87
C SER E 79 -24.27 -49.23 40.36
N GLU E 80 -24.60 -48.12 39.71
CA GLU E 80 -24.45 -48.04 38.27
C GLU E 80 -23.58 -46.84 37.90
N THR E 81 -22.58 -47.06 37.06
CA THR E 81 -21.67 -45.99 36.70
C THR E 81 -21.49 -45.87 35.21
N LEU E 82 -21.25 -44.66 34.71
CA LEU E 82 -21.02 -44.46 33.30
C LEU E 82 -19.68 -43.78 33.05
N THR E 83 -18.80 -44.43 32.30
CA THR E 83 -17.50 -43.86 32.00
C THR E 83 -17.52 -43.19 30.65
N TYR E 84 -16.93 -42.00 30.54
CA TYR E 84 -16.96 -41.27 29.29
C TYR E 84 -15.59 -41.10 28.66
N LYS E 85 -14.67 -40.48 29.39
CA LYS E 85 -13.35 -40.22 28.83
C LYS E 85 -12.26 -40.99 29.54
N ILE E 86 -11.16 -41.26 28.84
CA ILE E 86 -10.03 -41.93 29.47
C ILE E 86 -8.73 -41.32 28.96
N ALA E 87 -7.73 -41.25 29.81
CA ALA E 87 -6.44 -40.67 29.42
C ALA E 87 -5.30 -41.60 29.79
N ILE E 88 -4.26 -41.64 28.97
CA ILE E 88 -3.16 -42.56 29.23
C ILE E 88 -1.79 -41.97 29.00
N ASP E 89 -0.89 -42.06 29.98
CA ASP E 89 0.47 -41.55 29.84
C ASP E 89 1.47 -42.55 30.39
N TYR E 90 2.49 -42.89 29.63
CA TYR E 90 3.46 -43.87 30.08
C TYR E 90 4.80 -43.72 29.37
N HIS E 91 5.84 -44.32 29.94
CA HIS E 91 7.16 -44.29 29.30
C HIS E 91 7.70 -45.70 29.23
N PHE E 92 7.61 -46.32 28.06
CA PHE E 92 8.06 -47.70 27.93
C PHE E 92 9.57 -47.75 27.78
N VAL E 93 10.21 -48.74 28.39
CA VAL E 93 11.65 -48.89 28.25
C VAL E 93 11.95 -50.35 28.09
N ALA E 94 12.87 -50.68 27.19
CA ALA E 94 13.17 -52.08 26.91
C ALA E 94 13.77 -52.76 28.13
N ASP E 95 13.76 -54.09 28.12
CA ASP E 95 14.30 -54.84 29.25
C ASP E 95 15.73 -55.27 28.97
N ALA E 96 16.55 -55.30 30.01
CA ALA E 96 17.95 -55.63 29.83
C ALA E 96 18.12 -56.93 29.07
N ALA E 97 17.34 -57.93 29.44
CA ALA E 97 17.48 -59.23 28.80
C ALA E 97 17.39 -59.09 27.29
N ALA E 98 16.45 -58.29 26.81
CA ALA E 98 16.25 -58.17 25.38
C ALA E 98 17.27 -57.26 24.70
N CYS E 99 17.92 -56.40 25.48
CA CYS E 99 18.89 -55.49 24.90
C CYS E 99 20.00 -56.27 24.22
N ARG E 100 20.33 -57.44 24.74
CA ARG E 100 21.44 -58.21 24.19
C ARG E 100 21.29 -58.40 22.69
N TYR E 101 20.14 -58.89 22.27
CA TYR E 101 19.91 -59.07 20.85
C TYR E 101 19.60 -57.72 20.23
N SER E 102 19.65 -57.65 18.91
CA SER E 102 19.37 -56.40 18.22
C SER E 102 18.32 -56.60 17.16
N ASN E 103 17.07 -56.28 17.49
CA ASN E 103 15.98 -56.42 16.52
C ASN E 103 14.86 -55.45 16.78
N THR E 104 14.01 -55.24 15.78
CA THR E 104 12.90 -54.32 15.92
C THR E 104 11.61 -55.08 16.10
N GLY E 105 10.51 -54.38 16.29
CA GLY E 105 9.22 -55.02 16.45
C GLY E 105 8.06 -54.06 16.60
N THR E 106 6.84 -54.58 16.49
CA THR E 106 5.66 -53.74 16.65
C THR E 106 4.82 -54.25 17.80
N GLY E 107 4.12 -53.35 18.49
CA GLY E 107 3.32 -53.75 19.63
C GLY E 107 1.93 -53.16 19.58
N VAL E 108 0.97 -53.82 20.21
CA VAL E 108 -0.41 -53.35 20.14
C VAL E 108 -1.03 -53.21 21.51
N MET E 109 -1.87 -52.20 21.68
CA MET E 109 -2.57 -52.03 22.94
C MET E 109 -4.05 -51.91 22.67
N TRP E 110 -4.82 -52.92 23.09
CA TRP E 110 -6.25 -52.90 22.84
C TRP E 110 -7.01 -52.40 24.06
N LEU E 111 -8.31 -52.16 23.89
CA LEU E 111 -9.14 -51.73 25.00
C LEU E 111 -10.45 -52.48 24.95
N VAL E 112 -10.43 -53.76 25.27
CA VAL E 112 -11.64 -54.58 25.15
C VAL E 112 -12.73 -54.28 26.17
N TYR E 113 -13.99 -54.48 25.79
CA TYR E 113 -15.11 -54.29 26.70
C TYR E 113 -15.88 -55.58 26.84
N ASP E 114 -16.00 -56.10 28.05
CA ASP E 114 -16.66 -57.39 28.26
C ASP E 114 -18.10 -57.24 28.72
N THR E 115 -19.03 -57.78 27.96
CA THR E 115 -20.43 -57.72 28.34
C THR E 115 -20.72 -58.62 29.53
N THR E 116 -20.29 -59.87 29.45
CA THR E 116 -20.56 -60.82 30.52
C THR E 116 -19.27 -61.20 31.25
N PRO E 117 -19.03 -60.59 32.41
CA PRO E 117 -17.84 -60.92 33.18
C PRO E 117 -17.96 -62.26 33.86
N GLY E 118 -16.82 -62.90 34.15
CA GLY E 118 -16.83 -64.19 34.80
C GLY E 118 -15.93 -64.18 36.02
N GLY E 119 -16.04 -65.21 36.86
CA GLY E 119 -15.23 -65.27 38.06
C GLY E 119 -13.74 -65.32 37.78
N GLN E 120 -13.34 -66.12 36.81
CA GLN E 120 -11.92 -66.26 36.49
C GLN E 120 -11.46 -65.14 35.57
N ALA E 121 -10.32 -64.56 35.88
CA ALA E 121 -9.78 -63.48 35.06
C ALA E 121 -9.47 -63.99 33.66
N PRO E 122 -9.84 -63.21 32.64
CA PRO E 122 -9.54 -63.59 31.27
C PRO E 122 -8.05 -63.45 30.99
N THR E 123 -7.51 -64.29 30.11
CA THR E 123 -6.11 -64.17 29.74
C THR E 123 -6.07 -63.95 28.24
N PRO E 124 -5.09 -63.18 27.77
CA PRO E 124 -5.08 -62.87 26.33
C PRO E 124 -5.38 -64.10 25.49
N GLN E 125 -4.82 -65.25 25.85
CA GLN E 125 -5.03 -66.45 25.06
C GLN E 125 -6.49 -66.71 24.83
N THR E 126 -7.30 -66.50 25.86
CA THR E 126 -8.72 -66.76 25.75
C THR E 126 -9.41 -65.78 24.83
N ILE E 127 -9.19 -64.49 25.04
CA ILE E 127 -9.85 -63.48 24.23
C ILE E 127 -9.49 -63.64 22.77
N PHE E 128 -8.21 -63.86 22.49
CA PHE E 128 -7.77 -64.05 21.12
C PHE E 128 -7.31 -65.47 20.90
N ALA E 129 -8.03 -66.23 20.09
CA ALA E 129 -7.65 -67.60 19.84
C ALA E 129 -6.53 -67.61 18.82
N TYR E 130 -5.29 -67.56 19.29
CA TYR E 130 -4.18 -67.49 18.34
C TYR E 130 -3.37 -68.76 18.30
N PRO E 131 -3.14 -69.27 17.09
CA PRO E 131 -2.29 -70.45 16.99
C PRO E 131 -0.93 -70.13 17.56
N ASP E 132 -0.28 -71.11 18.18
CA ASP E 132 1.02 -70.87 18.81
C ASP E 132 2.02 -70.29 17.83
N THR E 133 1.86 -70.60 16.56
CA THR E 133 2.80 -70.11 15.56
C THR E 133 2.77 -68.60 15.48
N LEU E 134 1.61 -67.99 15.75
CA LEU E 134 1.51 -66.55 15.60
C LEU E 134 1.59 -65.84 16.94
N LYS E 135 2.13 -66.49 17.95
CA LYS E 135 2.28 -65.86 19.24
C LYS E 135 3.18 -64.65 19.15
N ALA E 136 4.26 -64.78 18.40
CA ALA E 136 5.23 -63.69 18.33
C ALA E 136 4.65 -62.40 17.79
N TRP E 137 3.95 -62.47 16.67
CA TRP E 137 3.46 -61.25 16.04
C TRP E 137 2.06 -60.87 16.52
N PRO E 138 1.99 -59.91 17.43
CA PRO E 138 0.69 -59.55 18.02
C PRO E 138 -0.26 -58.90 17.04
N ALA E 139 0.21 -58.03 16.17
CA ALA E 139 -0.69 -57.29 15.28
C ALA E 139 -1.54 -58.20 14.41
N THR E 140 -1.09 -59.43 14.19
CA THR E 140 -1.82 -60.32 13.31
C THR E 140 -2.99 -61.01 14.01
N TRP E 141 -3.20 -60.69 15.28
CA TRP E 141 -4.27 -61.32 16.03
C TRP E 141 -5.62 -60.67 15.78
N LYS E 142 -6.69 -61.42 15.98
CA LYS E 142 -8.03 -60.87 15.81
C LYS E 142 -8.97 -61.52 16.81
N VAL E 143 -10.07 -60.86 17.14
CA VAL E 143 -10.99 -61.40 18.15
C VAL E 143 -11.54 -62.76 17.74
N SER E 144 -11.64 -63.67 18.70
CA SER E 144 -12.10 -65.01 18.38
C SER E 144 -13.54 -65.03 17.92
N ARG E 145 -13.86 -65.92 16.99
CA ARG E 145 -15.22 -65.96 16.47
C ARG E 145 -16.24 -66.43 17.49
N GLU E 146 -15.89 -67.44 18.28
CA GLU E 146 -16.84 -67.99 19.24
C GLU E 146 -17.35 -66.89 20.16
N LEU E 147 -16.45 -66.10 20.71
CA LEU E 147 -16.84 -65.05 21.64
C LEU E 147 -17.17 -63.77 20.91
N CYS E 148 -17.67 -63.88 19.70
CA CYS E 148 -17.98 -62.70 18.89
C CYS E 148 -18.98 -61.79 19.56
N HIS E 149 -19.88 -62.36 20.34
CA HIS E 149 -20.91 -61.55 20.97
C HIS E 149 -20.65 -61.30 22.45
N ARG E 150 -19.47 -61.70 22.94
CA ARG E 150 -19.13 -61.44 24.34
C ARG E 150 -18.16 -60.29 24.48
N PHE E 151 -16.96 -60.43 23.91
CA PHE E 151 -15.96 -59.38 23.99
C PHE E 151 -16.02 -58.48 22.78
N VAL E 152 -15.63 -57.22 22.93
CA VAL E 152 -15.61 -56.30 21.81
C VAL E 152 -14.51 -55.26 21.96
N VAL E 153 -13.79 -55.01 20.88
CA VAL E 153 -12.69 -54.05 20.94
C VAL E 153 -13.18 -52.67 20.57
N LYS E 154 -12.98 -51.70 21.46
CA LYS E 154 -13.45 -50.35 21.20
C LYS E 154 -12.33 -49.45 20.72
N ARG E 155 -11.08 -49.80 21.00
CA ARG E 155 -9.95 -49.02 20.54
C ARG E 155 -8.74 -49.91 20.30
N ARG E 156 -7.94 -49.58 19.30
CA ARG E 156 -6.73 -50.34 19.03
C ARG E 156 -5.59 -49.39 18.69
N TRP E 157 -4.45 -49.55 19.33
CA TRP E 157 -3.32 -48.66 19.09
C TRP E 157 -2.06 -49.44 18.83
N LEU E 158 -1.15 -48.87 18.04
CA LEU E 158 0.07 -49.57 17.71
C LEU E 158 1.30 -48.73 18.03
N PHE E 159 2.39 -49.38 18.43
CA PHE E 159 3.61 -48.67 18.76
C PHE E 159 4.83 -49.52 18.46
N ASN E 160 5.96 -48.89 18.15
CA ASN E 160 7.17 -49.65 17.78
C ASN E 160 8.42 -49.25 18.56
N MET E 161 9.31 -50.23 18.77
CA MET E 161 10.55 -49.96 19.50
C MET E 161 11.70 -50.77 18.92
N GLU E 162 12.93 -50.29 19.09
CA GLU E 162 14.08 -51.00 18.54
C GLU E 162 15.30 -50.92 19.43
N THR E 163 16.03 -52.02 19.54
CA THR E 163 17.23 -52.06 20.37
C THR E 163 18.47 -52.30 19.53
N ASP E 164 19.52 -51.51 19.76
CA ASP E 164 20.72 -51.64 18.95
C ASP E 164 21.67 -52.71 19.47
N GLY E 165 21.33 -53.30 20.61
CA GLY E 165 22.19 -54.30 21.19
C GLY E 165 23.08 -53.74 22.27
N ARG E 166 22.89 -52.48 22.60
CA ARG E 166 23.71 -51.85 23.62
C ARG E 166 22.87 -51.18 24.70
N ILE E 167 23.15 -51.48 25.96
CA ILE E 167 22.44 -50.82 27.04
C ILE E 167 22.86 -49.37 27.10
N GLY E 168 22.14 -48.55 27.84
CA GLY E 168 22.44 -47.13 27.88
C GLY E 168 23.27 -46.69 29.07
N SER E 169 23.77 -47.65 29.84
CA SER E 169 24.51 -47.28 31.05
C SER E 169 26.02 -47.35 30.84
N ASP E 170 26.45 -47.84 29.69
CA ASP E 170 27.89 -47.97 29.44
C ASP E 170 28.43 -46.80 28.62
N ILE E 171 29.74 -46.58 28.70
CA ILE E 171 30.33 -45.45 28.00
C ILE E 171 31.00 -45.90 26.71
N PRO E 172 30.67 -45.25 25.59
CA PRO E 172 31.22 -45.65 24.29
C PRO E 172 32.72 -45.45 24.21
N PRO E 173 33.39 -46.25 23.37
CA PRO E 173 34.83 -46.07 23.17
C PRO E 173 35.11 -44.72 22.52
N SER E 174 36.27 -44.15 22.80
CA SER E 174 36.63 -42.86 22.23
C SER E 174 36.64 -42.92 20.72
N ASN E 175 36.95 -44.09 20.17
CA ASN E 175 37.06 -44.24 18.72
C ASN E 175 35.80 -43.84 17.95
N ALA E 176 34.62 -44.19 18.46
CA ALA E 176 33.40 -43.94 17.69
C ALA E 176 32.18 -43.59 18.54
N SER E 177 31.02 -43.49 17.88
CA SER E 177 29.80 -43.14 18.59
C SER E 177 28.58 -43.90 18.09
N TRP E 178 27.50 -43.88 18.87
CA TRP E 178 26.29 -44.58 18.47
C TRP E 178 25.07 -43.67 18.53
N LYS E 179 24.17 -43.81 17.56
CA LYS E 179 22.96 -43.01 17.57
C LYS E 179 21.82 -43.87 18.06
N PRO E 180 21.46 -43.73 19.33
CA PRO E 180 20.41 -44.59 19.86
C PRO E 180 19.06 -44.02 19.54
N CYS E 181 18.44 -44.50 18.47
CA CYS E 181 17.14 -43.98 18.07
C CYS E 181 16.00 -44.87 18.58
N LYS E 182 15.01 -44.27 19.21
CA LYS E 182 13.85 -45.01 19.69
C LYS E 182 14.20 -46.13 20.66
N ARG E 183 15.14 -45.90 21.56
CA ARG E 183 15.44 -46.88 22.59
C ARG E 183 14.31 -46.86 23.58
N ASN E 184 13.77 -45.67 23.86
CA ASN E 184 12.62 -45.56 24.76
C ASN E 184 11.60 -44.60 24.16
N ILE E 185 10.31 -44.89 24.34
CA ILE E 185 9.29 -44.07 23.72
C ILE E 185 8.22 -43.58 24.68
N TYR E 186 7.55 -42.49 24.34
CA TYR E 186 6.49 -41.95 25.18
C TYR E 186 5.15 -42.15 24.52
N PHE E 187 4.21 -42.78 25.22
CA PHE E 187 2.92 -43.09 24.61
C PHE E 187 1.79 -42.36 25.32
N HIS E 188 1.10 -41.48 24.61
CA HIS E 188 0.01 -40.74 25.20
C HIS E 188 -1.18 -40.65 24.28
N LYS E 189 -2.38 -40.86 24.82
CA LYS E 189 -3.59 -40.79 24.02
C LYS E 189 -4.70 -40.25 24.88
N PHE E 190 -5.80 -39.80 24.26
CA PHE E 190 -6.91 -39.25 25.01
C PHE E 190 -8.19 -39.43 24.23
N THR E 191 -8.98 -40.43 24.60
CA THR E 191 -10.23 -40.70 23.90
C THR E 191 -11.42 -40.33 24.76
N SER E 192 -12.51 -39.91 24.13
CA SER E 192 -13.67 -39.44 24.90
C SER E 192 -14.99 -40.05 24.48
N GLY E 193 -15.07 -40.52 23.24
CA GLY E 193 -16.31 -41.08 22.75
C GLY E 193 -16.77 -42.30 23.49
N LEU E 194 -15.82 -43.10 23.96
CA LEU E 194 -16.20 -44.36 24.61
C LEU E 194 -17.29 -44.14 25.63
N GLY E 195 -18.33 -44.97 25.57
CA GLY E 195 -19.41 -44.88 26.52
C GLY E 195 -19.64 -46.25 27.11
N VAL E 196 -19.42 -46.40 28.41
CA VAL E 196 -19.55 -47.69 29.04
C VAL E 196 -20.55 -47.63 30.19
N ARG E 197 -21.39 -48.65 30.31
CA ARG E 197 -22.35 -48.69 31.39
C ARG E 197 -22.08 -49.91 32.25
N THR E 198 -21.92 -49.72 33.55
CA THR E 198 -21.56 -50.84 34.40
C THR E 198 -22.49 -51.02 35.60
N GLN E 199 -22.93 -52.24 35.85
CA GLN E 199 -23.77 -52.51 37.01
C GLN E 199 -23.04 -53.37 38.01
N TRP E 200 -22.88 -52.86 39.23
CA TRP E 200 -22.15 -53.59 40.24
C TRP E 200 -23.07 -54.41 41.11
N LYS E 201 -22.51 -55.31 41.91
CA LYS E 201 -23.30 -56.11 42.82
C LYS E 201 -23.42 -55.43 44.17
N ASN E 202 -23.91 -56.14 45.16
CA ASN E 202 -24.09 -55.57 46.48
C ASN E 202 -22.78 -55.31 47.19
N VAL E 203 -21.81 -56.20 47.02
CA VAL E 203 -20.54 -56.04 47.73
C VAL E 203 -19.97 -54.66 47.54
N THR E 204 -19.49 -54.05 48.63
CA THR E 204 -18.89 -52.73 48.53
C THR E 204 -17.55 -52.79 47.84
N ASP E 205 -16.97 -53.97 47.77
CA ASP E 205 -15.66 -54.13 47.13
C ASP E 205 -15.71 -53.69 45.68
N GLY E 206 -14.60 -53.15 45.19
CA GLY E 206 -14.55 -52.71 43.80
C GLY E 206 -13.73 -53.66 42.96
N GLY E 207 -13.65 -54.91 43.37
CA GLY E 207 -12.86 -55.90 42.64
C GLY E 207 -13.56 -56.50 41.43
N VAL E 208 -12.82 -57.28 40.64
CA VAL E 208 -13.38 -57.85 39.43
C VAL E 208 -14.65 -58.63 39.72
N GLY E 209 -14.65 -59.41 40.79
CA GLY E 209 -15.79 -60.23 41.11
C GLY E 209 -17.05 -59.44 41.41
N ALA E 210 -16.89 -58.15 41.70
CA ALA E 210 -18.04 -57.35 42.10
C ALA E 210 -18.80 -56.75 40.92
N ILE E 211 -18.31 -56.99 39.71
CA ILE E 211 -18.98 -56.43 38.54
C ILE E 211 -19.89 -57.48 37.91
N GLN E 212 -21.12 -57.09 37.63
CA GLN E 212 -22.08 -58.02 37.04
C GLN E 212 -22.10 -57.86 35.55
N ARG E 213 -21.90 -56.64 35.07
CA ARG E 213 -21.88 -56.39 33.64
C ARG E 213 -21.02 -55.19 33.29
N GLY E 214 -20.57 -55.10 32.06
CA GLY E 214 -19.79 -53.95 31.62
C GLY E 214 -18.39 -53.81 32.17
N ALA E 215 -17.55 -54.82 31.96
CA ALA E 215 -16.16 -54.73 32.40
C ALA E 215 -15.28 -54.15 31.32
N LEU E 216 -14.20 -53.50 31.70
CA LEU E 216 -13.29 -52.92 30.72
C LEU E 216 -11.89 -53.47 30.94
N TYR E 217 -11.16 -53.73 29.87
CA TYR E 217 -9.85 -54.34 30.01
C TYR E 217 -8.80 -53.66 29.15
N MET E 218 -7.56 -53.61 29.63
CA MET E 218 -6.48 -53.02 28.87
C MET E 218 -5.46 -54.09 28.58
N VAL E 219 -5.24 -54.40 27.31
CA VAL E 219 -4.32 -55.48 26.96
C VAL E 219 -3.06 -54.96 26.29
N ILE E 220 -1.91 -55.33 26.82
CA ILE E 220 -0.65 -54.93 26.21
C ILE E 220 0.11 -56.18 25.79
N ALA E 221 0.62 -56.18 24.56
CA ALA E 221 1.35 -57.34 24.07
C ALA E 221 2.68 -56.93 23.47
N PRO E 222 3.73 -57.69 23.77
CA PRO E 222 5.06 -57.31 23.29
C PRO E 222 5.26 -57.71 21.85
N GLY E 223 6.26 -57.14 21.21
CA GLY E 223 6.54 -57.45 19.82
C GLY E 223 7.30 -58.76 19.69
N ASN E 224 8.07 -58.90 18.62
CA ASN E 224 8.77 -60.16 18.40
C ASN E 224 9.90 -60.29 19.40
N GLY E 225 9.64 -60.99 20.49
CA GLY E 225 10.68 -61.21 21.49
C GLY E 225 11.26 -59.93 22.06
N LEU E 226 10.43 -58.91 22.22
CA LEU E 226 10.90 -57.67 22.82
C LEU E 226 10.09 -57.32 24.04
N THR E 227 10.48 -57.83 25.20
CA THR E 227 9.78 -57.52 26.44
C THR E 227 10.14 -56.13 26.89
N PHE E 228 9.31 -55.55 27.76
CA PHE E 228 9.61 -54.22 28.26
C PHE E 228 8.86 -53.88 29.54
N THR E 229 9.26 -52.80 30.20
CA THR E 229 8.58 -52.37 31.42
C THR E 229 7.90 -51.05 31.17
N ALA E 230 7.16 -50.56 32.14
CA ALA E 230 6.43 -49.31 31.94
C ALA E 230 6.34 -48.49 33.21
N HIS E 231 6.11 -47.20 33.06
CA HIS E 231 5.95 -46.33 34.22
C HIS E 231 5.04 -45.19 33.82
N GLY E 232 4.15 -44.79 34.71
CA GLY E 232 3.25 -43.70 34.40
C GLY E 232 1.93 -43.80 35.13
N GLN E 233 0.94 -43.06 34.65
CA GLN E 233 -0.35 -43.07 35.31
C GLN E 233 -1.50 -42.88 34.32
N THR E 234 -2.71 -43.20 34.75
CA THR E 234 -3.89 -43.03 33.89
C THR E 234 -5.02 -42.41 34.66
N ARG E 235 -5.97 -41.81 33.95
CA ARG E 235 -7.11 -41.21 34.62
C ARG E 235 -8.40 -41.59 33.93
N LEU E 236 -9.48 -41.63 34.70
CA LEU E 236 -10.78 -41.95 34.14
C LEU E 236 -11.80 -40.94 34.60
N TYR E 237 -12.86 -40.76 33.82
CA TYR E 237 -13.89 -39.82 34.18
C TYR E 237 -15.26 -40.49 34.15
N PHE E 238 -16.00 -40.42 35.25
CA PHE E 238 -17.28 -41.11 35.32
C PHE E 238 -18.21 -40.32 36.22
N LYS E 239 -19.45 -40.81 36.34
CA LYS E 239 -20.42 -40.24 37.25
C LYS E 239 -21.36 -41.34 37.71
N SER E 240 -21.74 -41.31 38.98
CA SER E 240 -22.63 -42.33 39.50
C SER E 240 -24.04 -42.01 39.07
N VAL E 241 -24.87 -43.04 38.90
CA VAL E 241 -26.23 -42.83 38.45
C VAL E 241 -27.16 -43.92 38.91
N GLY E 242 -28.43 -43.59 39.13
CA GLY E 242 -29.40 -44.60 39.49
C GLY E 242 -30.13 -44.45 40.82
N ASN E 243 -30.96 -45.42 41.16
CA ASN E 243 -31.69 -45.41 42.42
C ASN E 243 -32.45 -44.11 42.63
N ARG G 30 -5.26 -13.49 11.30
CA ARG G 30 -4.01 -12.99 11.88
C ARG G 30 -3.76 -13.60 13.24
N ALA G 31 -4.09 -12.87 14.30
CA ALA G 31 -3.89 -13.38 15.65
C ALA G 31 -4.94 -12.81 16.60
N GLY G 32 -5.20 -13.50 17.70
CA GLY G 32 -6.21 -13.05 18.64
C GLY G 32 -5.69 -12.16 19.75
N SER G 33 -6.19 -10.94 19.83
CA SER G 33 -5.77 -10.02 20.88
C SER G 33 -6.52 -8.71 20.76
N LYS G 34 -6.78 -8.08 21.90
CA LYS G 34 -7.44 -6.80 21.87
C LYS G 34 -6.36 -5.77 21.68
N ALA G 35 -5.38 -6.10 20.86
CA ALA G 35 -4.29 -5.18 20.61
C ALA G 35 -4.87 -3.80 20.45
N ASP G 36 -4.42 -2.87 21.28
CA ASP G 36 -4.97 -1.53 21.22
C ASP G 36 -4.59 -0.85 19.91
N ARG G 37 -5.40 0.12 19.46
CA ARG G 37 -5.07 0.86 18.24
C ARG G 37 -3.60 1.25 18.24
N PRO G 38 -3.15 2.00 19.25
CA PRO G 38 -1.71 2.26 19.31
C PRO G 38 -0.84 1.02 19.51
N SER G 39 0.47 1.18 19.34
CA SER G 39 1.38 0.07 19.57
C SER G 39 1.28 -0.40 21.01
N LEU G 40 1.44 -1.71 21.20
CA LEU G 40 1.51 -2.29 22.53
C LEU G 40 2.90 -2.05 23.12
N GLN G 41 2.97 -1.99 24.44
CA GLN G 41 4.26 -1.89 25.07
C GLN G 41 4.99 -3.21 24.98
N ILE G 42 6.31 -3.16 24.99
CA ILE G 42 7.14 -4.33 24.75
C ILE G 42 8.20 -4.43 25.84
N GLN G 43 8.13 -5.49 26.63
CA GLN G 43 9.18 -5.83 27.58
C GLN G 43 9.97 -7.00 27.04
N THR G 44 11.29 -6.94 27.22
CA THR G 44 12.17 -7.99 26.73
C THR G 44 12.96 -8.60 27.86
N LEU G 45 13.41 -9.83 27.65
CA LEU G 45 14.27 -10.53 28.60
C LEU G 45 15.46 -11.09 27.85
N GLN G 46 16.64 -10.93 28.44
CA GLN G 46 17.88 -11.28 27.77
C GLN G 46 18.58 -12.35 28.60
N HIS G 47 18.69 -13.55 28.04
CA HIS G 47 19.43 -14.63 28.68
C HIS G 47 20.57 -15.02 27.77
N ALA G 48 21.80 -14.72 28.19
CA ALA G 48 22.98 -14.97 27.38
C ALA G 48 24.19 -14.55 28.19
N GLY G 49 25.36 -15.00 27.75
CA GLY G 49 26.59 -14.62 28.43
C GLY G 49 26.60 -15.16 29.84
N THR G 50 26.92 -14.29 30.80
CA THR G 50 27.02 -14.74 32.18
C THR G 50 25.69 -15.22 32.72
N THR G 51 24.59 -14.70 32.19
CA THR G 51 23.25 -15.13 32.59
C THR G 51 22.74 -16.05 31.50
N MET G 52 22.71 -17.35 31.78
CA MET G 52 22.14 -18.33 30.89
C MET G 52 21.36 -19.31 31.74
N ILE G 53 20.21 -19.74 31.24
CA ILE G 53 19.42 -20.70 32.00
C ILE G 53 20.15 -22.03 31.97
N THR G 54 20.42 -22.58 33.14
CA THR G 54 20.99 -23.91 33.28
C THR G 54 20.00 -24.79 34.02
N VAL G 55 19.72 -25.97 33.49
CA VAL G 55 18.66 -26.81 34.03
C VAL G 55 19.31 -28.03 34.69
N PRO G 56 19.32 -28.10 36.00
CA PRO G 56 19.67 -29.34 36.67
C PRO G 56 18.51 -30.32 36.60
N SER G 57 18.82 -31.58 36.87
CA SER G 57 17.77 -32.59 36.93
C SER G 57 16.73 -32.22 37.97
N GLY G 58 15.46 -32.26 37.58
CA GLY G 58 14.37 -31.91 38.46
C GLY G 58 13.72 -30.58 38.14
N GLY G 59 14.17 -29.88 37.11
CA GLY G 59 13.49 -28.68 36.66
C GLY G 59 13.92 -27.42 37.37
N VAL G 60 13.43 -26.29 36.85
CA VAL G 60 13.74 -24.99 37.42
C VAL G 60 12.56 -24.06 37.18
N CYS G 61 12.30 -23.19 38.14
CA CYS G 61 11.18 -22.27 38.09
C CYS G 61 11.69 -20.85 37.89
N ASP G 62 10.89 -20.04 37.20
CA ASP G 62 11.25 -18.64 37.00
C ASP G 62 9.99 -17.86 36.69
N LEU G 63 10.08 -16.55 36.89
CA LEU G 63 8.96 -15.64 36.67
C LEU G 63 9.33 -14.66 35.57
N ILE G 64 8.55 -14.68 34.48
CA ILE G 64 8.84 -13.86 33.31
C ILE G 64 8.06 -12.58 33.28
N ASN G 65 7.25 -12.30 34.30
CA ASN G 65 6.26 -11.24 34.21
C ASN G 65 6.73 -9.93 34.83
N THR G 66 7.99 -9.84 35.25
CA THR G 66 8.47 -8.68 35.99
C THR G 66 8.27 -7.39 35.19
N TYR G 67 7.64 -6.41 35.84
CA TYR G 67 7.46 -5.07 35.28
C TYR G 67 7.83 -4.05 36.35
N ALA G 68 8.87 -3.27 36.11
CA ALA G 68 9.14 -2.15 37.00
C ALA G 68 8.12 -1.05 36.76
N ARG G 69 7.96 -0.19 37.75
CA ARG G 69 7.13 0.99 37.57
C ARG G 69 8.03 2.19 37.35
N GLY G 70 7.60 3.08 36.46
CA GLY G 70 8.35 4.28 36.23
C GLY G 70 7.97 4.93 34.92
N SER G 71 8.86 5.82 34.47
CA SER G 71 8.64 6.59 33.26
C SER G 71 8.98 5.83 31.99
N ASP G 72 9.92 4.89 32.08
CA ASP G 72 10.48 4.28 30.87
C ASP G 72 9.43 3.50 30.12
N GLU G 73 9.66 3.27 28.83
CA GLU G 73 8.66 2.60 28.01
C GLU G 73 8.49 1.13 28.42
N GLY G 74 9.55 0.49 28.88
CA GLY G 74 9.42 -0.91 29.28
C GLY G 74 8.77 -1.05 30.64
N ASN G 75 8.61 0.04 31.35
CA ASN G 75 7.99 -0.01 32.66
C ASN G 75 6.48 0.00 32.54
N ARG G 76 5.80 -0.09 33.66
CA ARG G 76 4.36 0.03 33.69
C ARG G 76 3.96 1.40 34.20
N HIS G 77 2.65 1.65 34.21
CA HIS G 77 2.13 2.95 34.65
C HIS G 77 1.17 2.78 35.81
N THR G 78 0.02 2.17 35.59
CA THR G 78 -0.95 1.95 36.65
C THR G 78 -0.57 0.70 37.43
N SER G 79 -1.48 0.23 38.27
CA SER G 79 -1.26 -0.98 39.06
C SER G 79 -1.86 -2.22 38.43
N GLU G 80 -2.46 -2.12 37.24
CA GLU G 80 -3.11 -3.25 36.61
C GLU G 80 -2.68 -3.36 35.16
N THR G 81 -2.33 -4.57 34.73
CA THR G 81 -1.83 -4.81 33.38
C THR G 81 -2.52 -6.01 32.76
N LEU G 82 -2.43 -6.11 31.44
CA LEU G 82 -2.97 -7.23 30.70
C LEU G 82 -1.95 -7.67 29.66
N THR G 83 -1.53 -8.92 29.71
CA THR G 83 -0.61 -9.45 28.72
C THR G 83 -1.40 -10.19 27.65
N TYR G 84 -0.95 -10.08 26.42
CA TYR G 84 -1.66 -10.68 25.29
C TYR G 84 -0.82 -11.70 24.55
N LYS G 85 0.27 -11.28 23.90
CA LYS G 85 1.07 -12.17 23.08
C LYS G 85 2.42 -12.41 23.75
N ILE G 86 3.00 -13.57 23.45
CA ILE G 86 4.31 -13.93 23.97
C ILE G 86 5.06 -14.69 22.90
N ALA G 87 6.35 -14.37 22.75
CA ALA G 87 7.21 -14.99 21.75
C ALA G 87 8.47 -15.50 22.41
N ILE G 88 8.97 -16.62 21.93
CA ILE G 88 10.05 -17.35 22.60
C ILE G 88 11.04 -17.84 21.55
N ASP G 89 12.33 -17.55 21.77
CA ASP G 89 13.39 -18.02 20.89
C ASP G 89 14.57 -18.49 21.73
N TYR G 90 15.05 -19.70 21.47
CA TYR G 90 16.16 -20.21 22.27
C TYR G 90 16.98 -21.19 21.46
N HIS G 91 18.18 -21.45 21.98
CA HIS G 91 19.11 -22.43 21.42
C HIS G 91 19.50 -23.36 22.56
N PHE G 92 19.10 -24.62 22.47
CA PHE G 92 19.45 -25.59 23.49
C PHE G 92 20.69 -26.35 23.07
N VAL G 93 21.54 -26.66 24.04
CA VAL G 93 22.75 -27.43 23.77
C VAL G 93 23.04 -28.31 24.97
N ALA G 94 23.48 -29.52 24.70
CA ALA G 94 23.74 -30.48 25.77
C ALA G 94 24.94 -30.05 26.59
N ASP G 95 25.03 -30.60 27.79
CA ASP G 95 26.10 -30.29 28.73
C ASP G 95 27.22 -31.31 28.61
N ALA G 96 28.45 -30.84 28.76
CA ALA G 96 29.61 -31.72 28.64
C ALA G 96 29.53 -32.88 29.62
N ALA G 97 28.92 -32.66 30.78
CA ALA G 97 28.75 -33.75 31.74
C ALA G 97 27.88 -34.86 31.17
N ALA G 98 26.77 -34.48 30.54
CA ALA G 98 25.86 -35.48 29.99
C ALA G 98 26.36 -36.02 28.66
N CYS G 99 27.28 -35.33 28.00
CA CYS G 99 27.82 -35.83 26.75
C CYS G 99 28.64 -37.11 26.94
N ARG G 100 28.89 -37.49 28.19
CA ARG G 100 29.62 -38.71 28.51
C ARG G 100 28.86 -39.95 28.06
N TYR G 101 27.62 -40.07 28.52
CA TYR G 101 26.72 -41.16 28.18
C TYR G 101 26.09 -40.91 26.82
N SER G 102 25.60 -41.98 26.20
CA SER G 102 24.82 -41.88 24.97
C SER G 102 23.42 -42.39 25.24
N ASN G 103 22.45 -41.48 25.29
CA ASN G 103 21.06 -41.87 25.41
C ASN G 103 20.17 -40.73 24.95
N THR G 104 18.93 -41.06 24.64
CA THR G 104 17.96 -40.08 24.19
C THR G 104 17.17 -39.55 25.39
N GLY G 105 16.12 -38.79 25.11
CA GLY G 105 15.29 -38.27 26.18
C GLY G 105 14.26 -37.32 25.61
N THR G 106 13.39 -36.84 26.49
CA THR G 106 12.36 -35.89 26.09
C THR G 106 12.16 -34.86 27.18
N GLY G 107 12.13 -33.58 26.78
CA GLY G 107 11.91 -32.49 27.70
C GLY G 107 10.52 -31.91 27.56
N VAL G 108 10.17 -31.04 28.50
CA VAL G 108 8.86 -30.39 28.52
C VAL G 108 9.05 -28.95 28.97
N MET G 109 8.25 -28.05 28.40
CA MET G 109 8.20 -26.67 28.87
C MET G 109 6.75 -26.29 29.15
N TRP G 110 6.41 -26.14 30.42
CA TRP G 110 5.10 -25.64 30.81
C TRP G 110 5.08 -24.12 30.82
N LEU G 111 3.88 -23.57 30.72
CA LEU G 111 3.65 -22.15 30.98
C LEU G 111 2.50 -22.07 31.97
N VAL G 112 2.78 -21.66 33.19
CA VAL G 112 1.88 -21.86 34.33
C VAL G 112 1.41 -20.52 34.85
N TYR G 113 0.14 -20.47 35.25
CA TYR G 113 -0.53 -19.26 35.69
C TYR G 113 -1.00 -19.42 37.12
N ASP G 114 -0.41 -18.64 38.03
CA ASP G 114 -0.74 -18.69 39.44
C ASP G 114 -1.78 -17.63 39.77
N THR G 115 -2.87 -18.05 40.41
CA THR G 115 -3.88 -17.09 40.84
C THR G 115 -3.50 -16.42 42.14
N THR G 116 -2.99 -17.18 43.10
CA THR G 116 -2.74 -16.67 44.46
C THR G 116 -1.26 -16.82 44.77
N PRO G 117 -0.45 -15.83 44.42
CA PRO G 117 0.98 -15.89 44.74
C PRO G 117 1.22 -15.83 46.24
N GLY G 118 2.45 -16.15 46.63
CA GLY G 118 2.84 -16.08 48.02
C GLY G 118 4.29 -15.65 48.12
N GLY G 119 4.71 -15.37 49.34
CA GLY G 119 6.05 -14.85 49.56
C GLY G 119 7.13 -15.76 49.01
N GLN G 120 7.12 -17.02 49.44
CA GLN G 120 8.08 -18.00 48.97
C GLN G 120 7.93 -18.24 47.48
N ALA G 121 9.06 -18.31 46.79
CA ALA G 121 9.00 -18.67 45.38
C ALA G 121 8.79 -20.16 45.23
N PRO G 122 7.86 -20.60 44.38
CA PRO G 122 7.56 -22.03 44.30
C PRO G 122 8.64 -22.79 43.55
N THR G 123 8.74 -24.08 43.85
CA THR G 123 9.60 -25.01 43.15
C THR G 123 8.76 -26.07 42.46
N PRO G 124 9.23 -26.65 41.35
CA PRO G 124 8.42 -27.65 40.66
C PRO G 124 7.92 -28.76 41.56
N GLN G 125 8.69 -29.12 42.58
CA GLN G 125 8.25 -30.15 43.51
C GLN G 125 6.92 -29.78 44.16
N THR G 126 6.67 -28.49 44.36
CA THR G 126 5.43 -28.07 44.99
C THR G 126 4.28 -28.04 43.99
N ILE G 127 4.54 -27.55 42.78
CA ILE G 127 3.45 -27.40 41.81
C ILE G 127 2.94 -28.76 41.38
N PHE G 128 3.82 -29.62 40.90
CA PHE G 128 3.47 -30.98 40.57
C PHE G 128 3.90 -31.86 41.74
N ALA G 129 3.02 -32.74 42.18
CA ALA G 129 3.41 -33.68 43.22
C ALA G 129 3.74 -34.99 42.55
N TYR G 130 5.02 -35.29 42.45
CA TYR G 130 5.48 -36.47 41.73
C TYR G 130 6.23 -37.39 42.68
N PRO G 131 5.78 -38.62 42.86
CA PRO G 131 6.54 -39.57 43.66
C PRO G 131 7.96 -39.70 43.12
N ASP G 132 8.91 -39.83 44.05
CA ASP G 132 10.32 -39.67 43.74
C ASP G 132 10.82 -40.64 42.68
N THR G 133 10.08 -41.72 42.43
CA THR G 133 10.47 -42.67 41.41
C THR G 133 10.22 -42.14 40.00
N LEU G 134 9.33 -41.18 39.84
CA LEU G 134 9.04 -40.59 38.53
C LEU G 134 9.87 -39.35 38.25
N LYS G 135 10.81 -39.00 39.12
CA LYS G 135 11.63 -37.82 38.89
C LYS G 135 12.26 -37.84 37.50
N ALA G 136 12.61 -39.03 37.02
CA ALA G 136 13.38 -39.12 35.79
C ALA G 136 12.58 -38.62 34.59
N TRP G 137 11.29 -38.92 34.54
CA TRP G 137 10.54 -38.66 33.31
C TRP G 137 9.52 -37.56 33.54
N PRO G 138 9.74 -36.36 33.03
CA PRO G 138 8.78 -35.29 33.29
C PRO G 138 7.47 -35.46 32.57
N ALA G 139 7.49 -36.01 31.35
CA ALA G 139 6.33 -35.95 30.50
C ALA G 139 5.11 -36.61 31.11
N THR G 140 5.28 -37.38 32.17
CA THR G 140 4.17 -38.05 32.82
C THR G 140 3.58 -37.26 33.97
N TRP G 141 4.13 -36.10 34.30
CA TRP G 141 3.65 -35.35 35.45
C TRP G 141 2.29 -34.73 35.14
N LYS G 142 1.48 -34.57 36.18
CA LYS G 142 0.24 -33.83 36.08
C LYS G 142 0.16 -32.87 37.26
N VAL G 143 -0.64 -31.82 37.10
CA VAL G 143 -0.76 -30.84 38.16
C VAL G 143 -1.38 -31.49 39.39
N SER G 144 -0.81 -31.17 40.55
CA SER G 144 -1.26 -31.80 41.79
C SER G 144 -2.72 -31.46 42.06
N ARG G 145 -3.41 -32.39 42.70
CA ARG G 145 -4.87 -32.30 42.80
C ARG G 145 -5.30 -31.37 43.92
N GLU G 146 -4.61 -31.35 45.07
CA GLU G 146 -5.06 -30.53 46.21
C GLU G 146 -4.85 -29.08 45.88
N LEU G 147 -4.16 -28.81 44.79
CA LEU G 147 -3.84 -27.48 44.31
C LEU G 147 -4.66 -27.07 43.09
N CYS G 148 -5.68 -27.84 42.74
CA CYS G 148 -6.29 -27.82 41.41
C CYS G 148 -6.96 -26.48 41.08
N HIS G 149 -7.33 -25.72 42.10
CA HIS G 149 -7.93 -24.41 41.88
C HIS G 149 -6.95 -23.26 42.00
N ARG G 150 -5.68 -23.55 42.25
CA ARG G 150 -4.67 -22.49 42.38
C ARG G 150 -3.87 -22.34 41.09
N PHE G 151 -3.11 -23.36 40.73
CA PHE G 151 -2.28 -23.34 39.52
C PHE G 151 -3.04 -23.91 38.34
N VAL G 152 -2.79 -23.35 37.17
CA VAL G 152 -3.40 -23.84 35.94
C VAL G 152 -2.40 -23.64 34.81
N VAL G 153 -2.34 -24.62 33.90
CA VAL G 153 -1.36 -24.63 32.84
C VAL G 153 -2.04 -24.19 31.56
N LYS G 154 -1.61 -23.05 31.01
CA LYS G 154 -2.26 -22.54 29.82
C LYS G 154 -1.58 -22.97 28.53
N ARG G 155 -0.38 -23.53 28.59
CA ARG G 155 0.31 -24.05 27.42
C ARG G 155 1.26 -25.15 27.85
N ARG G 156 1.54 -26.06 26.91
CA ARG G 156 2.47 -27.14 27.16
C ARG G 156 3.14 -27.51 25.84
N TRP G 157 4.44 -27.76 25.89
CA TRP G 157 5.15 -28.12 24.68
C TRP G 157 6.12 -29.25 24.96
N LEU G 158 6.61 -29.86 23.88
CA LEU G 158 7.48 -31.02 23.97
C LEU G 158 8.66 -30.81 23.04
N PHE G 159 9.78 -31.41 23.41
CA PHE G 159 10.94 -31.44 22.53
C PHE G 159 11.81 -32.61 22.96
N ASN G 160 12.72 -33.02 22.07
CA ASN G 160 13.55 -34.16 22.36
C ASN G 160 14.95 -33.95 21.83
N MET G 161 15.92 -34.47 22.58
CA MET G 161 17.33 -34.33 22.26
C MET G 161 17.98 -35.69 22.38
N GLU G 162 19.11 -35.86 21.70
CA GLU G 162 19.85 -37.10 21.80
C GLU G 162 21.33 -36.81 21.65
N THR G 163 22.15 -37.53 22.41
CA THR G 163 23.59 -37.35 22.42
C THR G 163 24.26 -38.67 22.12
N ASP G 164 25.19 -38.66 21.19
CA ASP G 164 25.90 -39.87 20.78
C ASP G 164 27.07 -40.20 21.69
N GLY G 165 27.30 -39.41 22.73
CA GLY G 165 28.45 -39.63 23.58
C GLY G 165 29.72 -39.01 23.08
N ARG G 166 29.62 -37.95 22.28
CA ARG G 166 30.81 -37.31 21.73
C ARG G 166 30.62 -35.80 21.75
N ILE G 167 31.57 -35.08 22.33
CA ILE G 167 31.50 -33.63 22.30
C ILE G 167 31.84 -33.14 20.90
N GLY G 168 31.45 -31.90 20.62
CA GLY G 168 31.65 -31.35 19.30
C GLY G 168 32.97 -30.66 19.06
N SER G 169 33.87 -30.66 20.04
CA SER G 169 35.10 -29.90 19.95
C SER G 169 36.29 -30.73 19.49
N ASP G 170 36.10 -32.03 19.25
CA ASP G 170 37.23 -32.91 18.97
C ASP G 170 37.13 -33.45 17.54
N ILE G 171 38.29 -33.80 17.01
CA ILE G 171 38.43 -34.17 15.60
C ILE G 171 38.26 -35.68 15.44
N PRO G 172 37.49 -36.14 14.47
CA PRO G 172 37.38 -37.57 14.21
C PRO G 172 38.69 -38.12 13.66
N PRO G 173 38.93 -39.42 13.81
CA PRO G 173 40.06 -40.03 13.13
C PRO G 173 39.79 -40.17 11.64
N SER G 174 40.88 -40.31 10.88
CA SER G 174 40.75 -40.41 9.44
C SER G 174 40.05 -41.68 9.00
N ASN G 175 39.79 -42.61 9.91
CA ASN G 175 39.19 -43.88 9.50
C ASN G 175 37.68 -43.77 9.31
N ALA G 176 36.98 -43.06 10.18
CA ALA G 176 35.52 -43.09 10.16
C ALA G 176 34.96 -41.70 10.43
N SER G 177 33.66 -41.55 10.20
CA SER G 177 32.95 -40.29 10.43
C SER G 177 31.74 -40.56 11.32
N TRP G 178 30.96 -39.50 11.57
CA TRP G 178 29.75 -39.65 12.38
C TRP G 178 28.67 -38.71 11.86
N LYS G 179 27.41 -39.16 11.95
CA LYS G 179 26.28 -38.29 11.66
C LYS G 179 25.68 -37.86 12.98
N PRO G 180 25.86 -36.63 13.41
CA PRO G 180 25.34 -36.23 14.71
C PRO G 180 23.98 -35.56 14.64
N CYS G 181 22.94 -36.34 14.37
CA CYS G 181 21.60 -35.76 14.31
C CYS G 181 21.21 -35.19 15.67
N LYS G 182 20.75 -33.95 15.67
CA LYS G 182 20.02 -33.36 16.79
C LYS G 182 20.88 -33.19 18.04
N ARG G 183 22.18 -32.95 17.88
CA ARG G 183 23.00 -32.70 19.05
C ARG G 183 22.58 -31.40 19.74
N ASN G 184 21.99 -30.47 18.99
CA ASN G 184 21.46 -29.24 19.53
C ASN G 184 20.33 -28.78 18.63
N ILE G 185 19.35 -28.11 19.22
CA ILE G 185 18.13 -27.80 18.49
C ILE G 185 17.76 -26.33 18.65
N TYR G 186 16.85 -25.90 17.79
CA TYR G 186 16.29 -24.58 17.79
C TYR G 186 14.81 -24.65 18.13
N PHE G 187 14.37 -23.81 19.07
CA PHE G 187 13.05 -23.95 19.66
C PHE G 187 12.37 -22.60 19.66
N HIS G 188 11.26 -22.46 18.95
CA HIS G 188 10.57 -21.18 18.90
C HIS G 188 9.08 -21.41 18.85
N LYS G 189 8.33 -20.57 19.57
CA LYS G 189 6.88 -20.64 19.60
C LYS G 189 6.34 -19.22 19.67
N PHE G 190 5.16 -19.02 19.12
CA PHE G 190 4.49 -17.72 19.17
C PHE G 190 3.02 -17.96 19.41
N THR G 191 2.46 -17.41 20.49
CA THR G 191 1.09 -17.70 20.88
C THR G 191 0.38 -16.42 21.27
N SER G 192 -0.69 -16.10 20.54
CA SER G 192 -1.48 -14.91 20.82
C SER G 192 -2.71 -15.19 21.69
N GLY G 193 -3.04 -16.46 21.90
CA GLY G 193 -4.36 -16.77 22.44
C GLY G 193 -4.54 -16.34 23.87
N LEU G 194 -3.50 -16.49 24.69
CA LEU G 194 -3.67 -16.37 26.12
C LEU G 194 -4.03 -14.96 26.52
N GLY G 195 -4.55 -14.82 27.72
CA GLY G 195 -4.71 -13.52 28.33
C GLY G 195 -4.60 -13.66 29.82
N VAL G 196 -4.15 -12.61 30.48
CA VAL G 196 -3.78 -12.64 31.89
C VAL G 196 -4.07 -11.27 32.47
N ARG G 197 -4.54 -11.25 33.71
CA ARG G 197 -4.88 -10.01 34.39
C ARG G 197 -4.18 -9.98 35.73
N THR G 198 -3.32 -8.99 35.94
CA THR G 198 -2.51 -8.90 37.14
C THR G 198 -2.90 -7.65 37.91
N GLN G 199 -2.65 -7.68 39.22
CA GLN G 199 -2.80 -6.50 40.05
C GLN G 199 -1.59 -6.39 40.96
N TRP G 200 -1.01 -5.19 41.01
CA TRP G 200 0.25 -4.95 41.67
C TRP G 200 0.04 -4.20 42.97
N LYS G 201 0.92 -4.45 43.94
CA LYS G 201 0.83 -3.73 45.19
C LYS G 201 1.37 -2.31 45.01
N ASN G 202 1.50 -1.61 46.14
CA ASN G 202 1.95 -0.23 46.12
C ASN G 202 3.40 -0.11 45.64
N VAL G 203 4.29 -0.99 46.11
CA VAL G 203 5.72 -0.79 45.94
C VAL G 203 6.09 -0.61 44.48
N THR G 204 7.04 0.27 44.22
CA THR G 204 7.50 0.52 42.86
C THR G 204 8.31 -0.63 42.28
N ASP G 205 8.69 -1.60 43.10
CA ASP G 205 9.52 -2.70 42.62
C ASP G 205 8.74 -3.57 41.64
N GLY G 206 9.49 -4.29 40.81
CA GLY G 206 8.93 -5.25 39.90
C GLY G 206 9.19 -6.70 40.26
N GLY G 207 9.63 -6.99 41.48
CA GLY G 207 9.97 -8.34 41.86
C GLY G 207 8.74 -9.20 42.08
N VAL G 208 9.00 -10.39 42.64
CA VAL G 208 7.92 -11.35 42.85
C VAL G 208 7.08 -10.96 44.06
N GLY G 209 7.69 -10.32 45.05
CA GLY G 209 6.95 -9.96 46.25
C GLY G 209 5.93 -8.87 46.02
N ALA G 210 5.96 -8.22 44.86
CA ALA G 210 5.12 -7.05 44.65
C ALA G 210 3.81 -7.39 43.95
N ILE G 211 3.60 -8.64 43.59
CA ILE G 211 2.41 -8.98 42.80
C ILE G 211 1.33 -9.53 43.71
N GLN G 212 0.14 -8.95 43.64
CA GLN G 212 -0.95 -9.39 44.50
C GLN G 212 -1.67 -10.60 43.91
N ARG G 213 -1.93 -10.59 42.61
CA ARG G 213 -2.60 -11.70 41.96
C ARG G 213 -2.06 -11.92 40.56
N GLY G 214 -2.31 -13.11 40.04
CA GLY G 214 -2.05 -13.42 38.64
C GLY G 214 -0.59 -13.44 38.22
N ALA G 215 0.24 -14.23 38.91
CA ALA G 215 1.61 -14.38 38.46
C ALA G 215 1.65 -15.22 37.20
N LEU G 216 2.84 -15.40 36.65
CA LEU G 216 3.01 -16.23 35.48
C LEU G 216 4.40 -16.86 35.54
N TYR G 217 4.50 -18.12 35.17
CA TYR G 217 5.76 -18.83 35.35
C TYR G 217 6.13 -19.61 34.11
N MET G 218 7.44 -19.72 33.89
CA MET G 218 8.01 -20.53 32.83
C MET G 218 8.79 -21.67 33.47
N VAL G 219 8.40 -22.91 33.17
CA VAL G 219 8.98 -24.07 33.82
C VAL G 219 9.64 -24.94 32.78
N ILE G 220 10.89 -25.30 33.02
CA ILE G 220 11.66 -26.19 32.14
C ILE G 220 11.99 -27.44 32.92
N ALA G 221 11.87 -28.60 32.27
CA ALA G 221 12.28 -29.84 32.88
C ALA G 221 13.03 -30.64 31.84
N PRO G 222 14.10 -31.31 32.23
CA PRO G 222 14.93 -32.03 31.26
C PRO G 222 14.39 -33.43 31.05
N GLY G 223 15.04 -34.15 30.14
CA GLY G 223 14.76 -35.55 29.91
C GLY G 223 15.34 -36.39 31.04
N ASN G 224 15.53 -37.67 30.75
CA ASN G 224 16.08 -38.56 31.76
C ASN G 224 17.58 -38.35 31.85
N GLY G 225 18.04 -37.90 33.01
CA GLY G 225 19.46 -37.74 33.25
C GLY G 225 20.20 -36.85 32.29
N LEU G 226 19.49 -36.05 31.49
CA LEU G 226 20.14 -35.23 30.47
C LEU G 226 19.98 -33.76 30.82
N THR G 227 21.04 -33.15 31.32
CA THR G 227 21.07 -31.72 31.58
C THR G 227 21.45 -30.95 30.30
N PHE G 228 21.07 -29.68 30.25
CA PHE G 228 21.50 -28.83 29.15
C PHE G 228 21.49 -27.38 29.61
N THR G 229 21.77 -26.47 28.67
CA THR G 229 21.74 -25.04 28.92
C THR G 229 20.95 -24.38 27.81
N ALA G 230 20.82 -23.06 27.88
CA ALA G 230 19.99 -22.34 26.92
C ALA G 230 20.61 -20.99 26.60
N HIS G 231 20.21 -20.45 25.46
CA HIS G 231 20.59 -19.11 25.06
C HIS G 231 19.45 -18.56 24.23
N GLY G 232 19.14 -17.29 24.40
CA GLY G 232 18.11 -16.68 23.60
C GLY G 232 17.46 -15.53 24.32
N GLN G 233 16.27 -15.17 23.86
CA GLN G 233 15.55 -14.03 24.41
C GLN G 233 14.07 -14.19 24.13
N THR G 234 13.27 -13.49 24.92
CA THR G 234 11.82 -13.54 24.79
C THR G 234 11.26 -12.13 24.75
N ARG G 235 9.98 -12.04 24.40
CA ARG G 235 9.28 -10.77 24.37
C ARG G 235 7.85 -10.96 24.87
N LEU G 236 7.32 -9.90 25.47
CA LEU G 236 5.95 -9.87 25.93
C LEU G 236 5.26 -8.64 25.37
N TYR G 237 3.94 -8.68 25.32
CA TYR G 237 3.16 -7.58 24.79
C TYR G 237 2.02 -7.31 25.76
N PHE G 238 1.99 -6.11 26.34
CA PHE G 238 0.99 -5.79 27.33
C PHE G 238 0.59 -4.33 27.19
N LYS G 239 -0.36 -3.92 28.02
CA LYS G 239 -0.78 -2.53 28.08
C LYS G 239 -1.26 -2.23 29.49
N SER G 240 -0.93 -1.05 30.01
CA SER G 240 -1.34 -0.70 31.35
C SER G 240 -2.78 -0.22 31.32
N VAL G 241 -3.51 -0.49 32.38
CA VAL G 241 -4.92 -0.11 32.40
C VAL G 241 -5.43 0.11 33.81
N GLY G 242 -6.34 1.06 33.99
CA GLY G 242 -6.93 1.29 35.30
C GLY G 242 -6.88 2.71 35.81
N ASN G 243 -7.39 2.93 37.02
CA ASN G 243 -7.38 4.25 37.63
C ASN G 243 -8.02 5.29 36.73
N ARG I 30 -2.19 -7.66 -2.52
CA ARG I 30 -2.30 -9.08 -2.18
C ARG I 30 -1.71 -9.96 -3.27
N ALA I 31 -2.44 -10.14 -4.37
CA ALA I 31 -1.93 -10.94 -5.48
C ALA I 31 -0.74 -10.28 -6.13
N GLY I 32 -0.73 -8.94 -6.18
CA GLY I 32 0.43 -8.24 -6.69
C GLY I 32 0.60 -8.31 -8.20
N SER I 33 -0.31 -9.02 -8.85
CA SER I 33 -0.24 -9.10 -10.30
C SER I 33 -0.38 -7.72 -10.88
N LYS I 34 0.58 -7.32 -11.70
CA LYS I 34 0.52 -6.02 -12.34
C LYS I 34 1.04 -6.15 -13.75
N ALA I 35 0.80 -5.14 -14.57
CA ALA I 35 1.21 -5.22 -15.96
C ALA I 35 0.79 -6.56 -16.51
N ASP I 36 -0.46 -6.94 -16.26
CA ASP I 36 -0.95 -8.24 -16.72
C ASP I 36 -1.06 -8.31 -18.23
N ARG I 37 -1.60 -7.27 -18.85
CA ARG I 37 -1.78 -7.28 -20.30
C ARG I 37 -0.44 -7.43 -21.01
N PRO I 38 0.55 -6.61 -20.65
CA PRO I 38 1.85 -6.80 -21.26
C PRO I 38 2.74 -7.67 -20.38
N SER I 39 4.04 -7.64 -20.60
CA SER I 39 4.96 -8.41 -19.78
C SER I 39 5.63 -7.55 -18.72
N LEU I 40 6.58 -8.12 -18.00
CA LEU I 40 7.31 -7.36 -16.99
C LEU I 40 8.79 -7.49 -17.25
N GLN I 41 9.51 -6.38 -17.17
CA GLN I 41 10.94 -6.40 -17.44
C GLN I 41 11.62 -7.36 -16.48
N ILE I 42 12.75 -7.90 -16.91
CA ILE I 42 13.43 -8.95 -16.16
C ILE I 42 14.90 -8.60 -16.01
N GLN I 43 15.33 -8.39 -14.78
CA GLN I 43 16.74 -8.24 -14.46
C GLN I 43 17.25 -9.51 -13.81
N THR I 44 18.46 -9.92 -14.17
CA THR I 44 19.04 -11.14 -13.65
C THR I 44 20.36 -10.85 -12.95
N LEU I 45 20.74 -11.74 -12.05
CA LEU I 45 22.00 -11.66 -11.34
C LEU I 45 22.69 -13.01 -11.43
N GLN I 46 23.98 -12.99 -11.72
CA GLN I 46 24.74 -14.21 -11.98
C GLN I 46 25.84 -14.32 -10.94
N HIS I 47 25.75 -15.32 -10.08
CA HIS I 47 26.79 -15.59 -9.10
C HIS I 47 27.33 -16.99 -9.39
N ALA I 48 28.57 -17.06 -9.86
CA ALA I 48 29.19 -18.31 -10.25
C ALA I 48 30.61 -18.02 -10.70
N GLY I 49 31.42 -19.06 -10.78
CA GLY I 49 32.78 -18.91 -11.24
C GLY I 49 33.55 -18.02 -10.28
N THR I 50 34.25 -17.03 -10.83
CA THR I 50 35.09 -16.17 -10.01
C THR I 50 34.26 -15.36 -9.03
N THR I 51 33.01 -15.08 -9.35
CA THR I 51 32.11 -14.39 -8.45
C THR I 51 31.18 -15.42 -7.84
N MET I 52 31.42 -15.74 -6.58
CA MET I 52 30.54 -16.62 -5.81
C MET I 52 30.40 -16.02 -4.43
N ILE I 53 29.20 -16.10 -3.88
CA ILE I 53 28.99 -15.58 -2.54
C ILE I 53 29.70 -16.49 -1.56
N THR I 54 30.59 -15.91 -0.76
CA THR I 54 31.25 -16.63 0.32
C THR I 54 30.86 -15.98 1.64
N VAL I 55 30.44 -16.79 2.60
CA VAL I 55 29.88 -16.26 3.83
C VAL I 55 30.87 -16.55 4.97
N PRO I 56 31.56 -15.54 5.47
CA PRO I 56 32.30 -15.70 6.71
C PRO I 56 31.36 -15.66 7.90
N SER I 57 31.86 -16.13 9.04
CA SER I 57 31.09 -16.07 10.26
C SER I 57 30.70 -14.63 10.56
N GLY I 58 29.42 -14.41 10.84
CA GLY I 58 28.90 -13.09 11.11
C GLY I 58 28.08 -12.49 10.00
N GLY I 59 27.87 -13.20 8.90
CA GLY I 59 26.95 -12.74 7.88
C GLY I 59 27.59 -11.82 6.85
N VAL I 60 26.83 -11.54 5.81
CA VAL I 60 27.27 -10.66 4.74
C VAL I 60 26.06 -9.95 4.16
N CYS I 61 26.25 -8.70 3.77
CA CYS I 61 25.20 -7.85 3.24
C CYS I 61 25.41 -7.62 1.75
N ASP I 62 24.31 -7.47 1.03
CA ASP I 62 24.40 -7.18 -0.40
C ASP I 62 23.10 -6.55 -0.85
N LEU I 63 23.17 -5.86 -1.99
CA LEU I 63 22.02 -5.16 -2.56
C LEU I 63 21.70 -5.78 -3.91
N ILE I 64 20.48 -6.31 -4.03
CA ILE I 64 20.06 -7.01 -5.24
C ILE I 64 19.27 -6.14 -6.19
N ASN I 65 19.07 -4.87 -5.86
CA ASN I 65 18.10 -4.05 -6.55
C ASN I 65 18.70 -3.21 -7.67
N THR I 66 19.99 -3.38 -7.97
CA THR I 66 20.68 -2.51 -8.91
C THR I 66 20.01 -2.49 -10.28
N TYR I 67 19.72 -1.28 -10.75
CA TYR I 67 19.17 -1.07 -12.10
C TYR I 67 19.96 0.05 -12.76
N ALA I 68 20.65 -0.26 -13.85
CA ALA I 68 21.24 0.81 -14.62
C ALA I 68 20.17 1.54 -15.41
N ARG I 69 20.46 2.77 -15.83
CA ARG I 69 19.55 3.50 -16.69
C ARG I 69 20.10 3.50 -18.10
N GLY I 70 19.23 3.30 -19.07
CA GLY I 70 19.65 3.31 -20.45
C GLY I 70 18.60 2.72 -21.35
N SER I 71 19.05 2.36 -22.56
CA SER I 71 18.18 1.83 -23.59
C SER I 71 17.89 0.35 -23.42
N ASP I 72 18.81 -0.40 -22.82
CA ASP I 72 18.73 -1.85 -22.83
C ASP I 72 17.50 -2.34 -22.07
N GLU I 73 17.22 -3.63 -22.37
CA GLU I 73 16.07 -4.42 -21.94
C GLU I 73 16.05 -4.65 -20.44
N GLY I 74 17.22 -4.66 -19.82
CA GLY I 74 17.42 -4.88 -18.39
C GLY I 74 17.58 -3.60 -17.62
N ASN I 75 17.72 -2.48 -18.32
CA ASN I 75 17.87 -1.20 -17.66
C ASN I 75 16.51 -0.64 -17.29
N ARG I 76 16.52 0.52 -16.65
CA ARG I 76 15.29 1.21 -16.32
C ARG I 76 15.10 2.38 -17.27
N HIS I 77 13.96 3.06 -17.13
CA HIS I 77 13.62 4.18 -18.00
C HIS I 77 13.42 5.45 -17.18
N THR I 78 12.37 5.51 -16.38
CA THR I 78 12.10 6.68 -15.55
C THR I 78 12.94 6.60 -14.28
N SER I 79 12.63 7.46 -13.32
CA SER I 79 13.31 7.46 -12.04
C SER I 79 12.59 6.68 -10.96
N GLU I 80 11.46 6.05 -11.27
CA GLU I 80 10.67 5.35 -10.28
C GLU I 80 10.30 3.96 -10.79
N THR I 81 10.48 2.95 -9.94
CA THR I 81 10.24 1.56 -10.31
C THR I 81 9.42 0.87 -9.24
N LEU I 82 8.83 -0.26 -9.62
CA LEU I 82 8.08 -1.11 -8.70
C LEU I 82 8.47 -2.55 -8.95
N THR I 83 8.95 -3.24 -7.91
CA THR I 83 9.26 -4.65 -8.03
C THR I 83 8.11 -5.47 -7.50
N TYR I 84 7.85 -6.60 -8.14
CA TYR I 84 6.72 -7.43 -7.77
C TYR I 84 7.14 -8.83 -7.33
N LYS I 85 7.69 -9.63 -8.23
CA LYS I 85 8.03 -11.01 -7.94
C LYS I 85 9.55 -11.17 -7.88
N ILE I 86 9.98 -12.15 -7.11
CA ILE I 86 11.39 -12.47 -6.99
C ILE I 86 11.56 -13.97 -6.88
N ALA I 87 12.55 -14.51 -7.58
CA ALA I 87 12.82 -15.94 -7.60
C ALA I 87 14.28 -16.18 -7.27
N ILE I 88 14.56 -17.27 -6.56
CA ILE I 88 15.88 -17.51 -6.00
C ILE I 88 16.23 -18.98 -6.19
N ASP I 89 17.42 -19.25 -6.74
CA ASP I 89 17.92 -20.61 -6.91
C ASP I 89 19.39 -20.65 -6.55
N TYR I 90 19.78 -21.58 -5.69
CA TYR I 90 21.17 -21.66 -5.28
C TYR I 90 21.54 -23.07 -4.90
N HIS I 91 22.85 -23.30 -4.84
CA HIS I 91 23.45 -24.56 -4.42
C HIS I 91 24.43 -24.23 -3.30
N PHE I 92 24.15 -24.67 -2.09
CA PHE I 92 25.05 -24.42 -0.99
C PHE I 92 25.96 -25.63 -0.78
N VAL I 93 27.21 -25.36 -0.43
CA VAL I 93 28.16 -26.43 -0.18
C VAL I 93 29.10 -25.98 0.93
N ALA I 94 29.44 -26.92 1.81
CA ALA I 94 30.29 -26.59 2.95
C ALA I 94 31.70 -26.27 2.49
N ASP I 95 32.44 -25.60 3.36
CA ASP I 95 33.80 -25.19 3.09
C ASP I 95 34.78 -26.21 3.65
N ALA I 96 35.88 -26.42 2.92
CA ALA I 96 36.88 -27.39 3.34
C ALA I 96 37.40 -27.08 4.74
N ALA I 97 37.47 -25.80 5.11
CA ALA I 97 37.91 -25.44 6.44
C ALA I 97 36.95 -25.99 7.49
N ALA I 98 35.65 -25.85 7.27
CA ALA I 98 34.67 -26.32 8.24
C ALA I 98 34.45 -27.82 8.15
N CYS I 99 34.86 -28.44 7.04
CA CYS I 99 34.72 -29.88 6.93
C CYS I 99 35.62 -30.63 7.91
N ARG I 100 36.51 -29.91 8.57
CA ARG I 100 37.40 -30.46 9.58
C ARG I 100 36.60 -31.04 10.75
N TYR I 101 35.79 -30.21 11.38
CA TYR I 101 34.94 -30.56 12.50
C TYR I 101 33.68 -31.25 12.01
N SER I 102 33.04 -32.00 12.91
CA SER I 102 31.73 -32.59 12.62
C SER I 102 30.71 -31.99 13.58
N ASN I 103 29.84 -31.14 13.05
CA ASN I 103 28.75 -30.61 13.84
C ASN I 103 27.66 -30.09 12.91
N THR I 104 26.47 -29.95 13.46
CA THR I 104 25.33 -29.45 12.71
C THR I 104 25.23 -27.94 12.86
N GLY I 105 24.13 -27.37 12.39
CA GLY I 105 23.92 -25.94 12.50
C GLY I 105 22.67 -25.54 11.75
N THR I 106 22.34 -24.26 11.85
CA THR I 106 21.18 -23.72 11.17
C THR I 106 21.46 -22.32 10.66
N GLY I 107 21.14 -22.08 9.40
CA GLY I 107 21.34 -20.79 8.77
C GLY I 107 20.02 -20.04 8.60
N VAL I 108 20.13 -18.78 8.22
CA VAL I 108 18.98 -17.91 8.03
C VAL I 108 19.24 -17.03 6.83
N MET I 109 18.20 -16.73 6.06
CA MET I 109 18.28 -15.75 4.98
C MET I 109 17.16 -14.74 5.16
N TRP I 110 17.50 -13.52 5.54
CA TRP I 110 16.55 -12.43 5.58
C TRP I 110 16.41 -11.75 4.23
N LEU I 111 15.28 -11.08 4.04
CA LEU I 111 15.10 -10.17 2.93
C LEU I 111 14.63 -8.85 3.51
N VAL I 112 15.46 -7.81 3.45
CA VAL I 112 15.30 -6.62 4.27
C VAL I 112 15.04 -5.42 3.38
N TYR I 113 14.15 -4.54 3.83
CA TYR I 113 13.71 -3.38 3.07
C TYR I 113 14.06 -2.11 3.83
N ASP I 114 14.96 -1.31 3.26
CA ASP I 114 15.41 -0.06 3.87
C ASP I 114 14.59 1.09 3.32
N THR I 115 14.03 1.90 4.22
CA THR I 115 13.31 3.08 3.80
C THR I 115 14.25 4.25 3.51
N THR I 116 15.24 4.46 4.37
CA THR I 116 16.11 5.63 4.30
C THR I 116 17.55 5.17 4.10
N PRO I 117 17.98 4.98 2.86
CA PRO I 117 19.37 4.58 2.62
C PRO I 117 20.34 5.69 2.99
N GLY I 118 21.62 5.34 3.06
CA GLY I 118 22.65 6.29 3.34
C GLY I 118 23.91 5.93 2.58
N GLY I 119 24.88 6.83 2.62
CA GLY I 119 26.10 6.64 1.83
C GLY I 119 26.81 5.34 2.16
N GLN I 120 27.11 5.15 3.44
CA GLN I 120 27.81 3.95 3.88
C GLN I 120 26.92 2.72 3.70
N ALA I 121 27.52 1.67 3.18
CA ALA I 121 26.77 0.42 3.04
C ALA I 121 26.65 -0.25 4.40
N PRO I 122 25.46 -0.71 4.78
CA PRO I 122 25.28 -1.26 6.11
C PRO I 122 25.87 -2.65 6.24
N THR I 123 26.21 -3.01 7.47
CA THR I 123 26.67 -4.34 7.83
C THR I 123 25.68 -4.97 8.79
N PRO I 124 25.56 -6.30 8.81
CA PRO I 124 24.60 -6.93 9.72
C PRO I 124 24.72 -6.48 11.15
N GLN I 125 25.94 -6.16 11.60
CA GLN I 125 26.12 -5.67 12.96
C GLN I 125 25.29 -4.43 13.21
N THR I 126 25.07 -3.60 12.19
CA THR I 126 24.29 -2.38 12.38
C THR I 126 22.80 -2.66 12.36
N ILE I 127 22.36 -3.52 11.44
CA ILE I 127 20.93 -3.76 11.29
C ILE I 127 20.37 -4.46 12.52
N PHE I 128 20.95 -5.59 12.88
CA PHE I 128 20.60 -6.29 14.10
C PHE I 128 21.64 -5.93 15.14
N ALA I 129 21.19 -5.57 16.34
CA ALA I 129 22.13 -5.32 17.42
C ALA I 129 22.17 -6.56 18.28
N TYR I 130 23.24 -7.33 18.14
CA TYR I 130 23.36 -8.60 18.84
C TYR I 130 24.56 -8.57 19.77
N PRO I 131 24.36 -8.75 21.06
CA PRO I 131 25.52 -8.86 21.96
C PRO I 131 26.45 -9.96 21.51
N ASP I 132 27.76 -9.70 21.61
CA ASP I 132 28.72 -10.53 20.90
C ASP I 132 28.58 -12.00 21.27
N THR I 133 28.07 -12.29 22.48
CA THR I 133 27.97 -13.69 22.88
C THR I 133 26.99 -14.46 22.01
N LEU I 134 26.06 -13.79 21.34
CA LEU I 134 25.10 -14.44 20.47
C LEU I 134 25.56 -14.49 19.03
N LYS I 135 26.79 -14.07 18.73
CA LYS I 135 27.26 -14.10 17.36
C LYS I 135 27.09 -15.48 16.74
N ALA I 136 27.25 -16.53 17.55
CA ALA I 136 27.28 -17.87 16.99
C ALA I 136 25.94 -18.26 16.37
N TRP I 137 24.84 -17.87 16.99
CA TRP I 137 23.55 -18.40 16.58
C TRP I 137 22.70 -17.31 15.97
N PRO I 138 22.53 -17.29 14.64
CA PRO I 138 21.75 -16.20 14.03
C PRO I 138 20.28 -16.28 14.32
N ALA I 139 19.73 -17.48 14.41
CA ALA I 139 18.27 -17.64 14.41
C ALA I 139 17.61 -16.91 15.55
N THR I 140 18.36 -16.47 16.55
CA THR I 140 17.80 -15.77 17.69
C THR I 140 17.82 -14.26 17.53
N TRP I 141 18.36 -13.74 16.44
CA TRP I 141 18.48 -12.30 16.28
C TRP I 141 17.11 -11.69 15.99
N LYS I 142 16.94 -10.44 16.43
CA LYS I 142 15.77 -9.66 16.09
C LYS I 142 16.23 -8.28 15.64
N VAL I 143 15.37 -7.62 14.88
CA VAL I 143 15.72 -6.29 14.37
C VAL I 143 15.89 -5.34 15.54
N SER I 144 16.94 -4.52 15.48
CA SER I 144 17.24 -3.61 16.58
C SER I 144 16.10 -2.62 16.79
N ARG I 145 15.93 -2.22 18.04
CA ARG I 145 14.72 -1.47 18.40
C ARG I 145 14.85 0.02 18.05
N GLU I 146 16.06 0.58 18.19
CA GLU I 146 16.28 1.98 17.83
C GLU I 146 15.79 2.25 16.42
N LEU I 147 16.11 1.35 15.51
CA LEU I 147 15.90 1.48 14.07
C LEU I 147 14.52 1.02 13.65
N CYS I 148 13.63 0.75 14.60
CA CYS I 148 12.43 -0.02 14.31
C CYS I 148 11.59 0.58 13.20
N HIS I 149 11.72 1.87 12.95
CA HIS I 149 10.98 2.53 11.87
C HIS I 149 11.79 2.69 10.60
N ARG I 150 13.04 2.21 10.57
CA ARG I 150 13.86 2.32 9.38
C ARG I 150 13.89 1.03 8.59
N PHE I 151 14.43 -0.04 9.18
CA PHE I 151 14.52 -1.33 8.52
C PHE I 151 13.31 -2.18 8.86
N VAL I 152 12.88 -2.98 7.88
CA VAL I 152 11.77 -3.90 8.09
C VAL I 152 12.02 -5.15 7.25
N VAL I 153 11.70 -6.30 7.81
CA VAL I 153 11.99 -7.59 7.19
C VAL I 153 10.70 -8.10 6.56
N LYS I 154 10.70 -8.25 5.24
CA LYS I 154 9.49 -8.68 4.57
C LYS I 154 9.44 -10.18 4.33
N ARG I 155 10.55 -10.89 4.52
CA ARG I 155 10.58 -12.35 4.40
C ARG I 155 11.70 -12.89 5.27
N ARG I 156 11.53 -14.14 5.69
CA ARG I 156 12.54 -14.82 6.47
C ARG I 156 12.48 -16.30 6.18
N TRP I 157 13.64 -16.95 6.05
CA TRP I 157 13.65 -18.37 5.77
C TRP I 157 14.73 -19.06 6.60
N LEU I 158 14.63 -20.38 6.66
CA LEU I 158 15.51 -21.19 7.47
C LEU I 158 16.03 -22.35 6.65
N PHE I 159 17.23 -22.81 6.99
CA PHE I 159 17.76 -24.02 6.40
C PHE I 159 18.83 -24.55 7.33
N ASN I 160 19.18 -25.82 7.15
CA ASN I 160 20.13 -26.44 8.05
C ASN I 160 21.05 -27.38 7.28
N MET I 161 22.29 -27.43 7.71
CA MET I 161 23.32 -28.23 7.08
C MET I 161 24.05 -29.01 8.16
N GLU I 162 24.68 -30.11 7.76
CA GLU I 162 25.48 -30.88 8.71
C GLU I 162 26.64 -31.52 7.97
N THR I 163 27.78 -31.58 8.63
CA THR I 163 29.00 -32.13 8.05
C THR I 163 29.54 -33.22 8.96
N ASP I 164 29.86 -34.36 8.37
CA ASP I 164 30.35 -35.51 9.12
C ASP I 164 31.84 -35.44 9.38
N GLY I 165 32.50 -34.37 8.95
CA GLY I 165 33.94 -34.30 9.11
C GLY I 165 34.72 -34.98 8.03
N ARG I 166 34.13 -35.11 6.84
CA ARG I 166 34.82 -35.79 5.74
C ARG I 166 34.53 -35.05 4.44
N ILE I 167 35.59 -34.69 3.72
CA ILE I 167 35.40 -34.06 2.41
C ILE I 167 34.93 -35.10 1.42
N GLY I 168 34.35 -34.62 0.32
CA GLY I 168 33.80 -35.52 -0.67
C GLY I 168 34.75 -35.99 -1.75
N SER I 169 36.01 -35.60 -1.68
CA SER I 169 36.96 -35.87 -2.74
C SER I 169 37.81 -37.12 -2.49
N ASP I 170 37.64 -37.78 -1.35
CA ASP I 170 38.52 -38.87 -0.97
C ASP I 170 37.75 -40.19 -0.93
N ILE I 171 38.50 -41.27 -1.12
CA ILE I 171 37.92 -42.61 -1.30
C ILE I 171 37.82 -43.31 0.05
N PRO I 172 36.70 -43.94 0.36
CA PRO I 172 36.60 -44.71 1.60
C PRO I 172 37.47 -45.95 1.54
N PRO I 173 37.86 -46.48 2.69
CA PRO I 173 38.54 -47.79 2.69
C PRO I 173 37.55 -48.90 2.41
N SER I 174 38.09 -50.04 1.97
CA SER I 174 37.26 -51.17 1.61
C SER I 174 36.54 -51.76 2.81
N ASN I 175 36.86 -51.33 4.02
CA ASN I 175 36.25 -51.92 5.20
C ASN I 175 34.85 -51.39 5.47
N ALA I 176 34.63 -50.08 5.33
CA ALA I 176 33.38 -49.48 5.75
C ALA I 176 32.92 -48.42 4.75
N SER I 177 31.68 -47.97 4.91
CA SER I 177 31.10 -46.95 4.06
C SER I 177 30.54 -45.83 4.94
N TRP I 178 29.92 -44.84 4.30
CA TRP I 178 29.31 -43.74 5.04
C TRP I 178 28.04 -43.29 4.33
N LYS I 179 27.05 -42.86 5.12
CA LYS I 179 25.86 -42.22 4.57
C LYS I 179 25.99 -40.73 4.80
N PRO I 180 26.26 -39.94 3.78
CA PRO I 180 26.46 -38.50 4.00
C PRO I 180 25.20 -37.69 3.76
N CYS I 181 24.23 -37.78 4.66
CA CYS I 181 23.01 -37.00 4.51
C CYS I 181 23.33 -35.51 4.56
N LYS I 182 22.83 -34.76 3.58
CA LYS I 182 22.76 -33.31 3.67
C LYS I 182 24.14 -32.65 3.71
N ARG I 183 25.11 -33.22 3.00
CA ARG I 183 26.39 -32.54 2.92
C ARG I 183 26.28 -31.26 2.11
N ASN I 184 25.32 -31.20 1.20
CA ASN I 184 25.04 -30.01 0.41
C ASN I 184 23.58 -30.03 0.03
N ILE I 185 22.97 -28.85 -0.11
CA ILE I 185 21.54 -28.76 -0.27
C ILE I 185 21.18 -27.86 -1.43
N TYR I 186 19.93 -27.95 -1.83
CA TYR I 186 19.35 -27.13 -2.88
C TYR I 186 18.26 -26.26 -2.29
N PHE I 187 18.30 -24.97 -2.59
CA PHE I 187 17.48 -23.98 -1.90
C PHE I 187 16.79 -23.09 -2.92
N HIS I 188 15.46 -23.13 -2.95
CA HIS I 188 14.75 -22.31 -3.93
C HIS I 188 13.46 -21.80 -3.32
N LYS I 189 13.13 -20.55 -3.61
CA LYS I 189 11.91 -19.93 -3.14
C LYS I 189 11.37 -19.03 -4.23
N PHE I 190 10.05 -18.86 -4.26
CA PHE I 190 9.40 -17.97 -5.21
C PHE I 190 8.28 -17.25 -4.50
N THR I 191 8.33 -15.92 -4.49
CA THR I 191 7.38 -15.14 -3.70
C THR I 191 6.86 -13.97 -4.51
N SER I 192 5.55 -13.94 -4.75
CA SER I 192 4.91 -12.87 -5.49
C SER I 192 4.33 -11.77 -4.60
N GLY I 193 4.26 -12.00 -3.29
CA GLY I 193 3.44 -11.14 -2.46
C GLY I 193 3.98 -9.74 -2.32
N LEU I 194 5.29 -9.61 -2.21
CA LEU I 194 5.89 -8.35 -1.80
C LEU I 194 5.66 -7.27 -2.84
N GLY I 195 5.82 -6.04 -2.41
CA GLY I 195 5.90 -4.92 -3.33
C GLY I 195 6.77 -3.85 -2.74
N VAL I 196 7.41 -3.07 -3.61
CA VAL I 196 8.44 -2.13 -3.20
C VAL I 196 8.38 -0.95 -4.16
N ARG I 197 8.63 0.24 -3.64
CA ARG I 197 8.58 1.45 -4.43
C ARG I 197 9.86 2.23 -4.21
N THR I 198 10.62 2.44 -5.28
CA THR I 198 11.91 3.08 -5.20
C THR I 198 11.88 4.40 -5.95
N GLN I 199 12.77 5.31 -5.56
CA GLN I 199 12.98 6.54 -6.31
C GLN I 199 14.46 6.79 -6.45
N TRP I 200 14.88 7.09 -7.66
CA TRP I 200 16.28 7.16 -8.03
C TRP I 200 16.69 8.61 -8.21
N LYS I 201 17.96 8.89 -7.92
CA LYS I 201 18.48 10.22 -8.13
C LYS I 201 18.74 10.46 -9.61
N ASN I 202 19.35 11.60 -9.90
CA ASN I 202 19.63 11.98 -11.28
C ASN I 202 20.60 11.02 -11.96
N VAL I 203 21.67 10.63 -11.27
CA VAL I 203 22.80 9.98 -11.92
C VAL I 203 22.35 8.72 -12.65
N THR I 204 22.95 8.48 -13.82
CA THR I 204 22.62 7.31 -14.62
C THR I 204 23.11 6.02 -14.01
N ASP I 205 23.95 6.08 -12.97
CA ASP I 205 24.50 4.87 -12.39
C ASP I 205 23.41 4.06 -11.71
N GLY I 206 23.68 2.76 -11.55
CA GLY I 206 22.81 1.87 -10.82
C GLY I 206 23.33 1.42 -9.47
N GLY I 207 24.36 2.08 -8.94
CA GLY I 207 24.95 1.65 -7.69
C GLY I 207 24.09 1.98 -6.49
N VAL I 208 24.68 1.81 -5.32
CA VAL I 208 23.95 2.03 -4.07
C VAL I 208 23.82 3.51 -3.77
N GLY I 209 24.81 4.30 -4.21
CA GLY I 209 24.75 5.73 -3.92
C GLY I 209 23.68 6.47 -4.69
N ALA I 210 23.06 5.81 -5.67
CA ALA I 210 22.14 6.51 -6.54
C ALA I 210 20.69 6.38 -6.10
N ILE I 211 20.42 5.65 -5.03
CA ILE I 211 19.03 5.39 -4.65
C ILE I 211 18.63 6.35 -3.54
N GLN I 212 17.52 7.06 -3.76
CA GLN I 212 17.06 8.02 -2.76
C GLN I 212 16.24 7.35 -1.66
N ARG I 213 15.36 6.43 -2.03
CA ARG I 213 14.54 5.73 -1.04
C ARG I 213 14.31 4.30 -1.48
N GLY I 214 13.91 3.47 -0.51
CA GLY I 214 13.45 2.12 -0.77
C GLY I 214 14.49 1.15 -1.29
N ALA I 215 15.61 1.00 -0.59
CA ALA I 215 16.56 -0.01 -1.01
C ALA I 215 16.01 -1.39 -0.67
N LEU I 216 16.77 -2.42 -1.05
CA LEU I 216 16.38 -3.78 -0.73
C LEU I 216 17.65 -4.60 -0.54
N TYR I 217 17.65 -5.49 0.44
CA TYR I 217 18.88 -6.19 0.79
C TYR I 217 18.63 -7.67 0.97
N MET I 218 19.63 -8.46 0.61
CA MET I 218 19.64 -9.90 0.84
C MET I 218 20.73 -10.21 1.86
N VAL I 219 20.36 -10.81 2.97
CA VAL I 219 21.28 -11.05 4.06
C VAL I 219 21.38 -12.54 4.32
N ILE I 220 22.60 -13.05 4.36
CA ILE I 220 22.88 -14.45 4.66
C ILE I 220 23.66 -14.52 5.95
N ALA I 221 23.32 -15.47 6.80
CA ALA I 221 24.09 -15.71 8.00
C ALA I 221 24.27 -17.20 8.16
N PRO I 222 25.43 -17.65 8.60
CA PRO I 222 25.70 -19.07 8.68
C PRO I 222 25.25 -19.62 10.03
N GLY I 223 25.41 -20.93 10.19
CA GLY I 223 25.15 -21.58 11.45
C GLY I 223 26.29 -21.31 12.41
N ASN I 224 26.42 -22.17 13.40
CA ASN I 224 27.48 -21.99 14.39
C ASN I 224 28.80 -22.48 13.80
N GLY I 225 29.75 -21.57 13.65
CA GLY I 225 31.06 -21.93 13.19
C GLY I 225 31.13 -22.62 11.85
N LEU I 226 30.05 -22.60 11.06
CA LEU I 226 30.00 -23.34 9.81
C LEU I 226 29.92 -22.37 8.65
N THR I 227 31.04 -22.17 7.96
CA THR I 227 31.09 -21.37 6.75
C THR I 227 30.70 -22.21 5.54
N PHE I 228 30.24 -21.53 4.48
CA PHE I 228 29.97 -22.23 3.23
C PHE I 228 30.08 -21.24 2.08
N THR I 229 29.77 -21.70 0.88
CA THR I 229 29.75 -20.89 -0.33
C THR I 229 28.45 -21.14 -1.06
N ALA I 230 28.26 -20.47 -2.20
CA ALA I 230 27.01 -20.55 -2.92
C ALA I 230 27.27 -20.50 -4.41
N HIS I 231 26.29 -20.98 -5.16
CA HIS I 231 26.30 -20.89 -6.61
C HIS I 231 24.85 -20.82 -7.05
N GLY I 232 24.58 -20.00 -8.05
CA GLY I 232 23.23 -19.94 -8.58
C GLY I 232 22.95 -18.58 -9.19
N GLN I 233 21.66 -18.28 -9.32
CA GLN I 233 21.24 -17.05 -9.95
C GLN I 233 19.85 -16.68 -9.48
N THR I 234 19.50 -15.41 -9.62
CA THR I 234 18.21 -14.92 -9.20
C THR I 234 17.59 -14.09 -10.32
N ARG I 235 16.31 -13.78 -10.16
CA ARG I 235 15.60 -12.95 -11.10
C ARG I 235 14.65 -12.02 -10.37
N LEU I 236 14.41 -10.85 -10.98
CA LEU I 236 13.47 -9.88 -10.45
C LEU I 236 12.50 -9.50 -11.55
N TYR I 237 11.35 -8.98 -11.14
CA TYR I 237 10.32 -8.59 -12.09
C TYR I 237 9.82 -7.21 -11.69
N PHE I 238 10.00 -6.23 -12.56
CA PHE I 238 9.62 -4.87 -12.24
C PHE I 238 9.09 -4.18 -13.48
N LYS I 239 8.67 -2.93 -13.31
CA LYS I 239 8.22 -2.10 -14.41
C LYS I 239 8.50 -0.65 -14.08
N SER I 240 8.94 0.11 -15.07
CA SER I 240 9.22 1.52 -14.84
C SER I 240 7.90 2.25 -14.80
N VAL I 241 7.88 3.39 -14.11
CA VAL I 241 6.65 4.16 -14.01
C VAL I 241 6.96 5.59 -13.62
N GLY I 242 6.17 6.53 -14.11
CA GLY I 242 6.37 7.92 -13.72
C GLY I 242 6.58 8.91 -14.84
N ASN I 243 6.71 10.19 -14.47
CA ASN I 243 6.93 11.23 -15.48
C ASN I 243 5.84 11.25 -16.53
N ARG K 30 -10.14 -35.40 -13.13
CA ARG K 30 -9.82 -36.63 -13.85
C ARG K 30 -9.98 -36.45 -15.36
N ALA K 31 -11.09 -35.86 -15.80
CA ALA K 31 -11.31 -35.78 -17.24
C ALA K 31 -10.74 -34.46 -17.76
N GLY K 32 -9.49 -34.54 -18.19
CA GLY K 32 -8.76 -33.52 -18.91
C GLY K 32 -8.54 -33.92 -20.32
N SER K 33 -9.02 -35.11 -20.69
CA SER K 33 -8.83 -35.61 -22.03
C SER K 33 -9.96 -35.19 -22.96
N LYS K 34 -10.07 -35.84 -24.10
CA LYS K 34 -11.10 -35.48 -25.06
C LYS K 34 -11.93 -36.69 -25.48
N ALA K 35 -11.28 -37.69 -26.06
CA ALA K 35 -12.04 -38.83 -26.53
C ALA K 35 -12.70 -39.50 -25.35
N ASP K 36 -14.02 -39.51 -25.34
CA ASP K 36 -14.76 -40.10 -24.22
C ASP K 36 -15.38 -41.43 -24.62
N ARG K 37 -16.46 -41.38 -25.38
CA ARG K 37 -17.10 -42.61 -25.82
C ARG K 37 -16.10 -43.46 -26.58
N PRO K 38 -15.37 -42.86 -27.52
CA PRO K 38 -14.33 -43.66 -28.18
C PRO K 38 -13.07 -43.73 -27.33
N SER K 39 -12.33 -44.82 -27.45
CA SER K 39 -11.08 -44.94 -26.70
C SER K 39 -9.98 -44.11 -27.36
N LEU K 40 -8.77 -44.17 -26.82
CA LEU K 40 -7.67 -43.44 -27.41
C LEU K 40 -6.61 -44.38 -27.92
N GLN K 41 -5.85 -43.97 -28.92
CA GLN K 41 -4.77 -44.82 -29.40
C GLN K 41 -3.62 -44.77 -28.41
N ILE K 42 -2.83 -45.83 -28.38
CA ILE K 42 -1.78 -45.99 -27.38
C ILE K 42 -0.48 -46.37 -28.08
N GLN K 43 0.52 -45.50 -27.97
CA GLN K 43 1.87 -45.80 -28.40
C GLN K 43 2.73 -46.06 -27.18
N THR K 44 3.61 -47.05 -27.28
CA THR K 44 4.47 -47.41 -26.18
C THR K 44 5.93 -47.31 -26.58
N LEU K 45 6.78 -47.15 -25.59
CA LEU K 45 8.23 -47.12 -25.78
C LEU K 45 8.87 -48.07 -24.80
N GLN K 46 9.82 -48.85 -25.27
CA GLN K 46 10.43 -49.91 -24.48
C GLN K 46 11.92 -49.62 -24.35
N HIS K 47 12.36 -49.34 -23.13
CA HIS K 47 13.78 -49.14 -22.85
C HIS K 47 14.20 -50.19 -21.84
N ALA K 48 15.01 -51.14 -22.30
CA ALA K 48 15.45 -52.25 -21.47
C ALA K 48 16.39 -53.11 -22.29
N GLY K 49 17.12 -53.97 -21.60
CA GLY K 49 18.04 -54.87 -22.28
C GLY K 49 19.13 -54.08 -22.99
N THR K 50 19.35 -54.41 -24.26
CA THR K 50 20.43 -53.75 -24.99
C THR K 50 20.17 -52.26 -25.16
N THR K 51 18.90 -51.85 -25.16
CA THR K 51 18.56 -50.44 -25.24
C THR K 51 18.16 -49.99 -23.84
N MET K 52 19.04 -49.24 -23.20
CA MET K 52 18.75 -48.63 -21.92
C MET K 52 19.30 -47.22 -21.95
N ILE K 53 18.56 -46.29 -21.35
CA ILE K 53 19.04 -44.92 -21.33
C ILE K 53 20.23 -44.85 -20.38
N THR K 54 21.35 -44.36 -20.89
CA THR K 54 22.52 -44.09 -20.08
C THR K 54 22.83 -42.61 -20.11
N VAL K 55 23.03 -42.01 -18.94
CA VAL K 55 23.15 -40.57 -18.85
C VAL K 55 24.59 -40.23 -18.50
N PRO K 56 25.37 -39.70 -19.44
CA PRO K 56 26.66 -39.12 -19.10
C PRO K 56 26.46 -37.76 -18.47
N SER K 57 27.51 -37.27 -17.81
CA SER K 57 27.49 -35.94 -17.25
C SER K 57 27.19 -34.91 -18.33
N GLY K 58 26.23 -34.04 -18.07
CA GLY K 58 25.82 -33.02 -19.03
C GLY K 58 24.50 -33.28 -19.69
N GLY K 59 23.81 -34.36 -19.37
CA GLY K 59 22.47 -34.59 -19.86
C GLY K 59 22.41 -35.28 -21.20
N VAL K 60 21.19 -35.64 -21.59
CA VAL K 60 20.95 -36.31 -22.86
C VAL K 60 19.56 -35.92 -23.34
N CYS K 61 19.43 -35.78 -24.66
CA CYS K 61 18.19 -35.37 -25.29
C CYS K 61 17.58 -36.54 -26.05
N ASP K 62 16.26 -36.56 -26.12
CA ASP K 62 15.57 -37.61 -26.87
C ASP K 62 14.18 -37.13 -27.22
N LEU K 63 13.60 -37.77 -28.24
CA LEU K 63 12.28 -37.41 -28.74
C LEU K 63 11.35 -38.59 -28.53
N ILE K 64 10.28 -38.38 -27.75
CA ILE K 64 9.36 -39.45 -27.40
C ILE K 64 8.13 -39.47 -28.27
N ASN K 65 8.03 -38.58 -29.25
CA ASN K 65 6.77 -38.36 -29.95
C ASN K 65 6.65 -39.15 -31.24
N THR K 66 7.61 -40.03 -31.55
CA THR K 66 7.65 -40.69 -32.85
C THR K 66 6.36 -41.46 -33.12
N TYR K 67 5.76 -41.20 -34.28
CA TYR K 67 4.59 -41.93 -34.77
C TYR K 67 4.83 -42.32 -36.21
N ALA K 68 4.89 -43.60 -36.50
CA ALA K 68 4.90 -44.03 -37.88
C ALA K 68 3.52 -43.86 -38.49
N ARG K 69 3.46 -43.79 -39.81
CA ARG K 69 2.18 -43.75 -40.52
C ARG K 69 1.92 -45.11 -41.15
N GLY K 70 0.69 -45.58 -41.02
CA GLY K 70 0.34 -46.85 -41.61
C GLY K 70 -0.98 -47.37 -41.07
N SER K 71 -1.19 -48.66 -41.28
CA SER K 71 -2.42 -49.32 -40.90
C SER K 71 -2.47 -49.70 -39.43
N ASP K 72 -1.31 -49.95 -38.81
CA ASP K 72 -1.27 -50.54 -37.49
C ASP K 72 -1.89 -49.61 -36.45
N GLU K 73 -2.33 -50.17 -35.32
CA GLU K 73 -3.01 -49.33 -34.33
C GLU K 73 -2.06 -48.35 -33.66
N GLY K 74 -0.77 -48.70 -33.53
CA GLY K 74 0.14 -47.77 -32.92
C GLY K 74 0.57 -46.66 -33.87
N ASN K 75 0.24 -46.81 -35.15
CA ASN K 75 0.61 -45.81 -36.12
C ASN K 75 -0.40 -44.68 -36.11
N ARG K 76 -0.15 -43.67 -36.94
CA ARG K 76 -1.09 -42.58 -37.11
C ARG K 76 -1.83 -42.74 -38.43
N HIS K 77 -2.77 -41.83 -38.67
CA HIS K 77 -3.60 -41.90 -39.87
C HIS K 77 -3.46 -40.62 -40.69
N THR K 78 -3.94 -39.50 -40.18
CA THR K 78 -3.83 -38.23 -40.88
C THR K 78 -2.45 -37.63 -40.62
N SER K 79 -2.29 -36.36 -40.99
CA SER K 79 -1.04 -35.65 -40.76
C SER K 79 -1.04 -34.81 -39.51
N GLU K 80 -2.11 -34.84 -38.72
CA GLU K 80 -2.22 -34.01 -37.53
C GLU K 80 -2.69 -34.84 -36.35
N THR K 81 -2.01 -34.68 -35.21
CA THR K 81 -2.31 -35.46 -34.01
C THR K 81 -2.39 -34.56 -32.80
N LEU K 82 -3.00 -35.09 -31.74
CA LEU K 82 -3.10 -34.39 -30.46
C LEU K 82 -2.79 -35.37 -29.34
N THR K 83 -1.80 -35.06 -28.53
CA THR K 83 -1.47 -35.90 -27.38
C THR K 83 -2.12 -35.33 -26.14
N TYR K 84 -2.57 -36.20 -25.26
CA TYR K 84 -3.30 -35.77 -24.07
C TYR K 84 -2.59 -36.21 -22.79
N LYS K 85 -2.53 -37.50 -22.53
CA LYS K 85 -1.97 -38.01 -21.29
C LYS K 85 -0.64 -38.70 -21.55
N ILE K 86 0.21 -38.71 -20.53
CA ILE K 86 1.50 -39.36 -20.61
C ILE K 86 1.81 -39.99 -19.26
N ALA K 87 2.34 -41.22 -19.29
CA ALA K 87 2.67 -41.97 -18.09
C ALA K 87 4.11 -42.45 -18.18
N ILE K 88 4.79 -42.48 -17.05
CA ILE K 88 6.23 -42.72 -17.01
C ILE K 88 6.55 -43.65 -15.86
N ASP K 89 7.29 -44.71 -16.13
CA ASP K 89 7.74 -45.66 -15.11
C ASP K 89 9.19 -46.04 -15.37
N TYR K 90 10.04 -45.93 -14.36
CA TYR K 90 11.44 -46.24 -14.54
C TYR K 90 12.07 -46.72 -13.25
N HIS K 91 13.22 -47.34 -13.40
CA HIS K 91 14.06 -47.81 -12.29
C HIS K 91 15.44 -47.23 -12.51
N PHE K 92 15.86 -46.34 -11.62
CA PHE K 92 17.18 -45.75 -11.73
C PHE K 92 18.16 -46.50 -10.83
N VAL K 93 19.38 -46.66 -11.32
CA VAL K 93 20.41 -47.33 -10.54
C VAL K 93 21.75 -46.69 -10.84
N ALA K 94 22.57 -46.53 -9.81
CA ALA K 94 23.85 -45.88 -9.96
C ALA K 94 24.79 -46.72 -10.80
N ASP K 95 25.82 -46.06 -11.34
CA ASP K 95 26.81 -46.70 -12.18
C ASP K 95 28.01 -47.13 -11.36
N ALA K 96 28.59 -48.27 -11.72
CA ALA K 96 29.74 -48.80 -10.98
C ALA K 96 30.88 -47.80 -10.95
N ALA K 97 31.01 -46.99 -12.00
CA ALA K 97 32.06 -45.97 -12.00
C ALA K 97 31.83 -44.95 -10.90
N ALA K 98 30.59 -44.49 -10.73
CA ALA K 98 30.30 -43.50 -9.71
C ALA K 98 30.18 -44.12 -8.33
N CYS K 99 30.01 -45.44 -8.24
CA CYS K 99 29.94 -46.08 -6.94
C CYS K 99 31.27 -46.03 -6.20
N ARG K 100 32.33 -45.57 -6.87
CA ARG K 100 33.64 -45.46 -6.23
C ARG K 100 33.66 -44.38 -5.16
N TYR K 101 33.19 -43.18 -5.48
CA TYR K 101 33.07 -42.07 -4.55
C TYR K 101 31.79 -42.20 -3.74
N SER K 102 31.76 -41.53 -2.59
CA SER K 102 30.55 -41.44 -1.77
C SER K 102 30.13 -39.98 -1.71
N ASN K 103 29.04 -39.64 -2.40
CA ASN K 103 28.47 -38.31 -2.31
C ASN K 103 27.03 -38.35 -2.77
N THR K 104 26.29 -37.32 -2.38
CA THR K 104 24.88 -37.21 -2.75
C THR K 104 24.76 -36.39 -4.04
N GLY K 105 23.53 -36.04 -4.39
CA GLY K 105 23.30 -35.24 -5.58
C GLY K 105 21.82 -35.12 -5.84
N THR K 106 21.50 -34.35 -6.87
CA THR K 106 20.11 -34.14 -7.24
C THR K 106 19.98 -34.07 -8.76
N GLY K 107 19.03 -34.83 -9.30
CA GLY K 107 18.77 -34.85 -10.72
C GLY K 107 17.50 -34.10 -11.07
N VAL K 108 17.31 -33.89 -12.37
CA VAL K 108 16.16 -33.18 -12.89
C VAL K 108 15.69 -33.86 -14.16
N MET K 109 14.38 -33.88 -14.38
CA MET K 109 13.81 -34.34 -15.65
C MET K 109 12.86 -33.29 -16.18
N TRP K 110 13.26 -32.61 -17.25
CA TRP K 110 12.39 -31.68 -17.95
C TRP K 110 11.52 -32.40 -18.96
N LEU K 111 10.41 -31.77 -19.32
CA LEU K 111 9.61 -32.18 -20.45
C LEU K 111 9.40 -30.94 -21.31
N VAL K 112 10.00 -30.91 -22.50
CA VAL K 112 10.19 -29.68 -23.25
C VAL K 112 9.41 -29.77 -24.55
N TYR K 113 8.82 -28.63 -24.95
CA TYR K 113 7.96 -28.55 -26.12
C TYR K 113 8.54 -27.56 -27.11
N ASP K 114 8.97 -28.05 -28.27
CA ASP K 114 9.56 -27.24 -29.32
C ASP K 114 8.49 -26.82 -30.32
N THR K 115 8.41 -25.51 -30.58
CA THR K 115 7.48 -25.02 -31.58
C THR K 115 8.05 -25.16 -32.99
N THR K 116 9.32 -24.83 -33.18
CA THR K 116 9.93 -24.77 -34.50
C THR K 116 11.09 -25.75 -34.58
N PRO K 117 10.84 -27.01 -34.91
CA PRO K 117 11.93 -27.97 -35.03
C PRO K 117 12.85 -27.63 -36.18
N GLY K 118 14.01 -28.29 -36.20
CA GLY K 118 14.96 -28.12 -37.27
C GLY K 118 15.67 -29.42 -37.55
N GLY K 119 16.44 -29.44 -38.63
CA GLY K 119 17.08 -30.66 -39.05
C GLY K 119 17.97 -31.27 -37.98
N GLN K 120 18.91 -30.48 -37.49
CA GLN K 120 19.79 -30.87 -36.40
C GLN K 120 18.98 -31.27 -35.18
N ALA K 121 19.38 -32.37 -34.54
CA ALA K 121 18.79 -32.68 -33.25
C ALA K 121 19.42 -31.84 -32.16
N PRO K 122 18.64 -31.21 -31.29
CA PRO K 122 19.22 -30.31 -30.29
C PRO K 122 19.90 -31.07 -29.17
N THR K 123 20.86 -30.40 -28.54
CA THR K 123 21.54 -30.88 -27.35
C THR K 123 21.25 -29.97 -26.18
N PRO K 124 21.26 -30.47 -24.95
CA PRO K 124 20.95 -29.60 -23.80
C PRO K 124 21.77 -28.33 -23.78
N GLN K 125 23.01 -28.38 -24.26
CA GLN K 125 23.82 -27.17 -24.31
C GLN K 125 23.15 -26.07 -25.10
N THR K 126 22.38 -26.42 -26.12
CA THR K 126 21.72 -25.41 -26.93
C THR K 126 20.45 -24.90 -26.27
N ILE K 127 19.67 -25.79 -25.67
CA ILE K 127 18.39 -25.38 -25.10
C ILE K 127 18.61 -24.47 -23.91
N PHE K 128 19.37 -24.93 -22.94
CA PHE K 128 19.76 -24.11 -21.80
C PHE K 128 21.15 -23.58 -22.09
N ALA K 129 21.36 -22.29 -21.87
CA ALA K 129 22.70 -21.74 -22.02
C ALA K 129 23.28 -21.61 -20.62
N TYR K 130 24.19 -22.52 -20.28
CA TYR K 130 24.74 -22.57 -18.94
C TYR K 130 26.25 -22.35 -19.00
N PRO K 131 26.76 -21.32 -18.34
CA PRO K 131 28.22 -21.16 -18.28
C PRO K 131 28.87 -22.41 -17.71
N ASP K 132 30.02 -22.80 -18.29
CA ASP K 132 30.57 -24.13 -18.03
C ASP K 132 30.76 -24.39 -16.55
N THR K 133 30.93 -23.35 -15.75
CA THR K 133 31.16 -23.59 -14.33
C THR K 133 29.93 -24.17 -13.64
N LEU K 134 28.75 -24.00 -14.21
CA LEU K 134 27.54 -24.55 -13.63
C LEU K 134 27.18 -25.92 -14.19
N LYS K 135 28.03 -26.50 -15.03
CA LYS K 135 27.73 -27.81 -15.59
C LYS K 135 27.38 -28.82 -14.49
N ALA K 136 28.01 -28.69 -13.33
CA ALA K 136 27.86 -29.72 -12.32
C ALA K 136 26.43 -29.78 -11.80
N TRP K 137 25.78 -28.64 -11.63
CA TRP K 137 24.51 -28.64 -10.91
C TRP K 137 23.37 -28.28 -11.87
N PRO K 138 22.54 -29.24 -12.27
CA PRO K 138 21.49 -28.91 -13.23
C PRO K 138 20.39 -28.07 -12.64
N ALA K 139 20.06 -28.27 -11.38
CA ALA K 139 18.83 -27.72 -10.83
C ALA K 139 18.79 -26.20 -10.91
N THR K 140 19.92 -25.55 -11.20
CA THR K 140 19.97 -24.11 -11.29
C THR K 140 19.79 -23.59 -12.71
N TRP K 141 19.64 -24.48 -13.69
CA TRP K 141 19.55 -24.03 -15.07
C TRP K 141 18.20 -23.39 -15.33
N LYS K 142 18.18 -22.45 -16.26
CA LYS K 142 16.94 -21.86 -16.74
C LYS K 142 16.98 -21.82 -18.25
N VAL K 143 15.81 -21.76 -18.87
CA VAL K 143 15.75 -21.75 -20.33
C VAL K 143 16.42 -20.50 -20.85
N SER K 144 17.22 -20.66 -21.90
CA SER K 144 17.97 -19.53 -22.44
C SER K 144 17.03 -18.45 -22.94
N ARG K 145 17.49 -17.20 -22.84
CA ARG K 145 16.59 -16.07 -23.06
C ARG K 145 16.41 -15.76 -24.54
N GLU K 146 17.45 -15.98 -25.35
CA GLU K 146 17.33 -15.75 -26.78
C GLU K 146 16.22 -16.62 -27.38
N LEU K 147 16.11 -17.84 -26.89
CA LEU K 147 15.16 -18.82 -27.40
C LEU K 147 13.81 -18.74 -26.71
N CYS K 148 13.52 -17.64 -26.00
CA CYS K 148 12.41 -17.65 -25.05
C CYS K 148 11.07 -17.92 -25.73
N HIS K 149 10.95 -17.62 -27.02
CA HIS K 149 9.72 -17.86 -27.75
C HIS K 149 9.74 -19.15 -28.54
N ARG K 150 10.82 -19.92 -28.47
CA ARG K 150 10.91 -21.19 -29.20
C ARG K 150 10.61 -22.37 -28.31
N PHE K 151 11.46 -22.60 -27.30
CA PHE K 151 11.30 -23.72 -26.39
C PHE K 151 10.51 -23.28 -25.17
N VAL K 152 9.70 -24.20 -24.65
CA VAL K 152 8.94 -23.95 -23.43
C VAL K 152 8.82 -25.26 -22.66
N VAL K 153 8.93 -25.16 -21.34
CA VAL K 153 8.95 -26.33 -20.47
C VAL K 153 7.57 -26.49 -19.86
N LYS K 154 6.89 -27.59 -20.17
CA LYS K 154 5.55 -27.77 -19.65
C LYS K 154 5.51 -28.59 -18.37
N ARG K 155 6.60 -29.24 -17.98
CA ARG K 155 6.69 -29.96 -16.72
C ARG K 155 8.12 -30.01 -16.26
N ARG K 156 8.31 -30.14 -14.95
CA ARG K 156 9.63 -30.24 -14.36
C ARG K 156 9.52 -31.09 -13.10
N TRP K 157 10.50 -31.97 -12.89
CA TRP K 157 10.48 -32.82 -11.72
C TRP K 157 11.87 -32.92 -11.12
N LEU K 158 11.93 -33.40 -9.89
CA LEU K 158 13.17 -33.49 -9.14
C LEU K 158 13.28 -34.87 -8.53
N PHE K 159 14.51 -35.33 -8.34
CA PHE K 159 14.76 -36.55 -7.59
C PHE K 159 16.19 -36.49 -7.10
N ASN K 160 16.49 -37.34 -6.11
CA ASN K 160 17.82 -37.32 -5.53
C ASN K 160 18.27 -38.73 -5.21
N MET K 161 19.57 -38.95 -5.36
CA MET K 161 20.18 -40.25 -5.14
C MET K 161 21.42 -40.06 -4.29
N GLU K 162 21.84 -41.13 -3.61
CA GLU K 162 23.06 -41.05 -2.83
C GLU K 162 23.72 -42.41 -2.83
N THR K 163 25.04 -42.42 -2.88
CA THR K 163 25.83 -43.65 -2.93
C THR K 163 26.83 -43.64 -1.80
N ASP K 164 26.90 -44.73 -1.05
CA ASP K 164 27.79 -44.84 0.08
C ASP K 164 29.19 -45.27 -0.31
N GLY K 165 29.45 -45.44 -1.60
CA GLY K 165 30.75 -45.91 -2.02
C GLY K 165 30.91 -47.40 -1.99
N ARG K 166 29.81 -48.15 -2.10
CA ARG K 166 29.87 -49.60 -2.05
C ARG K 166 28.91 -50.18 -3.06
N ILE K 167 29.40 -51.06 -3.93
CA ILE K 167 28.52 -51.74 -4.87
C ILE K 167 27.68 -52.76 -4.13
N GLY K 168 26.58 -53.17 -4.77
CA GLY K 168 25.67 -54.09 -4.12
C GLY K 168 25.96 -55.56 -4.33
N SER K 169 27.05 -55.90 -5.02
CA SER K 169 27.33 -57.28 -5.39
C SER K 169 28.28 -57.97 -4.43
N ASP K 170 28.78 -57.28 -3.41
CA ASP K 170 29.80 -57.84 -2.55
C ASP K 170 29.28 -58.04 -1.12
N ILE K 171 29.90 -58.99 -0.42
CA ILE K 171 29.42 -59.44 0.88
C ILE K 171 30.09 -58.63 1.98
N PRO K 172 29.34 -58.17 2.98
CA PRO K 172 29.95 -57.47 4.11
C PRO K 172 30.77 -58.43 4.95
N PRO K 173 31.74 -57.94 5.70
CA PRO K 173 32.42 -58.78 6.69
C PRO K 173 31.51 -59.06 7.88
N SER K 174 31.84 -60.13 8.60
CA SER K 174 31.03 -60.53 9.74
C SER K 174 31.08 -59.52 10.87
N ASN K 175 31.95 -58.51 10.79
CA ASN K 175 32.08 -57.57 11.89
C ASN K 175 30.98 -56.52 11.89
N ALA K 176 30.63 -55.98 10.73
CA ALA K 176 29.74 -54.82 10.68
C ALA K 176 28.74 -54.97 9.53
N SER K 177 27.73 -54.11 9.53
CA SER K 177 26.71 -54.07 8.49
C SER K 177 26.61 -52.66 7.94
N TRP K 178 25.67 -52.46 7.01
CA TRP K 178 25.44 -51.14 6.44
C TRP K 178 23.96 -50.94 6.15
N LYS K 179 23.49 -49.71 6.31
CA LYS K 179 22.14 -49.35 5.89
C LYS K 179 22.25 -48.58 4.58
N PRO K 180 21.90 -49.17 3.46
CA PRO K 180 22.06 -48.47 2.18
C PRO K 180 20.81 -47.75 1.74
N CYS K 181 20.44 -46.65 2.40
CA CYS K 181 19.28 -45.91 1.98
C CYS K 181 19.45 -45.36 0.57
N LYS K 182 18.45 -45.58 -0.27
CA LYS K 182 18.35 -44.89 -1.54
C LYS K 182 19.54 -45.14 -2.44
N ARG K 183 19.98 -46.39 -2.51
CA ARG K 183 20.98 -46.72 -3.52
C ARG K 183 20.36 -46.77 -4.91
N ASN K 184 19.07 -47.04 -4.99
CA ASN K 184 18.34 -47.02 -6.24
C ASN K 184 16.89 -46.70 -5.94
N ILE K 185 16.22 -46.03 -6.87
CA ILE K 185 14.90 -45.50 -6.60
C ILE K 185 13.93 -45.87 -7.69
N TYR K 186 12.66 -45.68 -7.40
CA TYR K 186 11.55 -45.90 -8.31
C TYR K 186 10.86 -44.57 -8.59
N PHE K 187 10.64 -44.28 -9.87
CA PHE K 187 10.22 -42.95 -10.29
C PHE K 187 9.03 -43.08 -11.23
N HIS K 188 7.89 -42.54 -10.83
CA HIS K 188 6.71 -42.65 -11.68
C HIS K 188 5.88 -41.37 -11.57
N LYS K 189 5.35 -40.94 -12.71
CA LYS K 189 4.51 -39.75 -12.77
C LYS K 189 3.41 -39.98 -13.79
N PHE K 190 2.27 -39.36 -13.57
CA PHE K 190 1.15 -39.45 -14.50
C PHE K 190 0.51 -38.08 -14.60
N THR K 191 0.45 -37.52 -15.80
CA THR K 191 -0.02 -36.15 -15.98
C THR K 191 -0.98 -36.07 -17.15
N SER K 192 -2.21 -35.66 -16.88
CA SER K 192 -3.22 -35.51 -17.92
C SER K 192 -3.34 -34.08 -18.44
N GLY K 193 -2.70 -33.12 -17.78
CA GLY K 193 -3.05 -31.73 -18.04
C GLY K 193 -2.62 -31.25 -19.42
N LEU K 194 -1.45 -31.69 -19.87
CA LEU K 194 -0.83 -31.09 -21.04
C LEU K 194 -1.66 -31.34 -22.29
N GLY K 195 -1.38 -30.55 -23.31
CA GLY K 195 -1.90 -30.83 -24.63
C GLY K 195 -0.92 -30.28 -25.65
N VAL K 196 -0.90 -30.91 -26.81
CA VAL K 196 0.13 -30.65 -27.82
C VAL K 196 -0.52 -30.87 -29.18
N ARG K 197 -0.13 -30.06 -30.15
CA ARG K 197 -0.67 -30.15 -31.49
C ARG K 197 0.48 -30.20 -32.49
N THR K 198 0.54 -31.28 -33.24
CA THR K 198 1.64 -31.51 -34.16
C THR K 198 1.12 -31.53 -35.58
N GLN K 199 2.01 -31.22 -36.53
CA GLN K 199 1.70 -31.37 -37.94
C GLN K 199 2.87 -32.03 -38.64
N TRP K 200 2.58 -33.05 -39.42
CA TRP K 200 3.57 -33.92 -40.01
C TRP K 200 3.73 -33.63 -41.49
N LYS K 201 4.93 -33.83 -42.00
CA LYS K 201 5.16 -33.65 -43.43
C LYS K 201 4.60 -34.82 -44.20
N ASN K 202 4.89 -34.85 -45.49
CA ASN K 202 4.38 -35.89 -46.37
C ASN K 202 4.93 -37.26 -46.01
N VAL K 203 6.23 -37.36 -45.73
CA VAL K 203 6.91 -38.65 -45.68
C VAL K 203 6.24 -39.57 -44.67
N THR K 204 6.17 -40.86 -45.01
CA THR K 204 5.58 -41.84 -44.12
C THR K 204 6.41 -42.13 -42.89
N ASP K 205 7.64 -41.66 -42.84
CA ASP K 205 8.52 -41.94 -41.72
C ASP K 205 8.00 -41.28 -40.45
N GLY K 206 8.42 -41.83 -39.31
CA GLY K 206 8.12 -41.25 -38.02
C GLY K 206 9.30 -40.61 -37.32
N GLY K 207 10.40 -40.36 -38.02
CA GLY K 207 11.58 -39.82 -37.39
C GLY K 207 11.44 -38.35 -37.05
N VAL K 208 12.57 -37.77 -36.67
CA VAL K 208 12.58 -36.37 -36.25
C VAL K 208 12.50 -35.44 -37.46
N GLY K 209 13.05 -35.87 -38.59
CA GLY K 209 13.04 -35.01 -39.76
C GLY K 209 11.67 -34.83 -40.37
N ALA K 210 10.69 -35.61 -39.93
CA ALA K 210 9.40 -35.59 -40.60
C ALA K 210 8.39 -34.67 -39.91
N ILE K 211 8.78 -34.01 -38.83
CA ILE K 211 7.82 -33.21 -38.08
C ILE K 211 7.97 -31.75 -38.46
N GLN K 212 6.86 -31.14 -38.85
CA GLN K 212 6.90 -29.73 -39.25
C GLN K 212 6.83 -28.80 -38.06
N ARG K 213 5.96 -29.08 -37.09
CA ARG K 213 5.82 -28.25 -35.91
C ARG K 213 5.51 -29.10 -34.70
N GLY K 214 5.74 -28.52 -33.53
CA GLY K 214 5.32 -29.11 -32.27
C GLY K 214 6.00 -30.38 -31.86
N ALA K 215 7.33 -30.40 -31.81
CA ALA K 215 8.02 -31.57 -31.31
C ALA K 215 7.83 -31.66 -29.80
N LEU K 216 8.36 -32.72 -29.21
CA LEU K 216 8.30 -32.89 -27.76
C LEU K 216 9.54 -33.64 -27.34
N TYR K 217 10.13 -33.25 -26.21
CA TYR K 217 11.40 -33.82 -25.81
C TYR K 217 11.40 -34.21 -24.35
N MET K 218 12.14 -35.26 -24.04
CA MET K 218 12.38 -35.71 -22.68
C MET K 218 13.85 -35.52 -22.36
N VAL K 219 14.15 -34.72 -21.35
CA VAL K 219 15.53 -34.37 -21.03
C VAL K 219 15.86 -34.86 -19.63
N ILE K 220 16.97 -35.57 -19.50
CA ILE K 220 17.46 -36.06 -18.22
C ILE K 220 18.81 -35.42 -17.96
N ALA K 221 19.03 -35.00 -16.72
CA ALA K 221 20.32 -34.50 -16.34
C ALA K 221 20.67 -35.09 -14.99
N PRO K 222 21.92 -35.45 -14.78
CA PRO K 222 22.31 -36.12 -13.53
C PRO K 222 22.67 -35.08 -12.47
N GLY K 223 22.98 -35.59 -11.29
CA GLY K 223 23.47 -34.76 -10.21
C GLY K 223 24.91 -34.39 -10.45
N ASN K 224 25.61 -34.02 -9.38
CA ASN K 224 27.01 -33.63 -9.53
C ASN K 224 27.87 -34.88 -9.65
N GLY K 225 28.52 -35.03 -10.79
CA GLY K 225 29.44 -36.13 -11.00
C GLY K 225 28.85 -37.51 -10.83
N LEU K 226 27.53 -37.64 -10.80
CA LEU K 226 26.90 -38.93 -10.53
C LEU K 226 26.15 -39.40 -11.78
N THR K 227 26.73 -40.35 -12.50
CA THR K 227 26.08 -40.99 -13.64
C THR K 227 25.19 -42.13 -13.17
N PHE K 228 24.20 -42.47 -14.00
CA PHE K 228 23.38 -43.64 -13.71
C PHE K 228 22.79 -44.17 -15.01
N THR K 229 21.95 -45.18 -14.90
CA THR K 229 21.25 -45.78 -16.03
C THR K 229 19.78 -45.89 -15.68
N ALA K 230 18.98 -46.42 -16.61
CA ALA K 230 17.55 -46.47 -16.42
C ALA K 230 16.99 -47.74 -17.03
N HIS K 231 15.81 -48.12 -16.56
CA HIS K 231 15.06 -49.22 -17.13
C HIS K 231 13.59 -48.91 -16.93
N GLY K 232 12.78 -49.22 -17.91
CA GLY K 232 11.35 -49.01 -17.76
C GLY K 232 10.69 -48.79 -19.12
N GLN K 233 9.50 -48.20 -19.06
CA GLN K 233 8.72 -48.00 -20.27
C GLN K 233 7.75 -46.85 -20.04
N THR K 234 7.29 -46.27 -21.13
CA THR K 234 6.35 -45.15 -21.07
C THR K 234 5.18 -45.41 -22.00
N ARG K 235 4.15 -44.59 -21.87
CA ARG K 235 2.99 -44.67 -22.73
C ARG K 235 2.49 -43.27 -23.06
N LEU K 236 1.89 -43.15 -24.24
CA LEU K 236 1.28 -41.90 -24.67
C LEU K 236 -0.15 -42.18 -25.10
N TYR K 237 -0.96 -41.13 -25.11
CA TYR K 237 -2.36 -41.25 -25.48
C TYR K 237 -2.69 -40.13 -26.44
N PHE K 238 -3.06 -40.48 -27.68
CA PHE K 238 -3.33 -39.47 -28.69
C PHE K 238 -4.47 -39.93 -29.57
N LYS K 239 -4.86 -39.06 -30.50
CA LYS K 239 -5.96 -39.38 -31.40
C LYS K 239 -5.81 -38.63 -32.71
N SER K 240 -5.61 -39.36 -33.79
CA SER K 240 -5.42 -38.73 -35.09
C SER K 240 -6.61 -37.86 -35.43
N VAL K 241 -6.37 -36.74 -36.10
CA VAL K 241 -7.45 -35.84 -36.46
C VAL K 241 -7.10 -35.01 -37.69
N GLY K 242 -8.08 -34.77 -38.56
CA GLY K 242 -7.83 -33.92 -39.70
C GLY K 242 -8.34 -34.40 -41.05
N ASN K 243 -7.91 -33.75 -42.13
CA ASN K 243 -8.33 -34.15 -43.46
C ASN K 243 -9.78 -34.59 -43.47
N ARG M 30 -10.33 25.41 15.49
CA ARG M 30 -11.57 25.04 14.82
C ARG M 30 -11.29 24.20 13.57
N ALA M 31 -10.81 24.84 12.51
CA ALA M 31 -10.45 24.11 11.31
C ALA M 31 -9.26 23.20 11.56
N GLY M 32 -8.26 23.72 12.26
CA GLY M 32 -6.96 23.12 12.55
C GLY M 32 -6.60 22.66 13.96
N SER M 33 -7.52 22.10 14.73
CA SER M 33 -7.23 21.77 16.13
C SER M 33 -7.08 20.28 16.44
N LYS M 34 -8.19 19.56 16.48
CA LYS M 34 -8.18 18.13 16.81
C LYS M 34 -8.13 17.90 18.32
N ALA M 35 -8.15 18.97 19.11
CA ALA M 35 -8.20 18.81 20.56
C ALA M 35 -9.18 19.82 21.12
N ASP M 36 -10.18 19.37 21.86
CA ASP M 36 -11.22 20.29 22.33
C ASP M 36 -11.61 20.15 23.80
N ARG M 37 -12.42 19.16 24.13
CA ARG M 37 -12.89 18.99 25.51
C ARG M 37 -11.85 19.41 26.53
N PRO M 38 -10.62 18.90 26.42
CA PRO M 38 -9.58 19.35 27.34
C PRO M 38 -8.70 20.41 26.69
N SER M 39 -7.93 21.13 27.51
CA SER M 39 -7.01 22.12 26.98
C SER M 39 -5.76 21.44 26.45
N LEU M 40 -4.83 22.21 25.92
CA LEU M 40 -3.61 21.65 25.37
C LEU M 40 -2.41 22.09 26.16
N GLN M 41 -1.49 21.18 26.43
CA GLN M 41 -0.28 21.52 27.15
C GLN M 41 0.43 22.67 26.43
N ILE M 42 1.19 23.44 27.19
CA ILE M 42 1.81 24.66 26.66
C ILE M 42 3.28 24.67 27.02
N GLN M 43 4.13 24.64 26.02
CA GLN M 43 5.56 24.84 26.19
C GLN M 43 5.93 26.23 25.70
N THR M 44 6.81 26.90 26.42
CA THR M 44 7.22 28.24 26.07
C THR M 44 8.72 28.30 25.86
N LEU M 45 9.15 29.30 25.10
CA LEU M 45 10.56 29.57 24.86
C LEU M 45 10.83 31.04 25.11
N GLN M 46 11.92 31.31 25.81
CA GLN M 46 12.23 32.66 26.26
C GLN M 46 13.55 33.08 25.64
N HIS M 47 13.51 34.06 24.77
CA HIS M 47 14.72 34.63 24.17
C HIS M 47 14.78 36.10 24.56
N ALA M 48 15.74 36.44 25.42
CA ALA M 48 15.88 37.79 25.93
C ALA M 48 17.08 37.82 26.85
N GLY M 49 17.55 39.04 27.14
CA GLY M 49 18.67 39.19 28.03
C GLY M 49 19.91 38.56 27.43
N THR M 50 20.61 37.74 28.23
CA THR M 50 21.85 37.15 27.76
C THR M 50 21.62 36.21 26.59
N THR M 51 20.43 35.62 26.49
CA THR M 51 20.08 34.77 25.37
C THR M 51 19.18 35.57 24.45
N MET M 52 19.74 35.98 23.32
CA MET M 52 18.99 36.67 22.28
C MET M 52 19.45 36.12 20.95
N ILE M 53 18.53 35.93 20.03
CA ILE M 53 18.90 35.42 18.72
C ILE M 53 19.65 36.52 17.99
N THR M 54 20.86 36.21 17.55
CA THR M 54 21.65 37.11 16.72
C THR M 54 21.90 36.44 15.38
N VAL M 55 21.64 37.17 14.31
CA VAL M 55 21.66 36.58 12.98
C VAL M 55 22.87 37.14 12.23
N PRO M 56 23.91 36.36 12.02
CA PRO M 56 24.96 36.73 11.09
C PRO M 56 24.49 36.52 9.66
N SER M 57 25.22 37.15 8.74
CA SER M 57 24.93 36.96 7.33
C SER M 57 25.03 35.48 6.98
N GLY M 58 24.00 34.97 6.30
CA GLY M 58 23.95 33.58 5.92
C GLY M 58 22.97 32.75 6.72
N GLY M 59 22.25 33.34 7.66
CA GLY M 59 21.18 32.63 8.34
C GLY M 59 21.65 31.86 9.55
N VAL M 60 20.67 31.35 10.30
CA VAL M 60 20.93 30.56 11.49
C VAL M 60 19.81 29.55 11.65
N CYS M 61 20.16 28.36 12.14
CA CYS M 61 19.22 27.26 12.33
C CYS M 61 18.99 27.03 13.81
N ASP M 62 17.78 26.58 14.13
CA ASP M 62 17.46 26.27 15.52
C ASP M 62 16.27 25.32 15.54
N LEU M 63 16.12 24.63 16.66
CA LEU M 63 15.06 23.65 16.85
C LEU M 63 14.17 24.11 17.98
N ILE M 64 12.89 24.32 17.67
CA ILE M 64 11.94 24.85 18.64
C ILE M 64 11.11 23.76 19.31
N ASN M 65 11.34 22.51 18.99
CA ASN M 65 10.42 21.44 19.36
C ASN M 65 10.82 20.73 20.65
N THR M 66 11.84 21.20 21.35
CA THR M 66 12.38 20.47 22.50
C THR M 66 11.32 20.23 23.56
N TYR M 67 11.17 18.97 23.97
CA TYR M 67 10.29 18.58 25.06
C TYR M 67 11.05 17.66 25.98
N ALA M 68 11.25 18.07 27.23
CA ALA M 68 11.79 17.14 28.20
C ALA M 68 10.73 16.14 28.62
N ARG M 69 11.16 15.00 29.16
CA ARG M 69 10.23 14.01 29.69
C ARG M 69 10.26 14.08 31.21
N GLY M 70 9.08 14.05 31.82
CA GLY M 70 9.02 14.09 33.27
C GLY M 70 7.61 14.37 33.75
N SER M 71 7.54 14.77 35.02
CA SER M 71 6.28 15.03 35.68
C SER M 71 5.71 16.40 35.37
N ASP M 72 6.57 17.38 35.07
CA ASP M 72 6.14 18.77 35.00
C ASP M 72 5.15 18.97 33.85
N GLU M 73 4.35 20.02 33.92
CA GLU M 73 3.34 20.17 32.89
C GLU M 73 3.91 20.61 31.56
N GLY M 74 5.09 21.25 31.54
CA GLY M 74 5.69 21.58 30.27
C GLY M 74 6.39 20.40 29.64
N ASN M 75 6.56 19.32 30.39
CA ASN M 75 7.22 18.15 29.87
C ASN M 75 6.24 17.30 29.09
N ARG M 76 6.74 16.21 28.53
CA ARG M 76 5.89 15.25 27.84
C ARG M 76 5.69 14.02 28.72
N HIS M 77 4.87 13.10 28.23
CA HIS M 77 4.55 11.89 28.99
C HIS M 77 4.93 10.65 28.21
N THR M 78 4.26 10.37 27.10
CA THR M 78 4.57 9.21 26.29
C THR M 78 5.73 9.54 25.36
N SER M 79 5.97 8.68 24.38
CA SER M 79 7.03 8.89 23.40
C SER M 79 6.53 9.52 22.11
N GLU M 80 5.25 9.85 22.01
CA GLU M 80 4.69 10.38 20.78
C GLU M 80 3.85 11.61 21.09
N THR M 81 4.05 12.67 20.30
CA THR M 81 3.37 13.94 20.52
C THR M 81 2.81 14.47 19.20
N LEU M 82 1.88 15.41 19.32
CA LEU M 82 1.29 16.09 18.17
C LEU M 82 1.20 17.57 18.48
N THR M 83 1.83 18.39 17.64
CA THR M 83 1.74 19.83 17.79
C THR M 83 0.65 20.37 16.87
N TYR M 84 -0.06 21.38 17.34
CA TYR M 84 -1.18 21.94 16.59
C TYR M 84 -0.98 23.40 16.26
N LYS M 85 -0.98 24.27 17.25
CA LYS M 85 -0.89 25.71 17.04
C LYS M 85 0.46 26.23 17.48
N ILE M 86 0.88 27.33 16.86
CA ILE M 86 2.13 27.98 17.21
C ILE M 86 1.96 29.48 17.08
N ALA M 87 2.49 30.20 18.06
CA ALA M 87 2.39 31.65 18.12
C ALA M 87 3.78 32.25 18.28
N ILE M 88 4.00 33.41 17.66
CA ILE M 88 5.33 33.99 17.55
C ILE M 88 5.23 35.49 17.79
N ASP M 89 6.07 36.02 18.69
CA ASP M 89 6.14 37.44 18.96
C ASP M 89 7.60 37.85 19.11
N TYR M 90 8.01 38.89 18.40
CA TYR M 90 9.39 39.32 18.46
C TYR M 90 9.52 40.79 18.16
N HIS M 91 10.68 41.33 18.54
CA HIS M 91 11.06 42.70 18.28
C HIS M 91 12.41 42.68 17.58
N PHE M 92 12.44 43.09 16.32
CA PHE M 92 13.69 43.12 15.58
C PHE M 92 14.29 44.51 15.64
N VAL M 93 15.61 44.57 15.75
CA VAL M 93 16.31 45.85 15.77
C VAL M 93 17.64 45.70 15.07
N ALA M 94 18.02 46.71 14.30
CA ALA M 94 19.24 46.65 13.53
C ALA M 94 20.46 46.67 14.44
N ASP M 95 21.58 46.22 13.90
CA ASP M 95 22.84 46.14 14.62
C ASP M 95 23.67 47.39 14.37
N ALA M 96 24.38 47.82 15.41
CA ALA M 96 25.19 49.04 15.31
C ALA M 96 26.21 48.92 14.19
N ALA M 97 26.70 47.71 13.91
CA ALA M 97 27.63 47.53 12.81
C ALA M 97 26.98 47.87 11.48
N ALA M 98 25.75 47.41 11.27
CA ALA M 98 25.06 47.67 10.01
C ALA M 98 24.47 49.07 9.97
N CYS M 99 24.32 49.72 11.11
CA CYS M 99 23.80 51.08 11.11
C CYS M 99 24.77 52.06 10.47
N ARG M 100 26.00 51.65 10.17
CA ARG M 100 26.92 52.52 9.47
C ARG M 100 26.40 52.87 8.09
N TYR M 101 26.19 51.85 7.26
CA TYR M 101 25.70 52.03 5.90
C TYR M 101 24.21 52.38 5.92
N SER M 102 23.75 52.99 4.84
CA SER M 102 22.32 53.24 4.65
C SER M 102 21.85 52.44 3.43
N ASN M 103 21.08 51.39 3.67
CA ASN M 103 20.47 50.64 2.59
C ASN M 103 19.30 49.84 3.13
N THR M 104 18.43 49.43 2.22
CA THR M 104 17.26 48.65 2.57
C THR M 104 17.58 47.17 2.45
N GLY M 105 16.56 46.33 2.56
CA GLY M 105 16.75 44.90 2.43
C GLY M 105 15.47 44.17 2.75
N THR M 106 15.51 42.86 2.59
CA THR M 106 14.35 42.03 2.87
C THR M 106 14.79 40.72 3.50
N GLY M 107 14.13 40.35 4.60
CA GLY M 107 14.41 39.12 5.30
C GLY M 107 13.33 38.08 5.07
N VAL M 108 13.62 36.86 5.50
CA VAL M 108 12.71 35.74 5.35
C VAL M 108 12.76 34.88 6.59
N MET M 109 11.63 34.31 6.98
CA MET M 109 11.58 33.33 8.06
C MET M 109 10.86 32.09 7.58
N TRP M 110 11.60 31.01 7.38
CA TRP M 110 11.01 29.72 7.06
C TRP M 110 10.60 28.98 8.32
N LEU M 111 9.67 28.05 8.15
CA LEU M 111 9.36 27.06 9.18
C LEU M 111 9.43 25.70 8.53
N VAL M 112 10.43 24.90 8.90
CA VAL M 112 10.83 23.73 8.12
C VAL M 112 10.59 22.47 8.92
N TYR M 113 10.15 21.41 8.25
CA TYR M 113 9.78 20.15 8.87
C TYR M 113 10.65 19.03 8.31
N ASP M 114 11.47 18.46 9.17
CA ASP M 114 12.38 17.38 8.79
C ASP M 114 11.75 16.04 9.09
N THR M 115 11.72 15.17 8.10
CA THR M 115 11.21 13.82 8.31
C THR M 115 12.25 12.92 8.93
N THR M 116 13.49 12.98 8.46
CA THR M 116 14.54 12.05 8.87
C THR M 116 15.68 12.83 9.51
N PRO M 117 15.62 13.08 10.80
CA PRO M 117 16.71 13.79 11.47
C PRO M 117 17.98 12.96 11.50
N GLY M 118 19.08 13.61 11.84
CA GLY M 118 20.36 12.94 11.96
C GLY M 118 21.16 13.57 13.08
N GLY M 119 22.27 12.92 13.40
CA GLY M 119 23.07 13.37 14.53
C GLY M 119 23.52 14.81 14.41
N GLN M 120 24.19 15.13 13.30
CA GLN M 120 24.67 16.48 13.08
C GLN M 120 23.51 17.45 12.91
N ALA M 121 23.61 18.60 13.55
CA ALA M 121 22.60 19.62 13.38
C ALA M 121 22.76 20.31 12.02
N PRO M 122 21.69 20.47 11.25
CA PRO M 122 21.84 21.02 9.90
C PRO M 122 22.09 22.52 9.93
N THR M 123 22.72 23.00 8.87
CA THR M 123 22.94 24.42 8.63
C THR M 123 22.20 24.83 7.36
N PRO M 124 21.78 26.10 7.25
CA PRO M 124 21.04 26.51 6.05
C PRO M 124 21.74 26.16 4.76
N GLN M 125 23.08 26.17 4.76
CA GLN M 125 23.82 25.79 3.56
C GLN M 125 23.43 24.40 3.09
N THR M 126 23.10 23.50 4.01
CA THR M 126 22.76 22.14 3.63
C THR M 126 21.31 22.06 3.14
N ILE M 127 20.39 22.74 3.83
CA ILE M 127 18.99 22.62 3.49
C ILE M 127 18.72 23.22 2.11
N PHE M 128 19.09 24.47 1.92
CA PHE M 128 19.00 25.12 0.62
C PHE M 128 20.39 25.05 0.00
N ALA M 129 20.46 24.66 -1.26
CA ALA M 129 21.74 24.68 -1.96
C ALA M 129 21.76 25.93 -2.80
N TYR M 130 22.50 26.93 -2.36
CA TYR M 130 22.53 28.22 -3.01
C TYR M 130 23.94 28.52 -3.49
N PRO M 131 24.15 28.72 -4.79
CA PRO M 131 25.47 29.13 -5.26
C PRO M 131 25.91 30.40 -4.56
N ASP M 132 27.21 30.46 -4.24
CA ASP M 132 27.73 31.45 -3.32
C ASP M 132 27.45 32.88 -3.76
N THR M 133 27.15 33.10 -5.03
CA THR M 133 26.85 34.44 -5.50
C THR M 133 25.47 34.92 -5.05
N LEU M 134 24.57 34.01 -4.70
CA LEU M 134 23.25 34.39 -4.22
C LEU M 134 23.17 34.47 -2.70
N LYS M 135 24.30 34.34 -2.00
CA LYS M 135 24.27 34.44 -0.55
C LYS M 135 23.58 35.70 -0.09
N ALA M 136 23.74 36.79 -0.84
CA ALA M 136 23.26 38.08 -0.35
C ALA M 136 21.74 38.10 -0.23
N TRP M 137 21.03 37.48 -1.17
CA TRP M 137 19.59 37.68 -1.22
C TRP M 137 18.87 36.38 -0.88
N PRO M 138 18.29 36.26 0.31
CA PRO M 138 17.65 35.00 0.67
C PRO M 138 16.37 34.73 -0.10
N ALA M 139 15.60 35.77 -0.42
CA ALA M 139 14.25 35.57 -0.89
C ALA M 139 14.19 34.75 -2.17
N THR M 140 15.31 34.55 -2.83
CA THR M 140 15.34 33.79 -4.07
C THR M 140 15.67 32.32 -3.85
N TRP M 141 15.94 31.90 -2.62
CA TRP M 141 16.34 30.52 -2.38
C TRP M 141 15.15 29.59 -2.54
N LYS M 142 15.44 28.36 -2.95
CA LYS M 142 14.45 27.30 -2.99
C LYS M 142 15.04 26.06 -2.36
N VAL M 143 14.17 25.16 -1.89
CA VAL M 143 14.65 23.96 -1.24
C VAL M 143 15.43 23.12 -2.26
N SER M 144 16.55 22.58 -1.82
CA SER M 144 17.41 21.82 -2.72
C SER M 144 16.68 20.60 -3.24
N ARG M 145 17.03 20.21 -4.47
CA ARG M 145 16.23 19.21 -5.18
C ARG M 145 16.60 17.80 -4.76
N GLU M 146 17.86 17.51 -4.44
CA GLU M 146 18.21 16.14 -4.04
C GLU M 146 17.42 15.73 -2.80
N LEU M 147 17.21 16.67 -1.90
CA LEU M 147 16.59 16.44 -0.61
C LEU M 147 15.08 16.54 -0.67
N CYS M 148 14.51 16.63 -1.87
CA CYS M 148 13.13 17.07 -2.04
C CYS M 148 12.14 16.25 -1.24
N HIS M 149 12.50 15.00 -0.90
CA HIS M 149 11.62 14.15 -0.11
C HIS M 149 11.98 14.14 1.37
N ARG M 150 13.00 14.89 1.78
CA ARG M 150 13.38 14.94 3.18
C ARG M 150 12.83 16.17 3.89
N PHE M 151 13.25 17.35 3.48
CA PHE M 151 12.80 18.59 4.07
C PHE M 151 11.61 19.15 3.32
N VAL M 152 10.70 19.77 4.06
CA VAL M 152 9.54 20.41 3.45
C VAL M 152 9.19 21.64 4.28
N VAL M 153 8.80 22.71 3.59
CA VAL M 153 8.55 24.00 4.23
C VAL M 153 7.04 24.17 4.38
N LYS M 154 6.57 24.24 5.62
CA LYS M 154 5.14 24.34 5.83
C LYS M 154 4.66 25.78 5.97
N ARG M 155 5.56 26.75 6.14
CA ARG M 155 5.19 28.15 6.20
C ARG M 155 6.37 29.00 5.74
N ARG M 156 6.05 30.18 5.23
CA ARG M 156 7.08 31.11 4.80
C ARG M 156 6.55 32.53 5.00
N TRP M 157 7.41 33.42 5.47
CA TRP M 157 6.99 34.79 5.68
C TRP M 157 8.08 35.75 5.23
N LEU M 158 7.69 37.01 5.09
CA LEU M 158 8.57 38.05 4.59
C LEU M 158 8.49 39.26 5.49
N PHE M 159 9.59 40.00 5.54
CA PHE M 159 9.59 41.29 6.23
C PHE M 159 10.74 42.10 5.67
N ASN M 160 10.69 43.40 5.91
CA ASN M 160 11.70 44.29 5.36
C ASN M 160 12.06 45.38 6.35
N MET M 161 13.33 45.75 6.35
CA MET M 161 13.87 46.75 7.26
C MET M 161 14.70 47.73 6.45
N GLU M 162 14.87 48.93 7.00
CA GLU M 162 15.72 49.90 6.33
C GLU M 162 16.39 50.77 7.38
N THR M 163 17.63 51.13 7.13
CA THR M 163 18.42 51.93 8.06
C THR M 163 18.95 53.15 7.34
N ASP M 164 18.76 54.32 7.96
CA ASP M 164 19.19 55.58 7.36
C ASP M 164 20.65 55.89 7.62
N GLY M 165 21.38 55.00 8.30
CA GLY M 165 22.75 55.27 8.62
C GLY M 165 22.93 56.08 9.87
N ARG M 166 21.99 56.00 10.80
CA ARG M 166 22.07 56.78 12.03
C ARG M 166 21.57 55.94 13.19
N ILE M 167 22.38 55.81 14.24
CA ILE M 167 21.93 55.10 15.43
C ILE M 167 20.91 55.95 16.17
N GLY M 168 20.14 55.30 17.03
CA GLY M 168 19.08 55.99 17.74
C GLY M 168 19.49 56.63 19.05
N SER M 169 20.76 56.56 19.42
CA SER M 169 21.21 57.01 20.73
C SER M 169 21.77 58.44 20.72
N ASP M 170 21.83 59.08 19.56
CA ASP M 170 22.49 60.37 19.45
C ASP M 170 21.49 61.46 19.11
N ILE M 171 21.84 62.69 19.49
CA ILE M 171 20.93 63.83 19.41
C ILE M 171 21.12 64.54 18.08
N PRO M 172 20.04 64.90 17.39
CA PRO M 172 20.17 65.68 16.16
C PRO M 172 20.66 67.08 16.45
N PRO M 173 21.27 67.75 15.48
CA PRO M 173 21.56 69.18 15.65
C PRO M 173 20.30 70.01 15.56
N SER M 174 20.39 71.22 16.10
CA SER M 174 19.22 72.11 16.11
C SER M 174 18.82 72.56 14.71
N ASN M 175 19.62 72.27 13.69
CA ASN M 175 19.31 72.75 12.35
C ASN M 175 18.24 71.90 11.66
N ALA M 176 18.32 70.58 11.78
CA ALA M 176 17.47 69.70 10.99
C ALA M 176 16.97 68.53 11.82
N SER M 177 16.00 67.80 11.28
CA SER M 177 15.43 66.63 11.93
C SER M 177 15.48 65.45 10.96
N TRP M 178 14.95 64.32 11.39
CA TRP M 178 14.90 63.13 10.54
C TRP M 178 13.62 62.35 10.81
N LYS M 179 13.08 61.74 9.75
CA LYS M 179 11.97 60.81 9.90
C LYS M 179 12.53 59.40 9.79
N PRO M 180 12.63 58.66 10.87
CA PRO M 180 13.23 57.32 10.79
C PRO M 180 12.19 56.22 10.62
N CYS M 181 11.58 56.11 9.46
CA CYS M 181 10.61 55.05 9.23
C CYS M 181 11.28 53.69 9.34
N LYS M 182 10.66 52.80 10.10
CA LYS M 182 11.00 51.39 10.09
C LYS M 182 12.45 51.13 10.47
N ARG M 183 12.93 51.83 11.49
CA ARG M 183 14.25 51.47 12.02
C ARG M 183 14.18 50.17 12.80
N ASN M 184 13.02 49.84 13.34
CA ASN M 184 12.80 48.58 14.03
C ASN M 184 11.33 48.24 13.92
N ILE M 185 11.02 46.94 13.90
CA ILE M 185 9.67 46.51 13.57
C ILE M 185 9.18 45.49 14.59
N TYR M 186 7.88 45.26 14.55
CA TYR M 186 7.20 44.29 15.38
C TYR M 186 6.62 43.20 14.48
N PHE M 187 6.86 41.95 14.84
CA PHE M 187 6.58 40.82 13.96
C PHE M 187 5.84 39.76 14.72
N HIS M 188 4.60 39.46 14.31
CA HIS M 188 3.82 38.47 15.03
C HIS M 188 2.98 37.68 14.05
N LYS M 189 2.88 36.38 14.27
CA LYS M 189 2.07 35.50 13.45
C LYS M 189 1.43 34.44 14.33
N PHE M 190 0.27 33.96 13.92
CA PHE M 190 -0.42 32.91 14.65
C PHE M 190 -1.04 31.97 13.63
N THR M 191 -0.67 30.69 13.69
CA THR M 191 -1.09 29.74 12.66
C THR M 191 -1.54 28.44 13.31
N SER M 192 -2.81 28.09 13.09
CA SER M 192 -3.38 26.86 13.63
C SER M 192 -3.35 25.71 12.63
N GLY M 193 -3.04 25.96 11.37
CA GLY M 193 -3.31 24.97 10.35
C GLY M 193 -2.43 23.74 10.46
N LEU M 194 -1.15 23.94 10.79
CA LEU M 194 -0.17 22.88 10.65
C LEU M 194 -0.47 21.74 11.60
N GLY M 195 0.12 20.59 11.29
CA GLY M 195 0.15 19.49 12.24
C GLY M 195 1.40 18.69 12.00
N VAL M 196 1.88 18.06 13.07
CA VAL M 196 3.19 17.41 13.07
C VAL M 196 3.10 16.21 14.00
N ARG M 197 3.78 15.13 13.64
CA ARG M 197 3.77 13.90 14.42
C ARG M 197 5.20 13.48 14.67
N THR M 198 5.59 13.40 15.94
CA THR M 198 6.95 13.10 16.31
C THR M 198 6.99 11.78 17.06
N GLN M 199 8.15 11.12 17.03
CA GLN M 199 8.39 9.95 17.85
C GLN M 199 9.75 10.06 18.49
N TRP M 200 9.81 9.82 19.79
CA TRP M 200 10.98 10.07 20.60
C TRP M 200 11.66 8.76 20.96
N LYS M 201 12.97 8.81 21.12
CA LYS M 201 13.69 7.63 21.54
C LYS M 201 13.50 7.40 23.04
N ASN M 202 14.25 6.43 23.56
CA ASN M 202 14.13 6.07 24.97
C ASN M 202 14.55 7.20 25.89
N VAL M 203 15.67 7.86 25.58
CA VAL M 203 16.32 8.75 26.54
C VAL M 203 15.36 9.82 27.03
N THR M 204 15.47 10.15 28.32
CA THR M 204 14.62 11.17 28.93
C THR M 204 14.96 12.58 28.46
N ASP M 205 16.07 12.76 27.75
CA ASP M 205 16.49 14.08 27.33
C ASP M 205 15.52 14.64 26.30
N GLY M 206 15.50 15.97 26.20
CA GLY M 206 14.74 16.67 25.17
C GLY M 206 15.56 17.27 24.06
N GLY M 207 16.82 16.92 23.93
CA GLY M 207 17.67 17.53 22.93
C GLY M 207 17.36 17.05 21.52
N VAL M 208 18.26 17.41 20.61
CA VAL M 208 18.06 17.08 19.20
C VAL M 208 18.40 15.61 18.95
N GLY M 209 19.34 15.06 19.71
CA GLY M 209 19.73 13.69 19.48
C GLY M 209 18.67 12.68 19.87
N ALA M 210 17.63 13.12 20.57
CA ALA M 210 16.67 12.18 21.11
C ALA M 210 15.45 11.98 20.21
N ILE M 211 15.39 12.67 19.08
CA ILE M 211 14.19 12.59 18.26
C ILE M 211 14.41 11.63 17.11
N GLN M 212 13.51 10.66 16.97
CA GLN M 212 13.66 9.66 15.92
C GLN M 212 13.11 10.16 14.59
N ARG M 213 11.95 10.82 14.60
CA ARG M 213 11.36 11.34 13.38
C ARG M 213 10.66 12.66 13.65
N GLY M 214 10.43 13.41 12.58
CA GLY M 214 9.59 14.59 12.61
C GLY M 214 10.13 15.76 13.41
N ALA M 215 11.34 16.20 13.11
CA ALA M 215 11.83 17.40 13.78
C ALA M 215 11.11 18.63 13.23
N LEU M 216 11.43 19.79 13.79
CA LEU M 216 10.85 21.03 13.31
C LEU M 216 11.87 22.13 13.52
N TYR M 217 11.99 23.03 12.55
CA TYR M 217 13.04 24.02 12.61
C TYR M 217 12.52 25.41 12.30
N MET M 218 13.14 26.40 12.92
CA MET M 218 12.87 27.81 12.67
C MET M 218 14.13 28.41 12.06
N VAL M 219 14.00 28.95 10.86
CA VAL M 219 15.15 29.46 10.12
C VAL M 219 14.97 30.94 9.85
N ILE M 220 15.97 31.73 10.19
CA ILE M 220 15.98 33.16 9.95
C ILE M 220 17.12 33.49 9.00
N ALA M 221 16.85 34.37 8.04
CA ALA M 221 17.90 34.82 7.15
C ALA M 221 17.74 36.32 7.00
N PRO M 222 18.84 37.06 6.96
CA PRO M 222 18.77 38.51 6.91
C PRO M 222 18.67 38.98 5.47
N GLY M 223 18.56 40.29 5.32
CA GLY M 223 18.59 40.92 4.01
C GLY M 223 20.01 40.98 3.51
N ASN M 224 20.24 41.88 2.56
CA ASN M 224 21.58 42.00 2.01
C ASN M 224 22.47 42.77 2.97
N GLY M 225 23.50 42.12 3.46
CA GLY M 225 24.48 42.76 4.33
C GLY M 225 23.91 43.39 5.57
N LEU M 226 22.67 43.08 5.96
CA LEU M 226 22.05 43.74 7.09
C LEU M 226 21.82 42.72 8.20
N THR M 227 22.66 42.76 9.23
CA THR M 227 22.49 41.94 10.42
C THR M 227 21.53 42.61 11.40
N PHE M 228 20.93 41.80 12.27
CA PHE M 228 20.10 42.36 13.33
C PHE M 228 20.06 41.37 14.50
N THR M 229 19.26 41.70 15.51
CA THR M 229 19.05 40.85 16.67
C THR M 229 17.55 40.75 16.93
N ALA M 230 17.17 40.00 17.95
CA ALA M 230 15.77 39.76 18.21
C ALA M 230 15.52 39.69 19.71
N HIS M 231 14.27 39.91 20.08
CA HIS M 231 13.81 39.75 21.45
C HIS M 231 12.36 39.31 21.39
N GLY M 232 11.98 38.42 22.27
CA GLY M 232 10.60 38.00 22.32
C GLY M 232 10.47 36.59 22.85
N GLN M 233 9.33 35.98 22.57
CA GLN M 233 9.02 34.66 23.07
C GLN M 233 8.00 34.00 22.18
N THR M 234 7.94 32.67 22.25
CA THR M 234 7.01 31.89 21.44
C THR M 234 6.28 30.90 22.34
N ARG M 235 5.24 30.30 21.77
CA ARG M 235 4.49 29.27 22.46
C ARG M 235 4.10 28.18 21.49
N LEU M 236 3.96 26.96 22.03
CA LEU M 236 3.51 25.82 21.26
C LEU M 236 2.34 25.17 21.98
N TYR M 237 1.55 24.41 21.24
CA TYR M 237 0.40 23.73 21.81
C TYR M 237 0.41 22.29 21.33
N PHE M 238 0.51 21.34 22.25
CA PHE M 238 0.61 19.95 21.87
C PHE M 238 -0.12 19.10 22.89
N LYS M 239 -0.19 17.80 22.62
CA LYS M 239 -0.86 16.87 23.50
C LYS M 239 -0.23 15.50 23.42
N SER M 240 0.25 14.98 24.55
CA SER M 240 0.90 13.69 24.55
C SER M 240 -0.07 12.60 24.11
N VAL M 241 0.45 11.58 23.44
CA VAL M 241 -0.39 10.50 22.96
C VAL M 241 0.42 9.24 22.74
N GLY M 242 -0.14 8.08 23.08
CA GLY M 242 0.57 6.84 22.81
C GLY M 242 0.54 5.76 23.87
N ASN M 243 1.38 4.73 23.70
CA ASN M 243 1.44 3.63 24.66
C ASN M 243 0.05 3.28 25.16
N LYS O 34 -28.69 44.14 26.59
CA LYS O 34 -29.06 45.20 25.65
C LYS O 34 -30.53 45.56 25.83
N ALA O 35 -30.78 46.76 26.35
CA ALA O 35 -32.15 47.19 26.58
C ALA O 35 -32.72 47.85 25.33
N ASP O 36 -33.62 47.16 24.64
CA ASP O 36 -34.20 47.70 23.43
C ASP O 36 -35.22 48.79 23.73
N ARG O 37 -36.26 48.48 24.50
CA ARG O 37 -37.26 49.50 24.86
C ARG O 37 -36.71 50.51 25.88
N PRO O 38 -36.17 50.03 27.02
CA PRO O 38 -35.58 51.00 27.94
C PRO O 38 -34.24 51.47 27.43
N SER O 39 -33.70 52.53 28.02
CA SER O 39 -32.43 53.08 27.55
C SER O 39 -31.31 52.86 28.56
N LEU O 40 -30.22 52.25 28.11
CA LEU O 40 -29.11 52.04 29.00
C LEU O 40 -28.59 53.37 29.50
N GLN O 41 -28.29 53.44 30.79
CA GLN O 41 -27.76 54.68 31.36
C GLN O 41 -26.42 55.01 30.73
N ILE O 42 -26.02 56.28 30.80
CA ILE O 42 -24.76 56.69 30.19
C ILE O 42 -23.80 57.40 31.12
N GLN O 43 -22.87 56.66 31.70
CA GLN O 43 -21.85 57.26 32.54
C GLN O 43 -20.71 57.76 31.67
N THR O 44 -20.19 58.93 32.01
CA THR O 44 -19.12 59.53 31.24
C THR O 44 -17.90 59.78 32.11
N LEU O 45 -16.75 59.86 31.47
CA LEU O 45 -15.50 60.18 32.14
C LEU O 45 -14.80 61.28 31.38
N GLN O 46 -14.28 62.27 32.10
CA GLN O 46 -13.72 63.47 31.50
C GLN O 46 -12.26 63.54 31.89
N HIS O 47 -11.37 63.42 30.92
CA HIS O 47 -9.94 63.59 31.13
C HIS O 47 -9.47 64.75 30.27
N ALA O 48 -9.12 65.85 30.92
CA ALA O 48 -8.70 67.06 30.23
C ALA O 48 -8.33 68.10 31.27
N GLY O 49 -7.64 69.13 30.82
CA GLY O 49 -7.26 70.20 31.72
C GLY O 49 -6.31 69.67 32.79
N THR O 50 -6.61 70.00 34.04
CA THR O 50 -5.71 69.60 35.13
C THR O 50 -5.65 68.09 35.28
N THR O 51 -6.71 67.38 34.88
CA THR O 51 -6.71 65.93 34.91
C THR O 51 -6.50 65.45 33.49
N MET O 52 -5.29 64.95 33.22
CA MET O 52 -4.97 64.34 31.94
C MET O 52 -4.15 63.10 32.23
N ILE O 53 -4.39 62.04 31.47
CA ILE O 53 -3.62 60.83 31.68
C ILE O 53 -2.21 61.08 31.19
N THR O 54 -1.24 60.86 32.06
CA THR O 54 0.17 60.92 31.70
C THR O 54 0.79 59.55 31.91
N VAL O 55 1.52 59.07 30.92
CA VAL O 55 2.00 57.70 30.95
C VAL O 55 3.51 57.73 31.12
N PRO O 56 4.03 57.39 32.29
CA PRO O 56 5.46 57.14 32.43
C PRO O 56 5.82 55.79 31.84
N SER O 57 7.11 55.61 31.60
CA SER O 57 7.60 54.32 31.12
C SER O 57 7.21 53.22 32.11
N GLY O 58 6.64 52.15 31.59
CA GLY O 58 6.19 51.04 32.39
C GLY O 58 4.70 50.94 32.57
N GLY O 59 3.92 51.83 31.98
CA GLY O 59 2.49 51.69 31.98
C GLY O 59 1.81 52.31 33.18
N VAL O 60 0.49 52.36 33.12
CA VAL O 60 -0.33 52.90 34.20
C VAL O 60 -1.66 52.17 34.21
N CYS O 61 -2.19 51.96 35.42
CA CYS O 61 -3.43 51.24 35.62
C CYS O 61 -4.52 52.20 36.08
N ASP O 62 -5.76 51.90 35.69
CA ASP O 62 -6.87 52.71 36.11
C ASP O 62 -8.16 51.90 36.01
N LEU O 63 -9.18 52.34 36.74
CA LEU O 63 -10.46 51.66 36.78
C LEU O 63 -11.53 52.58 36.21
N ILE O 64 -12.18 52.14 35.13
CA ILE O 64 -13.16 52.96 34.44
C ILE O 64 -14.58 52.65 34.85
N ASN O 65 -14.79 51.74 35.78
CA ASN O 65 -16.11 51.19 36.03
C ASN O 65 -16.85 51.89 37.17
N THR O 66 -16.29 52.96 37.73
CA THR O 66 -16.85 53.57 38.92
C THR O 66 -18.30 53.99 38.71
N TYR O 67 -19.17 53.56 39.62
CA TYR O 67 -20.57 53.96 39.65
C TYR O 67 -20.94 54.34 41.07
N ALA O 68 -21.30 55.60 41.28
CA ALA O 68 -21.84 55.96 42.58
C ALA O 68 -23.27 55.45 42.70
N ARG O 69 -23.76 55.31 43.93
CA ARG O 69 -25.15 54.93 44.16
C ARG O 69 -25.94 56.14 44.62
N GLY O 70 -27.11 56.34 44.04
CA GLY O 70 -27.94 57.47 44.40
C GLY O 70 -29.08 57.66 43.44
N SER O 71 -29.65 58.85 43.49
CA SER O 71 -30.81 59.21 42.68
C SER O 71 -30.44 59.62 41.27
N ASP O 72 -29.25 60.16 41.07
CA ASP O 72 -28.91 60.78 39.80
C ASP O 72 -28.90 59.77 38.67
N GLU O 73 -29.06 60.22 37.43
CA GLU O 73 -29.16 59.22 36.37
C GLU O 73 -27.81 58.60 36.01
N GLY O 74 -26.68 59.26 36.34
CA GLY O 74 -25.42 58.59 36.12
C GLY O 74 -25.08 57.60 37.21
N ASN O 75 -25.84 57.61 38.29
CA ASN O 75 -25.59 56.71 39.39
C ASN O 75 -26.24 55.36 39.10
N ARG O 76 -26.05 54.42 40.01
CA ARG O 76 -26.70 53.13 39.91
C ARG O 76 -27.85 53.06 40.90
N HIS O 77 -28.58 51.94 40.86
CA HIS O 77 -29.75 51.76 41.71
C HIS O 77 -29.58 50.53 42.59
N THR O 78 -29.58 49.34 42.01
CA THR O 78 -29.42 48.12 42.78
C THR O 78 -27.93 47.88 43.02
N SER O 79 -27.59 46.68 43.48
CA SER O 79 -26.22 46.30 43.74
C SER O 79 -25.59 45.53 42.58
N GLU O 80 -26.31 45.32 41.48
CA GLU O 80 -25.80 44.52 40.38
C GLU O 80 -26.04 45.25 39.07
N THR O 81 -25.00 45.30 38.23
CA THR O 81 -25.05 46.04 36.97
C THR O 81 -24.51 45.18 35.84
N LEU O 82 -24.81 45.57 34.62
CA LEU O 82 -24.31 44.92 33.41
C LEU O 82 -23.90 45.98 32.41
N THR O 83 -22.64 45.95 32.00
CA THR O 83 -22.15 46.88 30.99
C THR O 83 -22.19 46.20 29.64
N TYR O 84 -22.53 46.98 28.60
CA TYR O 84 -22.67 46.42 27.26
C TYR O 84 -21.71 47.06 26.27
N LYS O 85 -21.87 48.34 25.97
CA LYS O 85 -21.07 49.01 24.97
C LYS O 85 -20.12 49.99 25.63
N ILE O 86 -19.00 50.23 24.95
CA ILE O 86 -18.01 51.19 25.42
C ILE O 86 -17.41 51.92 24.23
N ALA O 87 -17.25 53.23 24.37
CA ALA O 87 -16.72 54.08 23.31
C ALA O 87 -15.57 54.90 23.85
N ILE O 88 -14.56 55.12 23.01
CA ILE O 88 -13.30 55.71 23.44
C ILE O 88 -12.85 56.74 22.42
N ASP O 89 -12.52 57.94 22.87
CA ASP O 89 -12.00 59.00 22.01
C ASP O 89 -10.86 59.71 22.72
N TYR O 90 -9.72 59.84 22.04
CA TYR O 90 -8.58 60.48 22.68
C TYR O 90 -7.68 61.14 21.65
N HIS O 91 -6.83 62.02 22.15
CA HIS O 91 -5.81 62.71 21.35
C HIS O 91 -4.48 62.48 22.05
N PHE O 92 -3.59 61.75 21.41
CA PHE O 92 -2.28 61.50 21.99
C PHE O 92 -1.28 62.50 21.43
N VAL O 93 -0.36 62.94 22.28
CA VAL O 93 0.68 63.86 21.86
C VAL O 93 1.95 63.56 22.62
N ALA O 94 3.07 63.64 21.94
CA ALA O 94 4.35 63.31 22.54
C ALA O 94 4.73 64.33 23.60
N ASP O 95 5.64 63.92 24.49
CA ASP O 95 6.10 64.76 25.57
C ASP O 95 7.37 65.49 25.18
N ALA O 96 7.49 66.73 25.65
CA ALA O 96 8.66 67.54 25.31
C ALA O 96 9.96 66.85 25.72
N ALA O 97 9.92 66.07 26.79
CA ALA O 97 11.11 65.34 27.21
C ALA O 97 11.53 64.33 26.14
N ALA O 98 10.56 63.59 25.59
CA ALA O 98 10.89 62.60 24.58
C ALA O 98 11.09 63.21 23.21
N CYS O 99 10.64 64.45 23.01
CA CYS O 99 10.87 65.10 21.72
C CYS O 99 12.34 65.40 21.48
N ARG O 100 13.19 65.23 22.48
CA ARG O 100 14.61 65.42 22.27
C ARG O 100 15.14 64.41 21.27
N TYR O 101 15.01 63.13 21.59
CA TYR O 101 15.48 62.06 20.73
C TYR O 101 14.57 61.90 19.52
N SER O 102 15.09 61.28 18.47
CA SER O 102 14.29 60.92 17.31
C SER O 102 14.27 59.41 17.18
N ASN O 103 13.13 58.79 17.48
CA ASN O 103 12.97 57.37 17.28
C ASN O 103 11.49 57.03 17.23
N THR O 104 11.19 55.87 16.67
CA THR O 104 9.82 55.40 16.56
C THR O 104 9.46 54.55 17.76
N GLY O 105 8.31 53.89 17.70
CA GLY O 105 7.89 53.02 18.79
C GLY O 105 6.48 52.53 18.55
N THR O 106 6.03 51.67 19.44
CA THR O 106 4.69 51.11 19.34
C THR O 106 4.08 50.97 20.72
N GLY O 107 2.85 51.45 20.88
CA GLY O 107 2.13 51.37 22.13
C GLY O 107 1.04 50.31 22.07
N VAL O 108 0.48 50.03 23.24
CA VAL O 108 -0.58 49.02 23.38
C VAL O 108 -1.60 49.53 24.38
N MET O 109 -2.86 49.22 24.16
CA MET O 109 -3.92 49.49 25.13
C MET O 109 -4.71 48.22 25.37
N TRP O 110 -4.54 47.63 26.55
CA TRP O 110 -5.35 46.50 26.96
C TRP O 110 -6.66 46.94 27.58
N LEU O 111 -7.63 46.04 27.57
CA LEU O 111 -8.85 46.21 28.35
C LEU O 111 -9.03 44.93 29.16
N VAL O 112 -8.86 45.02 30.48
CA VAL O 112 -8.66 43.84 31.31
C VAL O 112 -9.83 43.68 32.27
N TYR O 113 -10.23 42.43 32.51
CA TYR O 113 -11.38 42.10 33.33
C TYR O 113 -10.95 41.25 34.52
N ASP O 114 -11.07 41.79 35.71
CA ASP O 114 -10.68 41.11 36.94
C ASP O 114 -11.89 40.42 37.54
N THR O 115 -11.74 39.12 37.83
CA THR O 115 -12.81 38.38 38.50
C THR O 115 -12.80 38.62 40.00
N THR O 116 -11.63 38.60 40.62
CA THR O 116 -11.50 38.64 42.07
C THR O 116 -10.70 39.86 42.47
N PRO O 117 -11.34 41.01 42.65
CA PRO O 117 -10.62 42.21 43.07
C PRO O 117 -10.10 42.07 44.49
N GLY O 118 -9.21 42.99 44.85
CA GLY O 118 -8.65 43.01 46.18
C GLY O 118 -8.42 44.45 46.61
N GLY O 119 -8.08 44.61 47.89
CA GLY O 119 -7.94 45.95 48.44
C GLY O 119 -6.92 46.78 47.70
N GLN O 120 -5.72 46.24 47.50
CA GLN O 120 -4.59 46.92 46.89
C GLN O 120 -4.79 47.07 45.37
N ALA O 121 -4.74 48.31 44.88
CA ALA O 121 -4.92 48.52 43.45
C ALA O 121 -3.77 47.89 42.67
N PRO O 122 -4.04 47.12 41.62
CA PRO O 122 -2.96 46.41 40.93
C PRO O 122 -2.15 47.35 40.06
N THR O 123 -0.90 46.97 39.82
CA THR O 123 0.01 47.65 38.92
C THR O 123 0.35 46.71 37.76
N PRO O 124 0.66 47.25 36.57
CA PRO O 124 0.98 46.37 35.44
C PRO O 124 2.03 45.33 35.75
N GLN O 125 2.98 45.66 36.62
CA GLN O 125 4.01 44.70 37.00
C GLN O 125 3.39 43.44 37.58
N THR O 126 2.25 43.57 38.26
CA THR O 126 1.63 42.40 38.86
C THR O 126 0.82 41.61 37.83
N ILE O 127 0.09 42.30 36.97
CA ILE O 127 -0.78 41.61 36.02
C ILE O 127 0.05 40.82 35.02
N PHE O 128 0.95 41.49 34.33
CA PHE O 128 1.89 40.82 33.44
C PHE O 128 3.18 40.64 34.20
N ALA O 129 3.77 39.45 34.14
CA ALA O 129 5.06 39.24 34.75
C ALA O 129 6.09 39.30 33.64
N TYR O 130 6.81 40.41 33.57
CA TYR O 130 7.75 40.64 32.50
C TYR O 130 9.16 40.80 33.06
N PRO O 131 10.10 39.95 32.67
CA PRO O 131 11.48 40.15 33.11
C PRO O 131 11.96 41.53 32.72
N ASP O 132 12.72 42.14 33.62
CA ASP O 132 12.97 43.58 33.52
C ASP O 132 13.65 43.97 32.21
N THR O 133 14.28 43.02 31.53
CA THR O 133 14.90 43.35 30.25
C THR O 133 13.88 43.64 29.16
N LEU O 134 12.65 43.16 29.31
CA LEU O 134 11.61 43.42 28.33
C LEU O 134 10.76 44.64 28.67
N LYS O 135 11.12 45.39 29.71
CA LYS O 135 10.34 46.56 30.06
C LYS O 135 10.15 47.48 28.88
N ALA O 136 11.14 47.57 28.00
CA ALA O 136 11.10 48.56 26.94
C ALA O 136 9.96 48.28 25.96
N TRP O 137 9.70 47.02 25.64
CA TRP O 137 8.78 46.73 24.55
C TRP O 137 7.52 46.08 25.09
N PRO O 138 6.40 46.79 25.13
CA PRO O 138 5.19 46.19 25.71
C PRO O 138 4.58 45.12 24.83
N ALA O 139 4.66 45.28 23.51
CA ALA O 139 3.87 44.45 22.61
C ALA O 139 4.17 42.97 22.77
N THR O 140 5.25 42.62 23.44
CA THR O 140 5.62 41.23 23.62
C THR O 140 5.10 40.64 24.92
N TRP O 141 4.43 41.42 25.75
CA TRP O 141 3.98 40.92 27.04
C TRP O 141 2.82 39.96 26.86
N LYS O 142 2.71 39.00 27.78
CA LYS O 142 1.56 38.13 27.86
C LYS O 142 1.10 38.05 29.29
N VAL O 143 -0.16 37.68 29.49
CA VAL O 143 -0.70 37.61 30.83
C VAL O 143 0.04 36.54 31.62
N SER O 144 0.37 36.85 32.86
CA SER O 144 1.15 35.93 33.68
C SER O 144 0.39 34.63 33.89
N ARG O 145 1.14 33.54 34.02
CA ARG O 145 0.52 32.21 33.98
C ARG O 145 -0.07 31.83 35.33
N GLU O 146 0.55 32.24 36.44
CA GLU O 146 0.00 31.92 37.76
C GLU O 146 -1.45 32.36 37.84
N LEU O 147 -1.73 33.56 37.37
CA LEU O 147 -3.00 34.26 37.51
C LEU O 147 -3.97 33.91 36.43
N CYS O 148 -3.64 32.89 35.64
CA CYS O 148 -4.34 32.66 34.38
C CYS O 148 -5.86 32.57 34.55
N HIS O 149 -6.32 32.21 35.74
CA HIS O 149 -7.75 32.12 36.01
C HIS O 149 -8.31 33.35 36.69
N ARG O 150 -7.49 34.36 36.95
CA ARG O 150 -7.96 35.58 37.60
C ARG O 150 -8.22 36.70 36.60
N PHE O 151 -7.16 37.15 35.93
CA PHE O 151 -7.27 38.23 34.94
C PHE O 151 -7.47 37.66 33.56
N VAL O 152 -8.26 38.36 32.76
CA VAL O 152 -8.47 37.97 31.37
C VAL O 152 -8.64 39.24 30.53
N VAL O 153 -8.08 39.21 29.33
CA VAL O 153 -8.04 40.39 28.46
C VAL O 153 -9.13 40.22 27.41
N LYS O 154 -10.11 41.11 27.43
CA LYS O 154 -11.20 40.99 26.48
C LYS O 154 -11.01 41.80 25.21
N ARG O 155 -10.04 42.71 25.17
CA ARG O 155 -9.72 43.47 23.98
C ARG O 155 -8.25 43.89 24.03
N ARG O 156 -7.69 44.09 22.85
CA ARG O 156 -6.31 44.55 22.74
C ARG O 156 -6.18 45.38 21.47
N TRP O 157 -5.44 46.48 21.56
CA TRP O 157 -5.26 47.33 20.39
C TRP O 157 -3.82 47.80 20.30
N LEU O 158 -3.47 48.31 19.14
CA LEU O 158 -2.11 48.73 18.84
C LEU O 158 -2.14 50.11 18.22
N PHE O 159 -1.07 50.85 18.44
CA PHE O 159 -0.88 52.13 17.76
C PHE O 159 0.60 52.45 17.76
N ASN O 160 1.01 53.37 16.91
CA ASN O 160 2.42 53.69 16.79
C ASN O 160 2.60 55.18 16.57
N MET O 161 3.67 55.71 17.14
CA MET O 161 3.99 57.13 17.07
C MET O 161 5.45 57.27 16.69
N GLU O 162 5.80 58.42 16.14
CA GLU O 162 7.19 58.68 15.81
C GLU O 162 7.47 60.16 15.96
N THR O 163 8.66 60.49 16.46
CA THR O 163 9.06 61.87 16.70
C THR O 163 10.36 62.14 15.97
N ASP O 164 10.40 63.24 15.24
CA ASP O 164 11.57 63.60 14.46
C ASP O 164 12.62 64.35 15.27
N GLY O 165 12.37 64.54 16.57
CA GLY O 165 13.30 65.29 17.38
C GLY O 165 13.10 66.78 17.31
N ARG O 166 11.87 67.23 17.02
CA ARG O 166 11.60 68.65 16.91
C ARG O 166 10.24 68.94 17.52
N ILE O 167 10.20 69.89 18.45
CA ILE O 167 8.91 70.31 19.01
C ILE O 167 8.14 71.12 17.98
N GLY O 168 6.83 71.22 18.19
CA GLY O 168 6.00 71.91 17.23
C GLY O 168 5.84 73.40 17.44
N SER O 169 6.52 73.97 18.44
CA SER O 169 6.32 75.36 18.80
C SER O 169 7.34 76.30 18.18
N ASP O 170 8.29 75.79 17.43
CA ASP O 170 9.39 76.60 16.93
C ASP O 170 9.35 76.72 15.41
N ILE O 171 9.91 77.81 14.91
CA ILE O 171 9.81 78.17 13.50
C ILE O 171 10.99 77.59 12.72
N PRO O 172 10.75 76.99 11.57
CA PRO O 172 11.86 76.51 10.74
C PRO O 172 12.65 77.67 10.17
N PRO O 173 13.90 77.44 9.81
CA PRO O 173 14.65 78.46 9.07
C PRO O 173 14.17 78.55 7.64
N SER O 174 14.45 79.69 7.01
CA SER O 174 14.00 79.91 5.64
C SER O 174 14.67 78.99 4.65
N ASN O 175 15.67 78.23 5.06
CA ASN O 175 16.40 77.38 4.12
C ASN O 175 15.64 76.10 3.81
N ALA O 176 15.05 75.44 4.81
CA ALA O 176 14.51 74.10 4.62
C ALA O 176 13.18 73.96 5.36
N SER O 177 12.47 72.88 5.06
CA SER O 177 11.20 72.57 5.71
C SER O 177 11.25 71.15 6.27
N TRP O 178 10.14 70.71 6.84
CA TRP O 178 10.06 69.35 7.36
C TRP O 178 8.66 68.79 7.15
N LYS O 179 8.58 67.48 6.91
CA LYS O 179 7.30 66.78 6.87
C LYS O 179 7.16 66.03 8.18
N PRO O 180 6.30 66.47 9.09
CA PRO O 180 6.19 65.79 10.37
C PRO O 180 5.07 64.77 10.42
N CYS O 181 5.23 63.64 9.74
CA CYS O 181 4.21 62.62 9.77
C CYS O 181 4.03 62.08 11.19
N LYS O 182 2.77 62.06 11.64
CA LYS O 182 2.36 61.30 12.81
C LYS O 182 3.02 61.80 14.09
N ARG O 183 3.22 63.12 14.22
CA ARG O 183 3.71 63.65 15.48
C ARG O 183 2.67 63.49 16.57
N ASN O 184 1.39 63.44 16.20
CA ASN O 184 0.31 63.21 17.14
C ASN O 184 -0.83 62.55 16.39
N ILE O 185 -1.60 61.70 17.07
CA ILE O 185 -2.57 60.87 16.40
C ILE O 185 -3.92 60.96 17.09
N TYR O 186 -4.93 60.48 16.39
CA TYR O 186 -6.29 60.38 16.87
C TYR O 186 -6.70 58.92 16.97
N PHE O 187 -7.26 58.55 18.11
CA PHE O 187 -7.45 57.14 18.44
C PHE O 187 -8.88 56.94 18.92
N HIS O 188 -9.66 56.15 18.20
CA HIS O 188 -11.05 55.94 18.60
C HIS O 188 -11.46 54.51 18.28
N LYS O 189 -12.22 53.91 19.19
CA LYS O 189 -12.71 52.56 19.03
C LYS O 189 -14.11 52.49 19.61
N PHE O 190 -14.94 51.61 19.06
CA PHE O 190 -16.29 51.39 19.55
C PHE O 190 -16.58 49.90 19.51
N THR O 191 -16.90 49.30 20.64
CA THR O 191 -17.06 47.85 20.72
C THR O 191 -18.30 47.51 21.52
N SER O 192 -19.24 46.83 20.87
CA SER O 192 -20.47 46.39 21.51
C SER O 192 -20.40 44.96 22.03
N GLY O 193 -19.38 44.20 21.68
CA GLY O 193 -19.44 42.76 21.88
C GLY O 193 -19.41 42.36 23.35
N LEU O 194 -18.60 43.05 24.14
CA LEU O 194 -18.28 42.58 25.47
C LEU O 194 -19.51 42.59 26.36
N GLY O 195 -19.42 41.85 27.45
CA GLY O 195 -20.40 41.96 28.52
C GLY O 195 -19.72 41.63 29.83
N VAL O 196 -20.24 42.20 30.90
CA VAL O 196 -19.59 42.17 32.20
C VAL O 196 -20.68 42.18 33.26
N ARG O 197 -20.46 41.45 34.34
CA ARG O 197 -21.43 41.36 35.42
C ARG O 197 -20.74 41.66 36.73
N THR O 198 -21.19 42.70 37.41
CA THR O 198 -20.55 43.17 38.64
C THR O 198 -21.51 43.01 39.80
N GLN O 199 -20.94 42.89 40.99
CA GLN O 199 -21.74 42.91 42.21
C GLN O 199 -21.06 43.82 43.22
N TRP O 200 -21.84 44.70 43.82
CA TRP O 200 -21.34 45.78 44.65
C TRP O 200 -21.63 45.47 46.11
N LYS O 201 -20.75 45.95 46.98
CA LYS O 201 -20.98 45.79 48.41
C LYS O 201 -22.04 46.77 48.89
N ASN O 202 -22.22 46.81 50.21
CA ASN O 202 -23.23 47.67 50.81
C ASN O 202 -22.93 49.15 50.58
N VAL O 203 -21.68 49.56 50.75
CA VAL O 203 -21.35 50.98 50.84
C VAL O 203 -21.85 51.74 49.63
N THR O 204 -22.33 52.96 49.86
CA THR O 204 -22.82 53.81 48.79
C THR O 204 -21.71 54.33 47.89
N ASP O 205 -20.45 54.17 48.28
CA ASP O 205 -19.36 54.70 47.50
C ASP O 205 -19.24 53.97 46.17
N GLY O 206 -18.61 54.65 45.20
CA GLY O 206 -18.30 54.06 43.92
C GLY O 206 -16.84 53.75 43.69
N GLY O 207 -16.01 53.75 44.73
CA GLY O 207 -14.60 53.53 44.56
C GLY O 207 -14.26 52.09 44.27
N VAL O 208 -12.95 51.81 44.32
CA VAL O 208 -12.47 50.47 44.00
C VAL O 208 -12.72 49.51 45.16
N GLY O 209 -12.71 50.02 46.39
CA GLY O 209 -12.90 49.15 47.53
C GLY O 209 -14.31 48.61 47.66
N ALA O 210 -15.24 49.15 46.88
CA ALA O 210 -16.65 48.80 47.06
C ALA O 210 -17.10 47.68 46.13
N ILE O 211 -16.23 47.18 45.27
CA ILE O 211 -16.67 46.19 44.29
C ILE O 211 -16.30 44.80 44.77
N GLN O 212 -17.29 43.92 44.81
CA GLN O 212 -17.05 42.56 45.28
C GLN O 212 -16.49 41.66 44.17
N ARG O 213 -17.04 41.77 42.96
CA ARG O 213 -16.56 40.97 41.84
C ARG O 213 -16.63 41.75 40.55
N GLY O 214 -15.88 41.29 39.56
CA GLY O 214 -15.99 41.79 38.21
C GLY O 214 -15.53 43.21 37.98
N ALA O 215 -14.31 43.55 38.38
CA ALA O 215 -13.81 44.87 38.07
C ALA O 215 -13.48 44.97 36.58
N LEU O 216 -13.05 46.14 36.15
CA LEU O 216 -12.67 46.34 34.77
C LEU O 216 -11.57 47.39 34.74
N TYR O 217 -10.57 47.19 33.90
CA TYR O 217 -9.41 48.05 33.91
C TYR O 217 -9.01 48.48 32.51
N MET O 218 -8.49 49.70 32.41
CA MET O 218 -7.92 50.24 31.20
C MET O 218 -6.43 50.42 31.40
N VAL O 219 -5.62 49.76 30.59
CA VAL O 219 -4.18 49.76 30.77
C VAL O 219 -3.52 50.36 29.54
N ILE O 220 -2.64 51.33 29.75
CA ILE O 220 -1.88 51.96 28.69
C ILE O 220 -0.42 51.68 28.92
N ALA O 221 0.30 51.37 27.85
CA ALA O 221 1.73 51.21 27.95
C ALA O 221 2.37 51.91 26.76
N PRO O 222 3.49 52.57 26.97
CA PRO O 222 4.10 53.35 25.90
C PRO O 222 5.03 52.48 25.06
N GLY O 223 5.60 53.08 24.03
CA GLY O 223 6.60 52.44 23.22
C GLY O 223 7.93 52.41 23.96
N ASN O 224 9.00 52.27 23.20
CA ASN O 224 10.32 52.23 23.83
C ASN O 224 10.76 53.65 24.15
N GLY O 225 10.94 53.91 25.44
CA GLY O 225 11.44 55.19 25.89
C GLY O 225 10.63 56.40 25.46
N LEU O 226 9.41 56.21 24.98
CA LEU O 226 8.61 57.31 24.46
C LEU O 226 7.40 57.54 25.36
N THR O 227 7.45 58.57 26.17
CA THR O 227 6.33 58.99 26.99
C THR O 227 5.39 59.89 26.21
N PHE O 228 4.14 59.96 26.63
CA PHE O 228 3.21 60.90 26.03
C PHE O 228 2.11 61.23 27.04
N THR O 229 1.13 62.02 26.59
CA THR O 229 -0.03 62.38 27.39
C THR O 229 -1.28 62.14 26.56
N ALA O 230 -2.45 62.42 27.14
CA ALA O 230 -3.70 62.13 26.47
C ALA O 230 -4.72 63.21 26.80
N HIS O 231 -5.73 63.30 25.95
CA HIS O 231 -6.87 64.17 26.17
C HIS O 231 -8.06 63.51 25.51
N GLY O 232 -9.22 63.59 26.15
CA GLY O 232 -10.40 63.05 25.55
C GLY O 232 -11.41 62.62 26.60
N GLN O 233 -12.33 61.76 26.18
CA GLN O 233 -13.39 61.32 27.07
C GLN O 233 -13.93 59.99 26.58
N THR O 234 -14.58 59.27 27.49
CA THR O 234 -15.14 57.97 27.18
C THR O 234 -16.59 57.91 27.65
N ARG O 235 -17.28 56.85 27.22
CA ARG O 235 -18.64 56.62 27.64
C ARG O 235 -18.87 55.13 27.86
N LEU O 236 -19.78 54.83 28.77
CA LEU O 236 -20.19 53.46 29.04
C LEU O 236 -21.70 53.37 28.95
N TYR O 237 -22.19 52.15 28.74
CA TYR O 237 -23.62 51.91 28.62
C TYR O 237 -23.97 50.72 29.48
N PHE O 238 -24.82 50.92 30.48
CA PHE O 238 -25.14 49.85 31.40
C PHE O 238 -26.60 49.97 31.82
N LYS O 239 -27.04 49.02 32.64
CA LYS O 239 -28.38 49.05 33.21
C LYS O 239 -28.36 48.35 34.55
N SER O 240 -29.08 48.89 35.51
CA SER O 240 -29.12 48.28 36.83
C SER O 240 -29.89 46.98 36.74
N VAL O 241 -29.62 46.05 37.64
CA VAL O 241 -30.33 44.79 37.64
C VAL O 241 -30.30 44.14 39.02
N GLY O 242 -31.37 43.45 39.38
CA GLY O 242 -31.38 42.75 40.66
C GLY O 242 -32.38 43.27 41.67
N ASN O 243 -32.28 42.80 42.90
CA ASN O 243 -33.20 43.23 43.95
C ASN O 243 -34.63 43.24 43.42
N ALA Q 31 -30.14 56.56 -0.74
CA ALA Q 31 -31.11 55.50 -0.93
C ALA Q 31 -32.09 55.85 -2.04
N GLY Q 32 -33.08 56.69 -1.73
CA GLY Q 32 -34.08 57.02 -2.73
C GLY Q 32 -34.69 58.39 -2.63
N SER Q 33 -35.27 58.84 -3.74
CA SER Q 33 -35.94 60.15 -3.75
C SER Q 33 -37.38 59.93 -4.11
N LYS Q 34 -38.09 61.00 -4.41
CA LYS Q 34 -39.48 60.88 -4.83
C LYS Q 34 -39.69 61.70 -6.08
N ALA Q 35 -38.62 62.23 -6.65
CA ALA Q 35 -38.72 62.96 -7.90
C ALA Q 35 -38.15 62.07 -8.97
N ASP Q 36 -38.55 60.81 -8.99
CA ASP Q 36 -38.00 59.86 -9.96
C ASP Q 36 -38.40 60.17 -11.40
N ARG Q 37 -39.69 60.38 -11.63
CA ARG Q 37 -40.17 60.67 -12.97
C ARG Q 37 -39.81 62.09 -13.44
N PRO Q 38 -40.10 63.11 -12.60
CA PRO Q 38 -39.74 64.48 -12.95
C PRO Q 38 -38.54 64.97 -12.16
N SER Q 39 -37.67 65.74 -12.81
CA SER Q 39 -36.47 66.22 -12.13
C SER Q 39 -36.80 67.04 -10.90
N LEU Q 40 -36.07 66.81 -9.81
CA LEU Q 40 -36.29 67.58 -8.58
C LEU Q 40 -35.62 68.94 -8.69
N GLN Q 41 -36.20 69.94 -8.03
CA GLN Q 41 -35.66 71.29 -8.12
C GLN Q 41 -34.25 71.32 -7.58
N ILE Q 42 -33.43 72.23 -8.09
CA ILE Q 42 -32.04 72.28 -7.66
C ILE Q 42 -31.62 73.67 -7.22
N GLN Q 43 -31.08 73.78 -6.00
CA GLN Q 43 -30.62 75.06 -5.48
C GLN Q 43 -29.12 75.01 -5.27
N THR Q 44 -28.43 76.10 -5.55
CA THR Q 44 -26.99 76.09 -5.44
C THR Q 44 -26.46 77.23 -4.58
N LEU Q 45 -25.32 77.02 -3.95
CA LEU Q 45 -24.72 78.07 -3.12
C LEU Q 45 -23.25 78.19 -3.45
N GLN Q 46 -22.90 79.22 -4.22
CA GLN Q 46 -21.50 79.43 -4.58
C GLN Q 46 -20.77 80.12 -3.46
N HIS Q 47 -19.62 79.59 -3.07
CA HIS Q 47 -18.82 80.23 -2.05
C HIS Q 47 -17.42 80.37 -2.58
N ALA Q 48 -17.24 81.23 -3.57
CA ALA Q 48 -15.93 81.41 -4.17
C ALA Q 48 -15.51 82.85 -4.15
N GLY Q 49 -14.25 83.10 -4.43
CA GLY Q 49 -13.76 84.47 -4.47
C GLY Q 49 -14.01 85.21 -3.18
N THR Q 50 -14.64 86.38 -3.27
CA THR Q 50 -14.88 87.18 -2.08
C THR Q 50 -15.70 86.44 -1.05
N THR Q 51 -16.55 85.53 -1.49
CA THR Q 51 -17.41 84.81 -0.58
C THR Q 51 -16.68 83.62 0.02
N MET Q 52 -15.37 83.58 -0.16
CA MET Q 52 -14.59 82.46 0.35
C MET Q 52 -14.91 82.24 1.81
N ILE Q 53 -15.14 80.99 2.19
CA ILE Q 53 -15.44 80.68 3.58
C ILE Q 53 -14.13 80.44 4.31
N THR Q 54 -13.76 81.37 5.18
CA THR Q 54 -12.54 81.20 5.95
C THR Q 54 -12.89 80.62 7.30
N VAL Q 55 -12.07 79.69 7.78
CA VAL Q 55 -12.39 79.03 9.04
C VAL Q 55 -11.55 79.59 10.18
N PRO Q 56 -12.23 80.08 11.23
CA PRO Q 56 -11.50 80.57 12.39
C PRO Q 56 -11.51 79.51 13.48
N SER Q 57 -10.42 79.39 14.22
CA SER Q 57 -10.35 78.40 15.28
C SER Q 57 -11.60 78.50 16.12
N GLY Q 58 -12.23 77.37 16.39
CA GLY Q 58 -13.47 77.39 17.14
C GLY Q 58 -14.63 77.01 16.26
N GLY Q 59 -14.47 77.13 14.95
CA GLY Q 59 -15.51 76.70 14.05
C GLY Q 59 -16.31 77.76 13.32
N VAL Q 60 -17.31 77.35 12.57
CA VAL Q 60 -18.14 78.28 11.83
C VAL Q 60 -19.44 77.60 11.50
N CYS Q 61 -20.53 78.35 11.44
CA CYS Q 61 -21.83 77.75 11.17
C CYS Q 61 -22.49 78.44 10.00
N ASP Q 62 -23.44 77.76 9.36
CA ASP Q 62 -24.16 78.35 8.23
C ASP Q 62 -25.44 77.59 7.95
N LEU Q 63 -26.42 78.26 7.39
CA LEU Q 63 -27.66 77.59 7.02
C LEU Q 63 -27.58 77.22 5.56
N ILE Q 64 -27.86 75.96 5.24
CA ILE Q 64 -27.76 75.51 3.87
C ILE Q 64 -29.13 75.13 3.33
N ASN Q 65 -30.18 75.63 3.96
CA ASN Q 65 -31.52 75.30 3.52
C ASN Q 65 -32.31 76.58 3.37
N THR Q 66 -31.85 77.46 2.49
CA THR Q 66 -32.52 78.74 2.30
C THR Q 66 -33.30 78.77 0.99
N TYR Q 67 -34.60 78.53 1.07
CA TYR Q 67 -35.43 78.56 -0.12
C TYR Q 67 -36.37 79.75 -0.08
N ALA Q 68 -36.14 80.73 -0.94
CA ALA Q 68 -36.99 81.91 -0.97
C ALA Q 68 -38.34 81.57 -1.58
N ARG Q 69 -39.33 82.43 -1.37
CA ARG Q 69 -40.64 82.20 -1.96
C ARG Q 69 -40.81 83.05 -3.20
N GLY Q 70 -41.22 82.43 -4.30
CA GLY Q 70 -41.38 83.17 -5.54
C GLY Q 70 -41.69 82.24 -6.71
N SER Q 71 -41.50 82.74 -7.93
CA SER Q 71 -41.80 81.94 -9.11
C SER Q 71 -40.54 81.34 -9.73
N ASP Q 72 -39.39 81.64 -9.16
CA ASP Q 72 -38.15 81.13 -9.70
C ASP Q 72 -37.98 79.65 -9.43
N GLU Q 73 -37.18 78.98 -10.24
CA GLU Q 73 -36.94 77.55 -10.06
C GLU Q 73 -36.35 77.28 -8.69
N GLY Q 74 -35.38 78.09 -8.28
CA GLY Q 74 -34.78 77.92 -6.97
C GLY Q 74 -35.77 78.23 -5.88
N ASN Q 75 -36.63 79.22 -6.12
CA ASN Q 75 -37.60 79.61 -5.11
C ASN Q 75 -38.58 78.51 -4.78
N ARG Q 76 -38.97 78.42 -3.52
CA ARG Q 76 -39.98 77.45 -3.15
C ARG Q 76 -41.31 77.92 -3.67
N HIS Q 77 -42.30 77.05 -3.69
CA HIS Q 77 -43.60 77.43 -4.23
C HIS Q 77 -44.69 76.98 -3.30
N THR Q 78 -44.33 76.66 -2.07
CA THR Q 78 -45.30 76.20 -1.08
C THR Q 78 -44.71 76.42 0.29
N SER Q 79 -45.44 76.05 1.33
CA SER Q 79 -44.94 76.21 2.68
C SER Q 79 -44.02 75.06 3.09
N GLU Q 80 -44.17 73.91 2.45
CA GLU Q 80 -43.38 72.76 2.84
C GLU Q 80 -42.43 72.24 1.77
N THR Q 81 -41.19 71.98 2.14
CA THR Q 81 -40.22 71.44 1.19
C THR Q 81 -39.47 70.26 1.77
N LEU Q 82 -39.17 69.27 0.94
CA LEU Q 82 -38.41 68.12 1.39
C LEU Q 82 -37.16 68.00 0.57
N THR Q 83 -36.02 67.84 1.23
CA THR Q 83 -34.75 67.74 0.52
C THR Q 83 -34.32 66.27 0.43
N TYR Q 84 -33.62 65.91 -0.64
CA TYR Q 84 -33.24 64.52 -0.81
C TYR Q 84 -31.74 64.33 -0.92
N LYS Q 85 -31.15 64.88 -1.96
CA LYS Q 85 -29.73 64.69 -2.17
C LYS Q 85 -28.95 65.94 -1.92
N ILE Q 86 -27.67 65.77 -1.66
CA ILE Q 86 -26.79 66.91 -1.47
C ILE Q 86 -25.40 66.55 -1.95
N ALA Q 87 -24.77 67.47 -2.67
CA ALA Q 87 -23.44 67.27 -3.23
C ALA Q 87 -22.54 68.42 -2.81
N ILE Q 88 -21.27 68.12 -2.58
CA ILE Q 88 -20.34 69.06 -1.98
C ILE Q 88 -19.00 68.97 -2.70
N ASP Q 89 -18.47 70.11 -3.13
CA ASP Q 89 -17.16 70.18 -3.77
C ASP Q 89 -16.41 71.40 -3.25
N TYR Q 90 -15.18 71.20 -2.79
CA TYR Q 90 -14.41 72.31 -2.25
C TYR Q 90 -12.93 72.09 -2.43
N HIS Q 91 -12.19 73.18 -2.28
CA HIS Q 91 -10.74 73.20 -2.32
C HIS Q 91 -10.26 73.88 -1.05
N PHE Q 92 -9.61 73.13 -0.16
CA PHE Q 92 -9.10 73.71 1.07
C PHE Q 92 -7.64 74.08 0.89
N VAL Q 93 -7.25 75.20 1.49
CA VAL Q 93 -5.86 75.64 1.43
C VAL Q 93 -5.51 76.32 2.73
N ALA Q 94 -4.30 76.08 3.21
CA ALA Q 94 -3.86 76.62 4.48
C ALA Q 94 -3.71 78.12 4.40
N ASP Q 95 -3.72 78.76 5.57
CA ASP Q 95 -3.60 80.20 5.69
C ASP Q 95 -2.16 80.59 5.92
N ALA Q 96 -1.76 81.73 5.33
CA ALA Q 96 -0.39 82.20 5.46
C ALA Q 96 0.01 82.37 6.92
N ALA Q 97 -0.95 82.73 7.78
CA ALA Q 97 -0.65 82.86 9.20
C ALA Q 97 -0.23 81.52 9.79
N ALA Q 98 -0.96 80.46 9.45
CA ALA Q 98 -0.63 79.14 10.00
C ALA Q 98 0.53 78.50 9.27
N CYS Q 99 0.87 78.98 8.09
CA CYS Q 99 2.02 78.43 7.38
C CYS Q 99 3.34 78.72 8.08
N ARG Q 100 3.32 79.58 9.10
CA ARG Q 100 4.52 79.86 9.87
C ARG Q 100 5.01 78.60 10.58
N TYR Q 101 4.17 78.02 11.43
CA TYR Q 101 4.48 76.82 12.18
C TYR Q 101 4.40 75.59 11.26
N SER Q 102 5.06 74.52 11.68
CA SER Q 102 4.96 73.23 11.00
C SER Q 102 4.33 72.23 11.96
N ASN Q 103 3.08 71.85 11.70
CA ASN Q 103 2.44 70.82 12.48
C ASN Q 103 1.26 70.26 11.69
N THR Q 104 0.83 69.08 12.07
CA THR Q 104 -0.30 68.42 11.43
C THR Q 104 -1.59 68.77 12.16
N GLY Q 105 -2.67 68.09 11.81
CA GLY Q 105 -3.94 68.32 12.46
C GLY Q 105 -5.04 67.56 11.77
N THR Q 106 -6.23 67.63 12.34
CA THR Q 106 -7.38 66.94 11.76
C THR Q 106 -8.62 67.80 11.92
N GLY Q 107 -9.37 67.95 10.82
CA GLY Q 107 -10.59 68.71 10.82
C GLY Q 107 -11.82 67.81 10.77
N VAL Q 108 -12.98 68.43 10.96
CA VAL Q 108 -14.25 67.72 10.96
C VAL Q 108 -15.29 68.59 10.29
N MET Q 109 -16.21 67.96 9.55
CA MET Q 109 -17.36 68.65 8.99
C MET Q 109 -18.62 67.91 9.39
N TRP Q 110 -19.41 68.50 10.29
CA TRP Q 110 -20.71 67.98 10.64
C TRP Q 110 -21.78 68.45 9.67
N LEU Q 111 -22.88 67.72 9.61
CA LEU Q 111 -24.09 68.16 8.94
C LEU Q 111 -25.22 67.97 9.94
N VAL Q 112 -25.78 69.08 10.43
CA VAL Q 112 -26.61 69.08 11.63
C VAL Q 112 -28.03 69.48 11.26
N TYR Q 113 -29.00 68.84 11.90
CA TYR Q 113 -30.42 69.03 11.63
C TYR Q 113 -31.13 69.53 12.87
N ASP Q 114 -31.63 70.77 12.82
CA ASP Q 114 -32.31 71.38 13.94
C ASP Q 114 -33.82 71.19 13.79
N THR Q 115 -34.43 70.64 14.83
CA THR Q 115 -35.87 70.39 14.78
C THR Q 115 -36.63 71.69 14.85
N THR Q 116 -36.47 72.39 15.97
CA THR Q 116 -37.15 73.67 16.13
C THR Q 116 -36.13 74.79 16.24
N PRO Q 117 -36.05 75.63 15.21
CA PRO Q 117 -35.08 76.74 15.22
C PRO Q 117 -35.41 77.74 16.31
N GLY Q 118 -34.40 78.39 16.87
CA GLY Q 118 -34.61 79.36 17.92
C GLY Q 118 -34.47 80.79 17.42
N GLY Q 119 -34.57 80.97 16.11
CA GLY Q 119 -34.45 82.30 15.55
C GLY Q 119 -33.13 82.97 15.86
N GLN Q 120 -32.06 82.18 15.94
CA GLN Q 120 -30.74 82.73 16.20
C GLN Q 120 -29.63 81.83 15.71
N ALA Q 121 -28.52 82.43 15.29
CA ALA Q 121 -27.38 81.66 14.82
C ALA Q 121 -26.83 80.80 15.94
N PRO Q 122 -26.97 79.48 15.82
CA PRO Q 122 -26.53 78.63 16.92
C PRO Q 122 -25.04 78.34 16.81
N THR Q 123 -24.22 79.23 17.35
CA THR Q 123 -22.77 79.04 17.28
C THR Q 123 -22.36 77.70 17.84
N PRO Q 124 -21.32 77.10 17.26
CA PRO Q 124 -20.84 75.81 17.75
C PRO Q 124 -20.88 75.73 19.27
N GLN Q 125 -20.36 76.73 19.95
CA GLN Q 125 -20.27 76.66 21.40
C GLN Q 125 -21.59 76.23 22.03
N THR Q 126 -22.70 76.60 21.41
CA THR Q 126 -24.00 76.24 21.96
C THR Q 126 -24.38 74.81 21.60
N ILE Q 127 -24.11 74.39 20.36
CA ILE Q 127 -24.54 73.06 19.93
C ILE Q 127 -23.77 71.99 20.68
N PHE Q 128 -22.45 72.05 20.62
CA PHE Q 128 -21.60 71.15 21.40
C PHE Q 128 -21.16 71.91 22.63
N ALA Q 129 -21.26 71.28 23.79
CA ALA Q 129 -20.76 71.89 25.00
C ALA Q 129 -19.40 71.29 25.29
N TYR Q 130 -18.35 72.05 25.00
CA TYR Q 130 -17.00 71.55 25.13
C TYR Q 130 -16.24 72.38 26.15
N PRO Q 131 -15.74 71.77 27.22
CA PRO Q 131 -14.89 72.52 28.16
C PRO Q 131 -13.72 73.15 27.43
N ASP Q 132 -13.38 74.35 27.86
CA ASP Q 132 -12.52 75.21 27.07
C ASP Q 132 -11.15 74.61 26.83
N THR Q 133 -10.76 73.59 27.60
CA THR Q 133 -9.47 72.93 27.37
C THR Q 133 -9.48 72.05 26.14
N LEU Q 134 -10.66 71.61 25.68
CA LEU Q 134 -10.76 70.79 24.49
C LEU Q 134 -10.99 71.59 23.23
N LYS Q 135 -10.96 72.93 23.31
CA LYS Q 135 -11.18 73.74 22.12
C LYS Q 135 -10.26 73.33 20.99
N ALA Q 136 -9.04 72.91 21.32
CA ALA Q 136 -8.05 72.66 20.27
C ALA Q 136 -8.46 71.51 19.36
N TRP Q 137 -9.04 70.45 19.93
CA TRP Q 137 -9.24 69.24 19.14
C TRP Q 137 -10.72 69.00 18.91
N PRO Q 138 -11.23 69.23 17.70
CA PRO Q 138 -12.67 69.05 17.49
C PRO Q 138 -13.10 67.61 17.50
N ALA Q 139 -12.27 66.70 17.02
CA ALA Q 139 -12.73 65.35 16.74
C ALA Q 139 -13.25 64.64 17.98
N THR Q 140 -13.00 65.19 19.15
CA THR Q 140 -13.47 64.57 20.39
C THR Q 140 -14.80 65.11 20.86
N TRP Q 141 -15.38 66.08 20.16
CA TRP Q 141 -16.61 66.70 20.62
C TRP Q 141 -17.79 65.74 20.42
N LYS Q 142 -18.78 65.86 21.29
CA LYS Q 142 -20.04 65.15 21.13
C LYS Q 142 -21.18 66.12 21.35
N VAL Q 143 -22.33 65.80 20.80
CA VAL Q 143 -23.48 66.68 20.93
C VAL Q 143 -23.90 66.75 22.38
N SER Q 144 -24.15 67.97 22.86
CA SER Q 144 -24.53 68.14 24.25
C SER Q 144 -25.89 67.53 24.52
N ARG Q 145 -25.97 66.66 25.52
CA ARG Q 145 -27.23 66.00 25.84
C ARG Q 145 -28.37 67.00 25.86
N GLU Q 146 -28.24 68.03 26.69
CA GLU Q 146 -29.29 69.05 26.76
C GLU Q 146 -30.72 68.52 26.77
N LEU Q 147 -31.56 69.15 25.95
CA LEU Q 147 -32.94 68.74 25.73
C LEU Q 147 -32.96 67.41 25.00
N CYS Q 148 -32.01 67.30 24.06
CA CYS Q 148 -31.72 66.14 23.18
C CYS Q 148 -32.64 65.96 21.99
N HIS Q 149 -33.52 66.92 21.77
CA HIS Q 149 -34.39 66.82 20.63
C HIS Q 149 -34.18 67.96 19.63
N ARG Q 150 -33.53 69.02 20.09
CA ARG Q 150 -33.30 70.16 19.23
C ARG Q 150 -32.26 69.88 18.17
N PHE Q 151 -31.30 69.03 18.47
CA PHE Q 151 -30.22 68.80 17.52
C PHE Q 151 -29.87 67.34 17.26
N VAL Q 152 -29.55 67.01 16.02
CA VAL Q 152 -29.14 65.67 15.68
C VAL Q 152 -28.25 65.73 14.45
N VAL Q 153 -27.21 64.91 14.44
CA VAL Q 153 -26.19 64.94 13.40
C VAL Q 153 -26.47 63.80 12.44
N LYS Q 154 -26.78 64.13 11.19
CA LYS Q 154 -27.10 63.09 10.23
C LYS Q 154 -25.91 62.63 9.40
N ARG Q 155 -24.79 63.36 9.43
CA ARG Q 155 -23.58 62.95 8.75
C ARG Q 155 -22.37 63.55 9.46
N ARG Q 156 -21.23 62.87 9.32
CA ARG Q 156 -19.99 63.34 9.90
C ARG Q 156 -18.84 62.88 9.02
N TRP Q 157 -17.87 63.76 8.81
CA TRP Q 157 -16.74 63.41 7.98
C TRP Q 157 -15.45 63.92 8.61
N LEU Q 158 -14.34 63.39 8.11
CA LEU Q 158 -13.02 63.70 8.64
C LEU Q 158 -12.08 64.04 7.50
N PHE Q 159 -11.10 64.87 7.80
CA PHE Q 159 -10.03 65.14 6.85
C PHE Q 159 -8.85 65.65 7.63
N ASN Q 160 -7.68 65.63 7.01
CA ASN Q 160 -6.47 66.02 7.69
C ASN Q 160 -5.54 66.77 6.75
N MET Q 161 -4.85 67.76 7.31
CA MET Q 161 -3.95 68.61 6.56
C MET Q 161 -2.64 68.72 7.31
N GLU Q 162 -1.57 69.05 6.59
CA GLU Q 162 -0.29 69.25 7.26
C GLU Q 162 0.49 70.30 6.50
N THR Q 163 1.22 71.12 7.24
CA THR Q 163 1.99 72.22 6.67
C THR Q 163 3.43 72.10 7.12
N ASP Q 164 4.35 72.19 6.17
CA ASP Q 164 5.77 72.05 6.46
C ASP Q 164 6.41 73.34 6.93
N GLY Q 165 5.63 74.41 7.06
CA GLY Q 165 6.19 75.68 7.46
C GLY Q 165 6.74 76.48 6.30
N ARG Q 166 6.24 76.26 5.09
CA ARG Q 166 6.74 76.97 3.92
C ARG Q 166 5.57 77.32 3.02
N ILE Q 167 5.46 78.60 2.66
CA ILE Q 167 4.43 79.00 1.72
C ILE Q 167 4.81 78.53 0.31
N GLY Q 168 3.82 78.47 -0.56
CA GLY Q 168 4.04 77.97 -1.90
C GLY Q 168 4.47 78.98 -2.92
N SER Q 169 4.68 80.24 -2.52
CA SER Q 169 4.97 81.31 -3.46
C SER Q 169 6.45 81.61 -3.60
N ASP Q 170 7.31 80.91 -2.88
CA ASP Q 170 8.73 81.25 -2.85
C ASP Q 170 9.56 80.13 -3.45
N ILE Q 171 10.73 80.51 -3.96
CA ILE Q 171 11.58 79.61 -4.74
C ILE Q 171 12.57 78.91 -3.82
N PRO Q 172 12.76 77.60 -3.95
CA PRO Q 172 13.78 76.91 -3.16
C PRO Q 172 15.16 77.33 -3.59
N PRO Q 173 16.16 77.18 -2.73
CA PRO Q 173 17.54 77.37 -3.15
C PRO Q 173 18.01 76.21 -4.01
N SER Q 174 19.07 76.46 -4.79
CA SER Q 174 19.59 75.44 -5.69
C SER Q 174 20.18 74.26 -4.95
N ASN Q 175 20.33 74.34 -3.63
CA ASN Q 175 20.97 73.26 -2.89
C ASN Q 175 20.03 72.09 -2.64
N ALA Q 176 18.77 72.35 -2.26
CA ALA Q 176 17.89 71.30 -1.81
C ALA Q 176 16.48 71.51 -2.35
N SER Q 177 15.64 70.48 -2.21
CA SER Q 177 14.25 70.53 -2.64
C SER Q 177 13.35 70.13 -1.48
N TRP Q 178 12.05 70.07 -1.75
CA TRP Q 178 11.10 69.65 -0.72
C TRP Q 178 9.97 68.86 -1.35
N LYS Q 179 9.45 67.87 -0.61
CA LYS Q 179 8.26 67.16 -1.02
C LYS Q 179 7.10 67.69 -0.19
N PRO Q 180 6.20 68.48 -0.75
CA PRO Q 180 5.12 69.05 0.05
C PRO Q 180 3.85 68.24 0.00
N CYS Q 181 3.82 67.08 0.63
CA CYS Q 181 2.60 66.27 0.63
C CYS Q 181 1.48 67.02 1.33
N LYS Q 182 0.32 67.06 0.69
CA LYS Q 182 -0.91 67.46 1.35
C LYS Q 182 -0.84 68.89 1.88
N ARG Q 183 -0.27 69.80 1.11
CA ARG Q 183 -0.36 71.20 1.50
C ARG Q 183 -1.76 71.75 1.27
N ASN Q 184 -2.49 71.15 0.33
CA ASN Q 184 -3.88 71.51 0.06
C ASN Q 184 -4.58 70.30 -0.51
N ILE Q 185 -5.87 70.17 -0.23
CA ILE Q 185 -6.57 68.94 -0.55
C ILE Q 185 -7.87 69.24 -1.29
N TYR Q 186 -8.42 68.20 -1.87
CA TYR Q 186 -9.70 68.23 -2.57
C TYR Q 186 -10.70 67.35 -1.82
N PHE Q 187 -11.88 67.90 -1.58
CA PHE Q 187 -12.84 67.27 -0.67
C PHE Q 187 -14.21 67.22 -1.33
N HIS Q 188 -14.73 66.02 -1.57
CA HIS Q 188 -16.02 65.91 -2.22
C HIS Q 188 -16.78 64.74 -1.64
N LYS Q 189 -18.09 64.92 -1.46
CA LYS Q 189 -18.96 63.89 -0.94
C LYS Q 189 -20.30 64.00 -1.64
N PHE Q 190 -20.98 62.87 -1.78
CA PHE Q 190 -22.31 62.85 -2.38
C PHE Q 190 -23.16 61.86 -1.61
N THR Q 191 -24.27 62.32 -1.04
CA THR Q 191 -25.08 61.48 -0.16
C THR Q 191 -26.54 61.63 -0.50
N SER Q 192 -27.18 60.52 -0.88
CA SER Q 192 -28.59 60.50 -1.21
C SER Q 192 -29.47 60.07 -0.05
N GLY Q 193 -28.89 59.56 1.03
CA GLY Q 193 -29.69 58.85 2.01
C GLY Q 193 -30.63 59.76 2.79
N LEU Q 194 -30.18 60.95 3.13
CA LEU Q 194 -30.88 61.77 4.10
C LEU Q 194 -32.24 62.20 3.56
N GLY Q 195 -33.09 62.62 4.48
CA GLY Q 195 -34.31 63.31 4.10
C GLY Q 195 -34.68 64.27 5.20
N VAL Q 196 -35.37 65.34 4.82
CA VAL Q 196 -35.63 66.46 5.71
C VAL Q 196 -36.96 67.06 5.32
N ARG Q 197 -37.73 67.51 6.31
CA ARG Q 197 -39.03 68.09 6.07
C ARG Q 197 -39.12 69.43 6.77
N THR Q 198 -39.33 70.48 6.00
CA THR Q 198 -39.33 71.84 6.52
C THR Q 198 -40.71 72.45 6.37
N GLN Q 199 -41.01 73.42 7.22
CA GLN Q 199 -42.22 74.21 7.08
C GLN Q 199 -41.87 75.68 7.26
N TRP Q 200 -42.34 76.50 6.34
CA TRP Q 200 -41.96 77.89 6.24
C TRP Q 200 -43.10 78.78 6.72
N LYS Q 201 -42.72 79.93 7.28
CA LYS Q 201 -43.73 80.89 7.71
C LYS Q 201 -44.31 81.62 6.51
N ASN Q 202 -45.11 82.63 6.79
CA ASN Q 202 -45.77 83.39 5.74
C ASN Q 202 -44.78 84.15 4.88
N VAL Q 203 -43.79 84.80 5.50
CA VAL Q 203 -42.97 85.79 4.81
C VAL Q 203 -42.33 85.20 3.57
N THR Q 204 -42.25 86.00 2.51
CA THR Q 204 -41.64 85.57 1.26
C THR Q 204 -40.12 85.42 1.36
N ASP Q 205 -39.52 85.89 2.44
CA ASP Q 205 -38.07 85.83 2.56
C ASP Q 205 -37.59 84.39 2.69
N GLY Q 206 -36.33 84.18 2.34
CA GLY Q 206 -35.68 82.90 2.51
C GLY Q 206 -34.66 82.85 3.62
N GLY Q 207 -34.62 83.82 4.51
CA GLY Q 207 -33.62 83.87 5.55
C GLY Q 207 -33.87 82.85 6.65
N VAL Q 208 -33.10 83.01 7.73
CA VAL Q 208 -33.19 82.06 8.83
C VAL Q 208 -34.42 82.33 9.68
N GLY Q 209 -34.84 83.59 9.76
CA GLY Q 209 -35.99 83.92 10.58
C GLY Q 209 -37.30 83.40 10.04
N ALA Q 210 -37.31 82.91 8.80
CA ALA Q 210 -38.56 82.55 8.16
C ALA Q 210 -38.88 81.07 8.29
N ILE Q 211 -38.03 80.29 8.93
CA ILE Q 211 -38.25 78.85 8.97
C ILE Q 211 -38.88 78.46 10.31
N GLN Q 212 -40.00 77.76 10.24
CA GLN Q 212 -40.69 77.36 11.46
C GLN Q 212 -40.10 76.10 12.07
N ARG Q 213 -39.79 75.10 11.23
CA ARG Q 213 -39.20 73.86 11.72
C ARG Q 213 -38.20 73.31 10.71
N GLY Q 214 -37.35 72.42 11.21
CA GLY Q 214 -36.46 71.65 10.35
C GLY Q 214 -35.38 72.43 9.64
N ALA Q 215 -34.57 73.19 10.36
CA ALA Q 215 -33.46 73.84 9.72
C ALA Q 215 -32.39 72.81 9.38
N LEU Q 216 -31.32 73.27 8.74
CA LEU Q 216 -30.21 72.39 8.42
C LEU Q 216 -28.94 73.22 8.44
N TYR Q 217 -27.86 72.66 8.97
CA TYR Q 217 -26.65 73.45 9.17
C TYR Q 217 -25.42 72.69 8.69
N MET Q 218 -24.45 73.45 8.20
CA MET Q 218 -23.15 72.95 7.82
C MET Q 218 -22.12 73.54 8.76
N VAL Q 219 -21.40 72.68 9.48
CA VAL Q 219 -20.46 73.13 10.50
C VAL Q 219 -19.06 72.67 10.14
N ILE Q 220 -18.12 73.59 10.16
CA ILE Q 220 -16.72 73.31 9.89
C ILE Q 220 -15.92 73.63 11.13
N ALA Q 221 -14.97 72.77 11.47
CA ALA Q 221 -14.08 73.05 12.56
C ALA Q 221 -12.68 72.69 12.13
N PRO Q 222 -11.68 73.47 12.51
CA PRO Q 222 -10.32 73.23 12.05
C PRO Q 222 -9.61 72.27 12.97
N GLY Q 223 -8.38 71.94 12.61
CA GLY Q 223 -7.51 71.15 13.46
C GLY Q 223 -6.98 71.98 14.59
N ASN Q 224 -5.87 71.53 15.16
CA ASN Q 224 -5.29 72.27 16.27
C ASN Q 224 -4.51 73.46 15.74
N GLY Q 225 -4.96 74.66 16.10
CA GLY Q 225 -4.27 75.87 15.73
C GLY Q 225 -4.07 76.09 14.25
N LEU Q 226 -4.78 75.35 13.40
CA LEU Q 226 -4.56 75.43 11.96
C LEU Q 226 -5.81 76.01 11.29
N THR Q 227 -5.75 77.27 10.91
CA THR Q 227 -6.80 77.92 10.14
C THR Q 227 -6.63 77.65 8.66
N PHE Q 228 -7.73 77.75 7.91
CA PHE Q 228 -7.65 77.64 6.47
C PHE Q 228 -8.82 78.39 5.84
N THR Q 229 -8.92 78.30 4.52
CA THR Q 229 -10.01 78.89 3.76
C THR Q 229 -10.57 77.85 2.81
N ALA Q 230 -11.58 78.22 2.04
CA ALA Q 230 -12.24 77.27 1.17
C ALA Q 230 -12.67 77.94 -0.12
N HIS Q 231 -12.89 77.12 -1.14
CA HIS Q 231 -13.43 77.57 -2.40
C HIS Q 231 -14.21 76.42 -2.98
N GLY Q 232 -15.35 76.71 -3.59
CA GLY Q 232 -16.11 75.67 -4.23
C GLY Q 232 -17.58 76.03 -4.27
N GLN Q 233 -18.40 74.99 -4.46
CA GLN Q 233 -19.84 75.20 -4.59
C GLN Q 233 -20.56 73.91 -4.22
N THR Q 234 -21.83 74.05 -3.87
CA THR Q 234 -22.65 72.91 -3.49
C THR Q 234 -23.96 72.94 -4.25
N ARG Q 235 -24.70 71.83 -4.16
CA ARG Q 235 -26.01 71.74 -4.78
C ARG Q 235 -26.95 70.97 -3.87
N LEU Q 236 -28.23 71.30 -3.98
CA LEU Q 236 -29.27 70.61 -3.25
C LEU Q 236 -30.34 70.16 -4.23
N TYR Q 237 -31.12 69.17 -3.81
CA TYR Q 237 -32.18 68.64 -4.65
C TYR Q 237 -33.43 68.52 -3.81
N PHE Q 238 -34.49 69.24 -4.18
CA PHE Q 238 -35.70 69.24 -3.38
C PHE Q 238 -36.90 69.35 -4.30
N LYS Q 239 -38.09 69.30 -3.71
CA LYS Q 239 -39.33 69.48 -4.43
C LYS Q 239 -40.36 70.11 -3.50
N SER Q 240 -41.17 71.01 -4.04
CA SER Q 240 -42.24 71.59 -3.25
C SER Q 240 -43.36 70.57 -3.09
N VAL Q 241 -44.16 70.77 -2.05
CA VAL Q 241 -45.23 69.83 -1.76
C VAL Q 241 -46.17 70.41 -0.72
N GLY Q 242 -47.47 70.32 -0.96
CA GLY Q 242 -48.43 70.80 0.00
C GLY Q 242 -49.57 71.63 -0.57
N ASN Q 243 -50.49 72.06 0.28
CA ASN Q 243 -51.62 72.88 -0.16
C ASN Q 243 -52.41 72.21 -1.27
N LYS S 29 -16.23 37.98 -20.09
CA LYS S 29 -15.93 38.47 -21.44
C LYS S 29 -16.00 39.98 -21.49
N ARG S 30 -17.20 40.52 -21.57
CA ARG S 30 -17.36 41.97 -21.68
C ARG S 30 -18.77 42.39 -21.25
N ALA S 31 -18.96 43.68 -21.01
CA ALA S 31 -20.27 44.17 -20.58
C ALA S 31 -20.97 44.94 -21.69
N GLY S 32 -20.21 45.70 -22.45
CA GLY S 32 -20.81 46.52 -23.50
C GLY S 32 -20.44 46.46 -24.97
N SER S 33 -19.91 45.38 -25.55
CA SER S 33 -19.34 45.59 -26.89
C SER S 33 -20.37 45.48 -28.02
N LYS S 34 -21.13 44.40 -28.07
CA LYS S 34 -22.14 44.16 -29.13
C LYS S 34 -21.58 43.26 -30.22
N ALA S 35 -20.82 43.82 -31.15
CA ALA S 35 -20.21 42.97 -32.16
C ALA S 35 -19.46 41.89 -31.43
N ASP S 36 -19.82 40.63 -31.67
CA ASP S 36 -19.20 39.53 -30.94
C ASP S 36 -18.84 38.35 -31.85
N ARG S 37 -19.06 38.51 -33.16
CA ARG S 37 -18.72 37.45 -34.11
C ARG S 37 -17.44 37.70 -34.95
N PRO S 38 -17.30 38.84 -35.68
CA PRO S 38 -16.11 39.30 -36.39
C PRO S 38 -15.33 40.31 -35.57
N SER S 39 -14.22 40.78 -36.11
CA SER S 39 -13.42 41.77 -35.42
C SER S 39 -14.01 43.16 -35.63
N LEU S 40 -13.89 44.00 -34.62
CA LEU S 40 -14.28 45.39 -34.73
C LEU S 40 -13.20 46.16 -35.46
N GLN S 41 -13.60 47.24 -36.12
CA GLN S 41 -12.59 48.09 -36.74
C GLN S 41 -11.86 48.88 -35.68
N ILE S 42 -10.62 49.25 -35.99
CA ILE S 42 -9.74 49.88 -35.01
C ILE S 42 -9.13 51.12 -35.61
N GLN S 43 -9.44 52.27 -35.04
CA GLN S 43 -8.79 53.53 -35.36
C GLN S 43 -7.83 53.90 -34.25
N THR S 44 -6.66 54.41 -34.63
CA THR S 44 -5.65 54.77 -33.66
C THR S 44 -5.28 56.24 -33.79
N LEU S 45 -4.76 56.80 -32.71
CA LEU S 45 -4.27 58.16 -32.69
C LEU S 45 -2.89 58.18 -32.09
N GLN S 46 -1.99 58.92 -32.71
CA GLN S 46 -0.58 58.92 -32.34
C GLN S 46 -0.19 60.32 -31.91
N HIS S 47 0.13 60.49 -30.64
CA HIS S 47 0.62 61.76 -30.12
C HIS S 47 2.02 61.54 -29.58
N ALA S 48 3.01 62.10 -30.26
CA ALA S 48 4.41 61.91 -29.91
C ALA S 48 5.26 62.72 -30.87
N GLY S 49 6.50 62.92 -30.49
CA GLY S 49 7.41 63.66 -31.36
C GLY S 49 6.95 65.09 -31.52
N THR S 50 6.89 65.54 -32.78
CA THR S 50 6.52 66.92 -33.03
C THR S 50 5.08 67.21 -32.62
N THR S 51 4.23 66.19 -32.62
CA THR S 51 2.85 66.34 -32.16
C THR S 51 2.77 65.74 -30.78
N MET S 52 2.68 66.61 -29.77
CA MET S 52 2.47 66.18 -28.41
C MET S 52 1.46 67.13 -27.79
N ILE S 53 0.57 66.60 -26.98
CA ILE S 53 -0.42 67.46 -26.33
C ILE S 53 0.30 68.30 -25.29
N THR S 54 0.16 69.62 -25.40
CA THR S 54 0.67 70.53 -24.40
C THR S 54 -0.50 71.29 -23.79
N VAL S 55 -0.54 71.35 -22.47
CA VAL S 55 -1.70 71.89 -21.79
C VAL S 55 -1.31 73.22 -21.14
N PRO S 56 -1.76 74.34 -21.68
CA PRO S 56 -1.63 75.60 -20.95
C PRO S 56 -2.68 75.68 -19.86
N SER S 57 -2.45 76.61 -18.94
CA SER S 57 -3.43 76.85 -17.88
C SER S 57 -4.77 77.21 -18.49
N GLY S 58 -5.82 76.53 -18.04
CA GLY S 58 -7.16 76.76 -18.54
C GLY S 58 -7.70 75.65 -19.43
N GLY S 59 -6.92 74.59 -19.66
CA GLY S 59 -7.44 73.45 -20.37
C GLY S 59 -7.30 73.54 -21.87
N VAL S 60 -7.60 72.42 -22.52
CA VAL S 60 -7.54 72.34 -23.98
C VAL S 60 -8.58 71.33 -24.45
N CYS S 61 -9.18 71.62 -25.59
CA CYS S 61 -10.23 70.80 -26.17
C CYS S 61 -9.72 70.09 -27.42
N ASP S 62 -10.25 68.89 -27.66
CA ASP S 62 -9.86 68.15 -28.85
C ASP S 62 -10.95 67.14 -29.16
N LEU S 63 -10.97 66.68 -30.41
CA LEU S 63 -11.95 65.73 -30.90
C LEU S 63 -11.24 64.46 -31.31
N ILE S 64 -11.59 63.34 -30.65
CA ILE S 64 -10.93 62.07 -30.89
C ILE S 64 -11.68 61.18 -31.86
N ASN S 65 -12.80 61.64 -32.40
CA ASN S 65 -13.72 60.76 -33.10
C ASN S 65 -13.52 60.76 -34.61
N THR S 66 -12.48 61.43 -35.12
CA THR S 66 -12.32 61.61 -36.56
C THR S 66 -12.25 60.28 -37.29
N TYR S 67 -13.10 60.14 -38.31
CA TYR S 67 -13.09 58.97 -39.19
C TYR S 67 -13.14 59.47 -40.63
N ALA S 68 -12.10 59.18 -41.40
CA ALA S 68 -12.18 59.45 -42.83
C ALA S 68 -13.07 58.41 -43.49
N ARG S 69 -13.57 58.75 -44.68
CA ARG S 69 -14.35 57.81 -45.48
C ARG S 69 -13.49 57.30 -46.61
N GLY S 70 -13.54 55.99 -46.85
CA GLY S 70 -12.78 55.44 -47.94
C GLY S 70 -12.69 53.93 -47.84
N SER S 71 -11.74 53.38 -48.57
CA SER S 71 -11.53 51.94 -48.67
C SER S 71 -10.75 51.39 -47.49
N ASP S 72 -9.87 52.18 -46.88
CA ASP S 72 -8.93 51.67 -45.91
C ASP S 72 -9.63 51.12 -44.69
N GLU S 73 -8.94 50.24 -43.96
CA GLU S 73 -9.53 49.60 -42.80
C GLU S 73 -9.86 50.59 -41.71
N GLY S 74 -9.02 51.62 -41.53
CA GLY S 74 -9.25 52.57 -40.48
C GLY S 74 -10.33 53.58 -40.84
N ASN S 75 -10.76 53.58 -42.09
CA ASN S 75 -11.79 54.50 -42.51
C ASN S 75 -13.16 53.94 -42.19
N ARG S 76 -14.19 54.72 -42.49
CA ARG S 76 -15.55 54.26 -42.33
C ARG S 76 -16.14 53.89 -43.69
N HIS S 77 -17.37 53.39 -43.67
CA HIS S 77 -18.04 52.96 -44.89
C HIS S 77 -19.34 53.71 -45.09
N THR S 78 -20.33 53.48 -44.24
CA THR S 78 -21.61 54.18 -44.35
C THR S 78 -21.49 55.55 -43.68
N SER S 79 -22.63 56.20 -43.48
CA SER S 79 -22.67 57.50 -42.84
C SER S 79 -22.99 57.41 -41.35
N GLU S 80 -23.14 56.22 -40.79
CA GLU S 80 -23.50 56.06 -39.40
C GLU S 80 -22.59 55.05 -38.72
N THR S 81 -22.08 55.40 -37.54
CA THR S 81 -21.14 54.56 -36.81
C THR S 81 -21.55 54.43 -35.36
N LEU S 82 -21.00 53.42 -34.69
CA LEU S 82 -21.23 53.19 -33.27
C LEU S 82 -19.89 52.86 -32.61
N THR S 83 -19.50 53.64 -31.62
CA THR S 83 -18.28 53.36 -30.89
C THR S 83 -18.63 52.61 -29.61
N TYR S 84 -17.77 51.67 -29.23
CA TYR S 84 -18.04 50.84 -28.07
C TYR S 84 -16.97 50.98 -27.00
N LYS S 85 -15.74 50.56 -27.26
CA LYS S 85 -14.68 50.56 -26.29
C LYS S 85 -13.64 51.62 -26.62
N ILE S 86 -12.97 52.11 -25.60
CA ILE S 86 -11.92 53.09 -25.76
C ILE S 86 -10.82 52.81 -24.75
N ALA S 87 -9.58 52.91 -25.21
CA ALA S 87 -8.41 52.64 -24.38
C ALA S 87 -7.45 53.82 -24.46
N ILE S 88 -6.78 54.12 -23.36
CA ILE S 88 -5.99 55.34 -23.23
C ILE S 88 -4.70 55.01 -22.52
N ASP S 89 -3.57 55.43 -23.11
CA ASP S 89 -2.25 55.26 -22.50
C ASP S 89 -1.43 56.52 -22.70
N TYR S 90 -0.86 57.04 -21.63
CA TYR S 90 -0.09 58.27 -21.74
C TYR S 90 0.99 58.34 -20.67
N HIS S 91 1.93 59.23 -20.90
CA HIS S 91 3.02 59.53 -19.98
C HIS S 91 3.01 61.03 -19.75
N PHE S 92 2.69 61.46 -18.54
CA PHE S 92 2.68 62.87 -18.23
C PHE S 92 4.00 63.28 -17.60
N VAL S 93 4.47 64.47 -17.93
CA VAL S 93 5.71 64.98 -17.36
C VAL S 93 5.59 66.48 -17.20
N ALA S 94 6.12 66.98 -16.10
CA ALA S 94 6.01 68.40 -15.80
C ALA S 94 6.84 69.22 -16.77
N ASP S 95 6.51 70.51 -16.85
CA ASP S 95 7.18 71.44 -17.74
C ASP S 95 8.29 72.17 -17.01
N ALA S 96 9.39 72.42 -17.73
CA ALA S 96 10.54 73.10 -17.12
C ALA S 96 10.14 74.44 -16.54
N ALA S 97 9.16 75.11 -17.14
CA ALA S 97 8.70 76.38 -16.60
C ALA S 97 8.09 76.20 -15.22
N ALA S 98 7.27 75.17 -15.04
CA ALA S 98 6.63 74.94 -13.75
C ALA S 98 7.57 74.26 -12.77
N CYS S 99 8.65 73.66 -13.25
CA CYS S 99 9.61 73.04 -12.34
C CYS S 99 10.32 74.06 -11.47
N ARG S 100 10.16 75.36 -11.71
CA ARG S 100 10.84 76.32 -10.86
C ARG S 100 10.20 76.41 -9.47
N TYR S 101 8.87 76.50 -9.41
CA TYR S 101 8.17 76.49 -8.14
C TYR S 101 8.05 75.06 -7.62
N SER S 102 7.84 74.94 -6.32
CA SER S 102 7.54 73.65 -5.71
C SER S 102 6.14 73.71 -5.12
N ASN S 103 5.20 73.02 -5.74
CA ASN S 103 3.85 72.90 -5.20
C ASN S 103 3.17 71.71 -5.83
N THR S 104 2.11 71.25 -5.16
CA THR S 104 1.34 70.11 -5.63
C THR S 104 0.17 70.60 -6.48
N GLY S 105 -0.73 69.70 -6.83
CA GLY S 105 -1.89 70.07 -7.61
C GLY S 105 -2.67 68.83 -7.99
N THR S 106 -3.81 69.07 -8.65
CA THR S 106 -4.66 67.98 -9.09
C THR S 106 -5.26 68.30 -10.44
N GLY S 107 -5.16 67.35 -11.37
CA GLY S 107 -5.70 67.49 -12.70
C GLY S 107 -6.98 66.68 -12.87
N VAL S 108 -7.65 66.93 -13.99
CA VAL S 108 -8.89 66.24 -14.32
C VAL S 108 -8.91 65.96 -15.81
N MET S 109 -9.48 64.83 -16.20
CA MET S 109 -9.71 64.50 -17.61
C MET S 109 -11.17 64.12 -17.79
N TRP S 110 -11.95 64.99 -18.43
CA TRP S 110 -13.32 64.69 -18.80
C TRP S 110 -13.37 63.95 -20.13
N LEU S 111 -14.47 63.24 -20.33
CA LEU S 111 -14.81 62.69 -21.64
C LEU S 111 -16.23 63.13 -21.94
N VAL S 112 -16.40 64.01 -22.91
CA VAL S 112 -17.63 64.78 -23.08
C VAL S 112 -18.29 64.40 -24.40
N TYR S 113 -19.62 64.33 -24.38
CA TYR S 113 -20.42 63.90 -25.52
C TYR S 113 -21.37 65.01 -25.94
N ASP S 114 -21.14 65.55 -27.13
CA ASP S 114 -21.95 66.64 -27.66
C ASP S 114 -23.06 66.09 -28.54
N THR S 115 -24.29 66.49 -28.26
CA THR S 115 -25.42 66.08 -29.10
C THR S 115 -25.52 66.93 -30.34
N THR S 116 -25.36 68.25 -30.22
CA THR S 116 -25.61 69.18 -31.31
C THR S 116 -24.33 69.95 -31.61
N PRO S 117 -23.46 69.42 -32.47
CA PRO S 117 -22.23 70.13 -32.82
C PRO S 117 -22.54 71.39 -33.61
N GLY S 118 -21.51 72.23 -33.74
CA GLY S 118 -21.63 73.46 -34.51
C GLY S 118 -20.33 73.76 -35.19
N GLY S 119 -20.36 74.76 -36.06
CA GLY S 119 -19.18 75.06 -36.87
C GLY S 119 -17.96 75.38 -36.02
N GLN S 120 -18.10 76.35 -35.12
CA GLN S 120 -17.03 76.75 -34.23
C GLN S 120 -16.64 75.59 -33.32
N ALA S 121 -15.34 75.37 -33.17
CA ALA S 121 -14.89 74.37 -32.21
C ALA S 121 -15.00 74.92 -30.79
N PRO S 122 -15.57 74.17 -29.85
CA PRO S 122 -15.79 74.71 -28.52
C PRO S 122 -14.50 74.78 -27.72
N THR S 123 -14.48 75.68 -26.75
CA THR S 123 -13.42 75.83 -25.78
C THR S 123 -13.94 75.53 -24.39
N PRO S 124 -13.11 75.04 -23.47
CA PRO S 124 -13.60 74.73 -22.12
C PRO S 124 -14.37 75.86 -21.47
N GLN S 125 -13.98 77.11 -21.77
CA GLN S 125 -14.71 78.25 -21.22
C GLN S 125 -16.17 78.20 -21.57
N THR S 126 -16.51 77.66 -22.75
CA THR S 126 -17.90 77.61 -23.16
C THR S 126 -18.64 76.44 -22.51
N ILE S 127 -17.99 75.28 -22.45
CA ILE S 127 -18.65 74.09 -21.93
C ILE S 127 -18.96 74.25 -20.45
N PHE S 128 -17.96 74.53 -19.65
CA PHE S 128 -18.13 74.83 -18.25
C PHE S 128 -18.13 76.34 -18.10
N ALA S 129 -19.08 76.89 -17.37
CA ALA S 129 -19.07 78.32 -17.10
C ALA S 129 -18.49 78.50 -15.71
N TYR S 130 -17.25 78.93 -15.64
CA TYR S 130 -16.54 79.05 -14.38
C TYR S 130 -16.15 80.50 -14.15
N PRO S 131 -16.62 81.13 -13.07
CA PRO S 131 -16.16 82.48 -12.75
C PRO S 131 -14.64 82.52 -12.65
N ASP S 132 -14.06 83.61 -13.16
CA ASP S 132 -12.63 83.64 -13.42
C ASP S 132 -11.80 83.39 -12.17
N THR S 133 -12.37 83.56 -10.98
CA THR S 133 -11.62 83.30 -9.77
C THR S 133 -11.37 81.81 -9.54
N LEU S 134 -12.19 80.95 -10.13
CA LEU S 134 -12.00 79.51 -10.00
C LEU S 134 -11.16 78.91 -11.11
N LYS S 135 -10.59 79.72 -12.00
CA LYS S 135 -9.76 79.19 -13.07
C LYS S 135 -8.68 78.26 -12.54
N ALA S 136 -8.17 78.55 -11.35
CA ALA S 136 -7.01 77.81 -10.86
C ALA S 136 -7.35 76.34 -10.61
N TRP S 137 -8.54 76.07 -10.07
CA TRP S 137 -8.82 74.72 -9.60
C TRP S 137 -9.89 74.06 -10.46
N PRO S 138 -9.53 73.12 -11.33
CA PRO S 138 -10.53 72.53 -12.21
C PRO S 138 -11.51 71.63 -11.48
N ALA S 139 -11.05 70.91 -10.46
CA ALA S 139 -11.85 69.84 -9.90
C ALA S 139 -13.19 70.31 -9.37
N THR S 140 -13.38 71.60 -9.22
CA THR S 140 -14.63 72.14 -8.71
C THR S 140 -15.60 72.53 -9.81
N TRP S 141 -15.23 72.39 -11.07
CA TRP S 141 -16.10 72.82 -12.16
C TRP S 141 -17.26 71.86 -12.31
N LYS S 142 -18.38 72.40 -12.76
CA LYS S 142 -19.54 71.59 -13.13
C LYS S 142 -20.04 72.06 -14.48
N VAL S 143 -20.76 71.18 -15.17
CA VAL S 143 -21.27 71.53 -16.49
C VAL S 143 -22.25 72.68 -16.37
N SER S 144 -22.15 73.65 -17.28
CA SER S 144 -22.98 74.83 -17.21
C SER S 144 -24.45 74.46 -17.35
N ARG S 145 -25.30 75.24 -16.69
CA ARG S 145 -26.70 74.85 -16.55
C ARG S 145 -27.52 75.19 -17.79
N GLU S 146 -27.13 76.25 -18.52
CA GLU S 146 -27.87 76.65 -19.72
C GLU S 146 -27.93 75.53 -20.75
N LEU S 147 -26.78 74.89 -20.97
CA LEU S 147 -26.71 73.83 -21.96
C LEU S 147 -26.89 72.49 -21.28
N CYS S 148 -27.85 72.41 -20.37
CA CYS S 148 -28.09 71.18 -19.64
C CYS S 148 -28.39 70.02 -20.56
N HIS S 149 -28.87 70.31 -21.76
CA HIS S 149 -29.25 69.23 -22.67
C HIS S 149 -28.43 69.22 -23.95
N ARG S 150 -27.28 69.89 -23.96
CA ARG S 150 -26.41 69.83 -25.13
C ARG S 150 -25.17 69.01 -24.84
N PHE S 151 -24.51 69.28 -23.73
CA PHE S 151 -23.32 68.54 -23.37
C PHE S 151 -23.61 67.62 -22.19
N VAL S 152 -22.98 66.46 -22.19
CA VAL S 152 -23.10 65.51 -21.09
C VAL S 152 -21.78 64.77 -20.94
N VAL S 153 -21.39 64.54 -19.70
CA VAL S 153 -20.10 63.95 -19.38
C VAL S 153 -20.31 62.48 -19.07
N LYS S 154 -19.73 61.61 -19.88
CA LYS S 154 -19.93 60.18 -19.66
C LYS S 154 -18.84 59.53 -18.84
N ARG S 155 -17.73 60.22 -18.61
CA ARG S 155 -16.67 59.72 -17.74
C ARG S 155 -15.90 60.88 -17.16
N ARG S 156 -15.29 60.65 -16.00
CA ARG S 156 -14.48 61.65 -15.34
C ARG S 156 -13.39 60.94 -14.55
N TRP S 157 -12.17 61.49 -14.60
CA TRP S 157 -11.08 60.88 -13.87
C TRP S 157 -10.24 61.95 -13.20
N LEU S 158 -9.40 61.51 -12.27
CA LEU S 158 -8.59 62.40 -11.46
C LEU S 158 -7.16 61.89 -11.45
N PHE S 159 -6.22 62.82 -11.29
CA PHE S 159 -4.84 62.45 -11.08
C PHE S 159 -4.15 63.63 -10.43
N ASN S 160 -2.98 63.37 -9.84
CA ASN S 160 -2.28 64.41 -9.12
C ASN S 160 -0.78 64.29 -9.34
N MET S 161 -0.12 65.45 -9.40
CA MET S 161 1.30 65.53 -9.65
C MET S 161 1.91 66.47 -8.63
N GLU S 162 3.20 66.33 -8.39
CA GLU S 162 3.88 67.25 -7.50
C GLU S 162 5.31 67.42 -7.96
N THR S 163 5.83 68.64 -7.83
CA THR S 163 7.17 68.98 -8.27
C THR S 163 7.93 69.58 -7.11
N ASP S 164 9.14 69.08 -6.87
CA ASP S 164 9.97 69.55 -5.77
C ASP S 164 10.76 70.80 -6.11
N GLY S 165 10.60 71.33 -7.31
CA GLY S 165 11.37 72.48 -7.71
C GLY S 165 12.73 72.14 -8.26
N ARG S 166 12.90 70.93 -8.82
CA ARG S 166 14.18 70.52 -9.34
C ARG S 166 13.96 69.74 -10.62
N ILE S 167 14.64 70.14 -11.70
CA ILE S 167 14.56 69.39 -12.94
C ILE S 167 15.35 68.09 -12.80
N GLY S 168 15.05 67.14 -13.68
CA GLY S 168 15.69 65.84 -13.59
C GLY S 168 16.99 65.70 -14.34
N SER S 169 17.49 66.78 -14.96
CA SER S 169 18.67 66.70 -15.80
C SER S 169 19.96 67.08 -15.10
N ASP S 170 19.89 67.46 -13.83
CA ASP S 170 21.06 67.99 -13.14
C ASP S 170 21.48 67.05 -12.00
N ILE S 171 22.77 67.12 -11.67
CA ILE S 171 23.39 66.18 -10.73
C ILE S 171 23.33 66.74 -9.31
N PRO S 172 22.95 65.95 -8.33
CA PRO S 172 22.96 66.41 -6.95
C PRO S 172 24.39 66.61 -6.47
N PRO S 173 24.59 67.44 -5.45
CA PRO S 173 25.91 67.52 -4.82
C PRO S 173 26.17 66.29 -3.97
N SER S 174 27.46 66.05 -3.71
CA SER S 174 27.86 64.88 -2.94
C SER S 174 27.36 64.93 -1.50
N ASN S 175 26.83 66.06 -1.05
CA ASN S 175 26.43 66.17 0.34
C ASN S 175 25.09 65.51 0.62
N ALA S 176 24.10 65.68 -0.25
CA ALA S 176 22.75 65.24 0.05
C ALA S 176 22.10 64.61 -1.18
N SER S 177 20.96 63.97 -0.96
CA SER S 177 20.19 63.34 -2.04
C SER S 177 18.75 63.84 -1.97
N TRP S 178 17.91 63.31 -2.87
CA TRP S 178 16.50 63.67 -2.87
C TRP S 178 15.65 62.48 -3.24
N LYS S 179 14.45 62.39 -2.66
CA LYS S 179 13.47 61.40 -3.07
C LYS S 179 12.44 62.10 -3.93
N PRO S 180 12.44 61.91 -5.24
CA PRO S 180 11.48 62.62 -6.09
C PRO S 180 10.22 61.83 -6.37
N CYS S 181 9.35 61.68 -5.39
CA CYS S 181 8.11 60.96 -5.60
C CYS S 181 7.25 61.69 -6.64
N LYS S 182 6.77 60.93 -7.63
CA LYS S 182 5.71 61.39 -8.51
C LYS S 182 6.11 62.64 -9.28
N ARG S 183 7.34 62.68 -9.78
CA ARG S 183 7.70 63.76 -10.69
C ARG S 183 7.04 63.57 -12.04
N ASN S 184 6.73 62.33 -12.40
CA ASN S 184 6.02 62.01 -13.62
C ASN S 184 5.27 60.71 -13.40
N ILE S 185 4.12 60.58 -14.08
CA ILE S 185 3.23 59.47 -13.78
C ILE S 185 2.80 58.77 -15.06
N TYR S 186 2.23 57.59 -14.88
CA TYR S 186 1.68 56.78 -15.94
C TYR S 186 0.18 56.65 -15.75
N PHE S 187 -0.58 56.88 -16.81
CA PHE S 187 -2.02 57.05 -16.71
C PHE S 187 -2.68 56.18 -17.77
N HIS S 188 -3.48 55.21 -17.35
CA HIS S 188 -4.13 54.34 -18.31
C HIS S 188 -5.51 53.96 -17.81
N LYS S 189 -6.47 53.92 -18.73
CA LYS S 189 -7.84 53.55 -18.41
C LYS S 189 -8.40 52.76 -19.58
N PHE S 190 -9.33 51.87 -19.28
CA PHE S 190 -10.00 51.08 -20.31
C PHE S 190 -11.46 50.95 -19.93
N THR S 191 -12.36 51.41 -20.80
CA THR S 191 -13.78 51.46 -20.46
C THR S 191 -14.61 50.95 -21.62
N SER S 192 -15.35 49.87 -21.38
CA SER S 192 -16.23 49.29 -22.38
C SER S 192 -17.66 49.78 -22.30
N GLY S 193 -18.04 50.47 -21.23
CA GLY S 193 -19.45 50.68 -20.95
C GLY S 193 -20.13 51.60 -21.94
N LEU S 194 -19.44 52.64 -22.38
CA LEU S 194 -20.09 53.72 -23.11
C LEU S 194 -20.60 53.23 -24.45
N GLY S 195 -21.51 54.01 -25.01
CA GLY S 195 -21.90 53.82 -26.40
C GLY S 195 -22.32 55.16 -26.96
N VAL S 196 -22.14 55.30 -28.27
CA VAL S 196 -22.28 56.58 -28.94
C VAL S 196 -22.80 56.30 -30.34
N ARG S 197 -23.66 57.19 -30.84
CA ARG S 197 -24.24 57.03 -32.16
C ARG S 197 -24.05 58.32 -32.94
N THR S 198 -23.34 58.26 -34.05
CA THR S 198 -23.01 59.43 -34.83
C THR S 198 -23.67 59.35 -36.19
N GLN S 199 -23.88 60.50 -36.81
CA GLN S 199 -24.33 60.57 -38.18
C GLN S 199 -23.52 61.62 -38.92
N TRP S 200 -23.03 61.24 -40.09
CA TRP S 200 -22.07 62.03 -40.84
C TRP S 200 -22.75 62.67 -42.04
N LYS S 201 -22.26 63.84 -42.42
CA LYS S 201 -22.79 64.49 -43.60
C LYS S 201 -22.25 63.81 -44.86
N ASN S 202 -22.55 64.43 -46.00
CA ASN S 202 -22.13 63.87 -47.28
C ASN S 202 -20.62 63.85 -47.44
N VAL S 203 -19.93 64.93 -47.05
CA VAL S 203 -18.54 65.11 -47.43
C VAL S 203 -17.69 63.93 -46.98
N THR S 204 -16.71 63.56 -47.81
CA THR S 204 -15.82 62.46 -47.50
C THR S 204 -14.83 62.79 -46.39
N ASP S 205 -14.75 64.06 -45.99
CA ASP S 205 -13.78 64.44 -44.97
C ASP S 205 -14.14 63.84 -43.63
N GLY S 206 -13.13 63.73 -42.76
CA GLY S 206 -13.32 63.29 -41.40
C GLY S 206 -13.18 64.36 -40.35
N GLY S 207 -13.19 65.64 -40.74
CA GLY S 207 -12.98 66.71 -39.80
C GLY S 207 -14.18 66.95 -38.91
N VAL S 208 -14.11 68.07 -38.17
CA VAL S 208 -15.17 68.40 -37.24
C VAL S 208 -16.39 68.95 -37.96
N GLY S 209 -16.17 69.63 -39.08
CA GLY S 209 -17.29 70.21 -39.79
C GLY S 209 -18.20 69.19 -40.46
N ALA S 210 -17.77 67.94 -40.51
CA ALA S 210 -18.52 66.94 -41.27
C ALA S 210 -19.48 66.14 -40.41
N ILE S 211 -19.54 66.40 -39.12
CA ILE S 211 -20.36 65.57 -38.24
C ILE S 211 -21.68 66.28 -37.97
N GLN S 212 -22.79 65.58 -38.23
CA GLN S 212 -24.10 66.17 -38.02
C GLN S 212 -24.55 66.07 -36.58
N ARG S 213 -24.33 64.92 -35.93
CA ARG S 213 -24.71 64.74 -34.54
C ARG S 213 -23.71 63.85 -33.83
N GLY S 214 -23.73 63.93 -32.50
CA GLY S 214 -22.99 63.02 -31.66
C GLY S 214 -21.49 63.12 -31.71
N ALA S 215 -20.94 64.30 -31.50
CA ALA S 215 -19.49 64.42 -31.42
C ALA S 215 -19.00 63.80 -30.12
N LEU S 216 -17.68 63.79 -29.95
CA LEU S 216 -17.09 63.29 -28.71
C LEU S 216 -15.81 64.05 -28.47
N TYR S 217 -15.56 64.40 -27.21
CA TYR S 217 -14.43 65.27 -26.91
C TYR S 217 -13.63 64.74 -25.74
N MET S 218 -12.32 64.99 -25.79
CA MET S 218 -11.40 64.70 -24.71
C MET S 218 -10.88 66.01 -24.16
N VAL S 219 -11.10 66.26 -22.88
CA VAL S 219 -10.76 67.53 -22.26
C VAL S 219 -9.76 67.29 -21.15
N ILE S 220 -8.66 68.03 -21.18
CA ILE S 220 -7.63 67.98 -20.15
C ILE S 220 -7.55 69.33 -19.47
N ALA S 221 -7.43 69.33 -18.15
CA ALA S 221 -7.22 70.56 -17.43
C ALA S 221 -6.14 70.31 -16.39
N PRO S 222 -5.26 71.27 -16.19
CA PRO S 222 -4.14 71.07 -15.28
C PRO S 222 -4.53 71.43 -13.86
N GLY S 223 -3.58 71.24 -12.95
CA GLY S 223 -3.75 71.65 -11.57
C GLY S 223 -3.58 73.15 -11.46
N ASN S 224 -3.27 73.60 -10.24
CA ASN S 224 -3.09 75.02 -10.04
C ASN S 224 -1.72 75.44 -10.53
N GLY S 225 -1.70 76.31 -11.54
CA GLY S 225 -0.46 76.85 -12.05
C GLY S 225 0.55 75.82 -12.53
N LEU S 226 0.15 74.58 -12.74
CA LEU S 226 1.09 73.53 -13.10
C LEU S 226 0.79 73.05 -14.52
N THR S 227 1.60 73.47 -15.48
CA THR S 227 1.51 72.98 -16.84
C THR S 227 2.29 71.68 -17.00
N PHE S 228 1.92 70.91 -18.02
CA PHE S 228 2.69 69.72 -18.35
C PHE S 228 2.49 69.38 -19.81
N THR S 229 3.07 68.26 -20.24
CA THR S 229 2.93 67.74 -21.60
C THR S 229 2.55 66.27 -21.51
N ALA S 230 2.38 65.64 -22.67
CA ALA S 230 1.93 64.26 -22.70
C ALA S 230 2.59 63.52 -23.85
N HIS S 231 2.60 62.20 -23.74
CA HIS S 231 3.06 61.32 -24.80
C HIS S 231 2.27 60.04 -24.68
N GLY S 232 1.90 59.47 -25.81
CA GLY S 232 1.20 58.20 -25.79
C GLY S 232 0.31 58.05 -27.00
N GLN S 233 -0.65 57.14 -26.87
CA GLN S 233 -1.53 56.83 -27.98
C GLN S 233 -2.83 56.24 -27.44
N THR S 234 -3.87 56.30 -28.26
CA THR S 234 -5.18 55.79 -27.88
C THR S 234 -5.72 54.91 -28.97
N ARG S 235 -6.79 54.19 -28.66
CA ARG S 235 -7.47 53.35 -29.63
C ARG S 235 -8.97 53.43 -29.42
N LEU S 236 -9.70 53.25 -30.51
CA LEU S 236 -11.15 53.21 -30.49
C LEU S 236 -11.62 51.93 -31.17
N TYR S 237 -12.84 51.53 -30.87
CA TYR S 237 -13.42 50.33 -31.45
C TYR S 237 -14.82 50.66 -31.91
N PHE S 238 -15.08 50.53 -33.21
CA PHE S 238 -16.37 50.90 -33.74
C PHE S 238 -16.73 49.95 -34.88
N LYS S 239 -17.93 50.15 -35.42
CA LYS S 239 -18.39 49.32 -36.53
C LYS S 239 -19.37 50.11 -37.35
N SER S 240 -19.16 50.15 -38.66
CA SER S 240 -20.04 50.92 -39.54
C SER S 240 -21.42 50.30 -39.56
N VAL S 241 -22.44 51.11 -39.85
CA VAL S 241 -23.81 50.61 -39.84
C VAL S 241 -24.74 51.51 -40.63
N GLY S 242 -25.74 50.92 -41.30
CA GLY S 242 -26.72 51.72 -42.02
C GLY S 242 -26.89 51.45 -43.50
N ASN S 243 -27.64 52.33 -44.18
CA ASN S 243 -27.86 52.18 -45.62
C ASN S 243 -28.20 50.75 -45.98
N ALA U 31 -5.72 21.47 -10.45
CA ALA U 31 -6.63 22.44 -11.04
C ALA U 31 -5.88 23.50 -11.83
N GLY U 32 -6.16 23.53 -13.13
CA GLY U 32 -5.61 24.45 -14.09
C GLY U 32 -4.31 23.99 -14.72
N SER U 33 -3.53 23.20 -13.97
CA SER U 33 -2.32 22.63 -14.54
C SER U 33 -2.57 21.32 -15.25
N LYS U 34 -3.35 20.44 -14.63
CA LYS U 34 -3.63 19.12 -15.21
C LYS U 34 -2.52 18.15 -14.89
N ALA U 35 -2.62 16.91 -15.39
CA ALA U 35 -1.63 15.90 -15.07
C ALA U 35 -1.45 15.86 -13.57
N ASP U 36 -2.54 15.62 -12.83
CA ASP U 36 -2.42 15.67 -11.37
C ASP U 36 -1.83 14.39 -10.77
N ARG U 37 -1.90 13.28 -11.48
CA ARG U 37 -1.70 11.99 -10.83
C ARG U 37 -0.23 11.71 -10.48
N PRO U 38 0.73 11.84 -11.41
CA PRO U 38 2.17 11.82 -11.17
C PRO U 38 2.74 13.23 -11.10
N SER U 39 4.05 13.32 -10.86
CA SER U 39 4.69 14.61 -10.80
C SER U 39 5.00 15.11 -12.20
N LEU U 40 4.91 16.42 -12.38
CA LEU U 40 5.31 17.05 -13.63
C LEU U 40 6.82 17.17 -13.69
N GLN U 41 7.36 17.18 -14.89
CA GLN U 41 8.78 17.40 -15.03
C GLN U 41 9.11 18.87 -14.75
N ILE U 42 10.32 19.11 -14.29
CA ILE U 42 10.72 20.45 -13.84
C ILE U 42 12.04 20.82 -14.48
N GLN U 43 12.01 21.87 -15.30
CA GLN U 43 13.21 22.48 -15.83
C GLN U 43 13.48 23.78 -15.10
N THR U 44 14.74 24.04 -14.81
CA THR U 44 15.13 25.24 -14.09
C THR U 44 16.11 26.06 -14.90
N LEU U 45 16.16 27.35 -14.59
CA LEU U 45 17.10 28.26 -15.21
C LEU U 45 17.80 29.06 -14.13
N GLN U 46 19.10 29.20 -14.26
CA GLN U 46 19.93 29.81 -13.22
C GLN U 46 20.59 31.04 -13.79
N HIS U 47 20.23 32.20 -13.28
CA HIS U 47 20.86 33.46 -13.68
C HIS U 47 21.50 34.06 -12.43
N ALA U 48 22.83 34.07 -12.39
CA ALA U 48 23.56 34.55 -11.23
C ALA U 48 25.04 34.45 -11.55
N GLY U 49 25.84 35.15 -10.75
CA GLY U 49 27.28 35.10 -10.93
C GLY U 49 27.65 35.68 -12.27
N THR U 50 28.49 34.95 -13.02
CA THR U 50 28.96 35.47 -14.30
C THR U 50 27.83 35.63 -15.30
N THR U 51 26.77 34.85 -15.16
CA THR U 51 25.60 34.99 -16.01
C THR U 51 24.53 35.72 -15.21
N MET U 52 24.32 36.98 -15.54
CA MET U 52 23.25 37.77 -14.95
C MET U 52 22.62 38.58 -16.07
N ILE U 53 21.29 38.71 -16.02
CA ILE U 53 20.62 39.49 -17.05
C ILE U 53 20.95 40.96 -16.83
N THR U 54 21.50 41.59 -17.85
CA THR U 54 21.75 43.02 -17.84
C THR U 54 20.91 43.68 -18.92
N VAL U 55 20.21 44.73 -18.57
CA VAL U 55 19.24 45.33 -19.48
C VAL U 55 19.77 46.69 -19.93
N PRO U 56 20.22 46.82 -21.17
CA PRO U 56 20.48 48.13 -21.72
C PRO U 56 19.18 48.82 -22.11
N SER U 57 19.27 50.13 -22.31
CA SER U 57 18.11 50.87 -22.77
C SER U 57 17.61 50.29 -24.09
N GLY U 58 16.31 50.04 -24.16
CA GLY U 58 15.71 49.47 -25.34
C GLY U 58 15.31 48.02 -25.22
N GLY U 59 15.52 47.40 -24.07
CA GLY U 59 15.02 46.06 -23.84
C GLY U 59 15.96 44.96 -24.30
N VAL U 60 15.59 43.74 -23.93
CA VAL U 60 16.37 42.56 -24.30
C VAL U 60 15.43 41.38 -24.44
N CYS U 61 15.73 40.51 -25.39
CA CYS U 61 14.91 39.35 -25.69
C CYS U 61 15.63 38.08 -25.28
N ASP U 62 14.84 37.09 -24.88
CA ASP U 62 15.43 35.80 -24.50
C ASP U 62 14.36 34.73 -24.61
N LEU U 63 14.81 33.48 -24.70
CA LEU U 63 13.93 32.33 -24.85
C LEU U 63 14.09 31.43 -23.64
N ILE U 64 13.01 31.22 -22.90
CA ILE U 64 13.05 30.45 -21.67
C ILE U 64 12.63 29.01 -21.86
N ASN U 65 12.31 28.60 -23.08
CA ASN U 65 11.63 27.33 -23.31
C ASN U 65 12.58 26.19 -23.65
N THR U 66 13.89 26.42 -23.60
CA THR U 66 14.85 25.42 -24.08
C THR U 66 14.70 24.09 -23.35
N TYR U 67 14.56 23.03 -24.13
CA TYR U 67 14.53 21.66 -23.61
C TYR U 67 15.47 20.81 -24.44
N ALA U 68 16.51 20.28 -23.81
CA ALA U 68 17.32 19.29 -24.51
C ALA U 68 16.57 17.97 -24.59
N ARG U 69 17.03 17.12 -25.50
CA ARG U 69 16.51 15.78 -25.66
C ARG U 69 17.47 14.76 -25.07
N GLY U 70 16.94 13.82 -24.30
CA GLY U 70 17.83 12.81 -23.77
C GLY U 70 17.17 12.05 -22.65
N SER U 71 18.02 11.36 -21.88
CA SER U 71 17.58 10.51 -20.79
C SER U 71 17.28 11.29 -19.52
N ASP U 72 17.94 12.42 -19.31
CA ASP U 72 17.89 13.09 -18.01
C ASP U 72 16.48 13.58 -17.71
N GLU U 73 16.18 13.80 -16.44
CA GLU U 73 14.79 14.17 -16.14
C GLU U 73 14.47 15.61 -16.51
N GLY U 74 15.47 16.48 -16.65
CA GLY U 74 15.17 17.81 -17.13
C GLY U 74 15.01 17.87 -18.63
N ASN U 75 15.37 16.79 -19.31
CA ASN U 75 15.26 16.76 -20.76
C ASN U 75 13.85 16.38 -21.16
N ARG U 76 13.60 16.36 -22.45
CA ARG U 76 12.33 15.92 -22.98
C ARG U 76 12.45 14.51 -23.54
N HIS U 77 11.33 13.96 -24.00
CA HIS U 77 11.31 12.60 -24.53
C HIS U 77 10.80 12.59 -25.96
N THR U 78 9.54 12.92 -26.18
CA THR U 78 8.98 12.94 -27.52
C THR U 78 9.32 14.28 -28.17
N SER U 79 8.67 14.56 -29.30
CA SER U 79 8.87 15.80 -30.01
C SER U 79 7.82 16.86 -29.69
N GLU U 80 6.89 16.57 -28.78
CA GLU U 80 5.81 17.50 -28.47
C GLU U 80 5.66 17.64 -26.96
N THR U 81 5.56 18.88 -26.49
CA THR U 81 5.49 19.18 -25.07
C THR U 81 4.36 20.15 -24.79
N LEU U 82 3.96 20.22 -23.52
CA LEU U 82 2.95 21.16 -23.05
C LEU U 82 3.41 21.77 -21.75
N THR U 83 3.53 23.09 -21.71
CA THR U 83 3.89 23.78 -20.48
C THR U 83 2.63 24.27 -19.79
N TYR U 84 2.64 24.22 -18.46
CA TYR U 84 1.45 24.59 -17.69
C TYR U 84 1.72 25.75 -16.75
N LYS U 85 2.57 25.56 -15.75
CA LYS U 85 2.82 26.58 -14.74
C LYS U 85 4.21 27.16 -14.90
N ILE U 86 4.37 28.39 -14.47
CA ILE U 86 5.66 29.07 -14.50
C ILE U 86 5.80 29.95 -13.28
N ALA U 87 6.97 29.92 -12.67
CA ALA U 87 7.26 30.69 -11.47
C ALA U 87 8.53 31.50 -11.68
N ILE U 88 8.55 32.70 -11.10
CA ILE U 88 9.60 33.68 -11.37
C ILE U 88 10.01 34.33 -10.07
N ASP U 89 11.32 34.38 -9.82
CA ASP U 89 11.88 35.04 -8.64
C ASP U 89 13.13 35.80 -9.03
N TYR U 90 13.20 37.07 -8.68
CA TYR U 90 14.36 37.87 -9.06
C TYR U 90 14.61 38.97 -8.07
N HIS U 91 15.82 39.53 -8.14
CA HIS U 91 16.25 40.66 -7.34
C HIS U 91 16.78 41.70 -8.30
N PHE U 92 16.09 42.83 -8.41
CA PHE U 92 16.55 43.89 -9.29
C PHE U 92 17.35 44.92 -8.50
N VAL U 93 18.39 45.45 -9.12
CA VAL U 93 19.21 46.46 -8.47
C VAL U 93 19.70 47.43 -9.54
N ALA U 94 19.72 48.70 -9.19
CA ALA U 94 20.11 49.74 -10.14
C ALA U 94 21.59 49.63 -10.47
N ASP U 95 21.96 50.24 -11.59
CA ASP U 95 23.33 50.22 -12.08
C ASP U 95 24.07 51.47 -11.63
N ALA U 96 25.35 51.30 -11.31
CA ALA U 96 26.15 52.41 -10.83
C ALA U 96 26.15 53.57 -11.83
N ALA U 97 26.06 53.27 -13.12
CA ALA U 97 25.99 54.33 -14.12
C ALA U 97 24.74 55.17 -13.95
N ALA U 98 23.59 54.52 -13.72
CA ALA U 98 22.36 55.26 -13.57
C ALA U 98 22.21 55.85 -12.18
N CYS U 99 22.99 55.36 -11.21
CA CYS U 99 22.92 55.93 -9.87
C CYS U 99 23.43 57.37 -9.82
N ARG U 100 24.05 57.84 -10.91
CA ARG U 100 24.49 59.22 -10.99
C ARG U 100 23.32 60.18 -10.86
N TYR U 101 22.38 60.07 -11.79
CA TYR U 101 21.18 60.91 -11.83
C TYR U 101 20.19 60.47 -10.77
N SER U 102 19.28 61.36 -10.40
CA SER U 102 18.18 61.03 -9.51
C SER U 102 16.88 61.22 -10.28
N ASN U 103 16.22 60.11 -10.63
CA ASN U 103 14.91 60.18 -11.24
C ASN U 103 14.22 58.84 -11.07
N THR U 104 12.90 58.87 -11.23
CA THR U 104 12.09 57.67 -11.11
C THR U 104 11.91 57.03 -12.48
N GLY U 105 11.04 56.03 -12.56
CA GLY U 105 10.77 55.37 -13.82
C GLY U 105 9.87 54.18 -13.61
N THR U 106 9.50 53.55 -14.71
CA THR U 106 8.64 52.38 -14.65
C THR U 106 9.07 51.36 -15.70
N GLY U 107 9.20 50.11 -15.29
CA GLY U 107 9.58 49.03 -16.17
C GLY U 107 8.39 48.14 -16.50
N VAL U 108 8.61 47.25 -17.46
CA VAL U 108 7.58 46.32 -17.91
C VAL U 108 8.24 44.98 -18.20
N MET U 109 7.52 43.90 -17.91
CA MET U 109 7.96 42.56 -18.30
C MET U 109 6.83 41.87 -19.05
N TRP U 110 7.00 41.70 -20.36
CA TRP U 110 6.07 40.92 -21.15
C TRP U 110 6.41 39.44 -21.11
N LEU U 111 5.40 38.62 -21.40
CA LEU U 111 5.61 37.20 -21.67
C LEU U 111 4.94 36.90 -22.99
N VAL U 112 5.72 36.61 -24.03
CA VAL U 112 5.25 36.64 -25.41
C VAL U 112 5.30 35.25 -26.00
N TYR U 113 4.30 34.93 -26.81
CA TYR U 113 4.14 33.61 -27.41
C TYR U 113 4.17 33.71 -28.92
N ASP U 114 5.21 33.13 -29.54
CA ASP U 114 5.38 33.16 -30.98
C ASP U 114 4.80 31.91 -31.59
N THR U 115 3.93 32.09 -32.59
CA THR U 115 3.38 30.95 -33.31
C THR U 115 4.35 30.43 -34.37
N THR U 116 4.97 31.33 -35.12
CA THR U 116 5.79 30.95 -36.27
C THR U 116 7.22 31.44 -36.06
N PRO U 117 8.06 30.66 -35.41
CA PRO U 117 9.45 31.06 -35.20
C PRO U 117 10.20 31.12 -36.52
N GLY U 118 11.38 31.73 -36.47
CA GLY U 118 12.24 31.80 -37.63
C GLY U 118 13.69 31.73 -37.20
N GLY U 119 14.56 31.60 -38.19
CA GLY U 119 15.98 31.42 -37.89
C GLY U 119 16.55 32.54 -37.04
N GLN U 120 16.42 33.77 -37.51
CA GLN U 120 16.91 34.91 -36.76
C GLN U 120 16.20 34.99 -35.42
N ALA U 121 16.93 35.37 -34.41
CA ALA U 121 16.31 35.64 -33.12
C ALA U 121 15.72 37.04 -33.12
N PRO U 122 14.48 37.22 -32.68
CA PRO U 122 13.85 38.53 -32.77
C PRO U 122 14.39 39.49 -31.71
N THR U 123 14.29 40.78 -32.01
CA THR U 123 14.61 41.85 -31.10
C THR U 123 13.36 42.66 -30.81
N PRO U 124 13.27 43.28 -29.63
CA PRO U 124 12.06 44.05 -29.30
C PRO U 124 11.66 45.04 -30.37
N GLN U 125 12.64 45.61 -31.08
CA GLN U 125 12.32 46.55 -32.15
C GLN U 125 11.43 45.91 -33.20
N THR U 126 11.57 44.60 -33.42
CA THR U 126 10.76 43.94 -34.42
C THR U 126 9.38 43.60 -33.89
N ILE U 127 9.30 43.13 -32.65
CA ILE U 127 8.01 42.70 -32.11
C ILE U 127 7.08 43.89 -31.94
N PHE U 128 7.51 44.90 -31.22
CA PHE U 128 6.76 46.14 -31.10
C PHE U 128 7.36 47.13 -32.08
N ALA U 129 6.52 47.80 -32.84
CA ALA U 129 7.01 48.84 -33.73
C ALA U 129 6.78 50.18 -33.03
N TYR U 130 7.83 50.76 -32.50
CA TYR U 130 7.73 51.97 -31.72
C TYR U 130 8.52 53.08 -32.38
N PRO U 131 7.89 54.19 -32.77
CA PRO U 131 8.65 55.31 -33.30
C PRO U 131 9.72 55.75 -32.31
N ASP U 132 10.88 56.12 -32.84
CA ASP U 132 12.08 56.26 -32.02
C ASP U 132 11.92 57.27 -30.90
N THR U 133 10.93 58.17 -31.01
CA THR U 133 10.72 59.14 -29.95
C THR U 133 10.12 58.52 -28.69
N LEU U 134 9.47 57.36 -28.82
CA LEU U 134 8.89 56.68 -27.67
C LEU U 134 9.82 55.66 -27.07
N LYS U 135 11.07 55.57 -27.54
CA LYS U 135 11.99 54.59 -26.97
C LYS U 135 12.08 54.72 -25.46
N ALA U 136 11.96 55.93 -24.94
CA ALA U 136 12.21 56.14 -23.52
C ALA U 136 11.18 55.42 -22.66
N TRP U 137 9.92 55.41 -23.07
CA TRP U 137 8.87 54.95 -22.18
C TRP U 137 8.26 53.65 -22.69
N PRO U 138 8.58 52.51 -22.09
CA PRO U 138 8.05 51.26 -22.62
C PRO U 138 6.56 51.08 -22.41
N ALA U 139 6.04 51.58 -21.30
CA ALA U 139 4.69 51.21 -20.89
C ALA U 139 3.64 51.60 -21.92
N THR U 140 3.99 52.42 -22.89
CA THR U 140 3.06 52.85 -23.91
C THR U 140 3.10 52.00 -25.16
N TRP U 141 3.99 51.01 -25.22
CA TRP U 141 4.12 50.22 -26.44
C TRP U 141 2.93 49.29 -26.59
N LYS U 142 2.60 48.98 -27.84
CA LYS U 142 1.60 47.97 -28.16
C LYS U 142 2.16 47.07 -29.24
N VAL U 143 1.62 45.86 -29.32
CA VAL U 143 2.11 44.91 -30.31
C VAL U 143 1.84 45.46 -31.71
N SER U 144 2.82 45.32 -32.59
CA SER U 144 2.70 45.88 -33.93
C SER U 144 1.55 45.23 -34.68
N ARG U 145 0.94 46.00 -35.56
CA ARG U 145 -0.32 45.58 -36.16
C ARG U 145 -0.11 44.61 -37.32
N GLU U 146 0.97 44.80 -38.09
CA GLU U 146 1.26 43.88 -39.19
C GLU U 146 1.28 42.44 -38.69
N LEU U 147 1.96 42.22 -37.58
CA LEU U 147 2.24 40.91 -37.01
C LEU U 147 1.09 40.38 -36.17
N CYS U 148 -0.06 41.05 -36.19
CA CYS U 148 -1.08 40.83 -35.16
C CYS U 148 -1.48 39.37 -35.03
N HIS U 149 -1.29 38.58 -36.07
CA HIS U 149 -1.61 37.16 -36.02
C HIS U 149 -0.41 36.28 -35.74
N ARG U 150 0.77 36.86 -35.54
CA ARG U 150 1.96 36.07 -35.26
C ARG U 150 2.28 36.05 -33.76
N PHE U 151 2.60 37.22 -33.20
CA PHE U 151 2.95 37.33 -31.80
C PHE U 151 1.70 37.66 -30.99
N VAL U 152 1.65 37.12 -29.76
CA VAL U 152 0.56 37.41 -28.84
C VAL U 152 1.11 37.41 -27.43
N VAL U 153 0.63 38.33 -26.61
CA VAL U 153 1.15 38.53 -25.27
C VAL U 153 0.18 37.88 -24.29
N LYS U 154 0.64 36.86 -23.58
CA LYS U 154 -0.25 36.17 -22.67
C LYS U 154 -0.18 36.68 -21.24
N ARG U 155 0.80 37.51 -20.90
CA ARG U 155 0.89 38.13 -19.59
C ARG U 155 1.65 39.44 -19.71
N ARG U 156 1.37 40.35 -18.77
CA ARG U 156 2.05 41.62 -18.73
C ARG U 156 2.11 42.08 -17.28
N TRP U 157 3.25 42.63 -16.87
CA TRP U 157 3.40 43.09 -15.51
C TRP U 157 4.12 44.42 -15.48
N LEU U 158 4.04 45.09 -14.34
CA LEU U 158 4.58 46.42 -14.16
C LEU U 158 5.40 46.46 -12.87
N PHE U 159 6.40 47.32 -12.85
CA PHE U 159 7.13 47.59 -11.62
C PHE U 159 7.80 48.93 -11.77
N ASN U 160 8.22 49.50 -10.65
CA ASN U 160 8.80 50.83 -10.67
C ASN U 160 9.95 50.92 -9.68
N MET U 161 10.97 51.68 -10.07
CA MET U 161 12.17 51.86 -9.27
C MET U 161 12.49 53.34 -9.21
N GLU U 162 13.23 53.73 -8.18
CA GLU U 162 13.65 55.11 -8.08
C GLU U 162 15.01 55.17 -7.41
N THR U 163 15.85 56.09 -7.87
CA THR U 163 17.21 56.24 -7.36
C THR U 163 17.40 57.68 -6.91
N ASP U 164 17.94 57.85 -5.71
CA ASP U 164 18.15 59.16 -5.13
C ASP U 164 19.46 59.79 -5.59
N GLY U 165 20.22 59.11 -6.44
CA GLY U 165 21.50 59.64 -6.86
C GLY U 165 22.62 59.31 -5.90
N ARG U 166 22.51 58.22 -5.15
CA ARG U 166 23.53 57.85 -4.19
C ARG U 166 23.71 56.35 -4.21
N ILE U 167 24.94 55.89 -4.39
CA ILE U 167 25.22 54.46 -4.32
C ILE U 167 25.14 54.00 -2.87
N GLY U 168 24.97 52.69 -2.69
CA GLY U 168 24.82 52.16 -1.36
C GLY U 168 26.09 51.78 -0.64
N SER U 169 27.25 52.03 -1.26
CA SER U 169 28.51 51.57 -0.70
C SER U 169 29.24 52.64 0.11
N ASP U 170 28.69 53.84 0.21
CA ASP U 170 29.41 54.94 0.83
C ASP U 170 28.70 55.39 2.10
N ILE U 171 29.48 55.99 3.01
CA ILE U 171 29.02 56.31 4.35
C ILE U 171 28.47 57.74 4.38
N PRO U 172 27.33 57.96 5.00
CA PRO U 172 26.81 59.32 5.14
C PRO U 172 27.68 60.13 6.07
N PRO U 173 27.65 61.46 5.96
CA PRO U 173 28.30 62.29 6.97
C PRO U 173 27.50 62.30 8.26
N SER U 174 28.18 62.66 9.35
CA SER U 174 27.54 62.67 10.65
C SER U 174 26.45 63.73 10.77
N ASN U 175 26.32 64.61 9.78
CA ASN U 175 25.35 65.68 9.88
C ASN U 175 23.94 65.21 9.56
N ALA U 176 23.76 64.40 8.51
CA ALA U 176 22.42 64.09 8.03
C ALA U 176 22.33 62.62 7.64
N SER U 177 21.11 62.16 7.41
CA SER U 177 20.84 60.79 6.99
C SER U 177 19.99 60.80 5.73
N TRP U 178 19.61 59.60 5.27
CA TRP U 178 18.76 59.50 4.09
C TRP U 178 17.81 58.32 4.24
N LYS U 179 16.60 58.46 3.70
CA LYS U 179 15.68 57.35 3.61
C LYS U 179 15.69 56.85 2.17
N PRO U 180 16.29 55.71 1.89
CA PRO U 180 16.37 55.25 0.51
C PRO U 180 15.25 54.28 0.14
N CYS U 181 14.03 54.78 -0.01
CA CYS U 181 12.93 53.91 -0.40
C CYS U 181 13.19 53.33 -1.79
N LYS U 182 13.03 52.02 -1.90
CA LYS U 182 12.95 51.33 -3.19
C LYS U 182 14.19 51.56 -4.04
N ARG U 183 15.35 51.46 -3.41
CA ARG U 183 16.57 51.44 -4.21
C ARG U 183 16.73 50.12 -4.94
N ASN U 184 16.15 49.06 -4.41
CA ASN U 184 16.14 47.76 -5.05
C ASN U 184 14.91 47.01 -4.57
N ILE U 185 14.37 46.15 -5.44
CA ILE U 185 13.08 45.54 -5.17
C ILE U 185 13.14 44.04 -5.38
N TYR U 186 12.12 43.38 -4.88
CA TYR U 186 11.92 41.94 -5.02
C TYR U 186 10.67 41.69 -5.86
N PHE U 187 10.79 40.82 -6.85
CA PHE U 187 9.76 40.67 -7.87
C PHE U 187 9.47 39.19 -8.05
N HIS U 188 8.23 38.78 -7.77
CA HIS U 188 7.90 37.37 -7.90
C HIS U 188 6.46 37.25 -8.39
N LYS U 189 6.23 36.29 -9.28
CA LYS U 189 4.91 36.02 -9.82
C LYS U 189 4.78 34.52 -10.02
N PHE U 190 3.55 34.02 -9.90
CA PHE U 190 3.26 32.62 -10.13
C PHE U 190 1.95 32.51 -10.88
N THR U 191 1.96 31.89 -12.06
CA THR U 191 0.79 31.87 -12.91
C THR U 191 0.56 30.48 -13.47
N SER U 192 -0.57 29.89 -13.15
CA SER U 192 -0.94 28.57 -13.63
C SER U 192 -1.80 28.60 -14.88
N GLY U 193 -2.33 29.76 -15.25
CA GLY U 193 -3.41 29.77 -16.24
C GLY U 193 -2.97 29.37 -17.62
N LEU U 194 -1.78 29.79 -18.03
CA LEU U 194 -1.39 29.69 -19.43
C LEU U 194 -1.27 28.24 -19.86
N GLY U 195 -1.28 28.04 -21.16
CA GLY U 195 -0.91 26.77 -21.73
C GLY U 195 -0.32 27.00 -23.10
N VAL U 196 0.56 26.10 -23.50
CA VAL U 196 1.37 26.28 -24.70
C VAL U 196 1.63 24.90 -25.28
N ARG U 197 1.66 24.82 -26.60
CA ARG U 197 1.87 23.57 -27.31
C ARG U 197 2.98 23.75 -28.32
N THR U 198 4.06 22.99 -28.16
CA THR U 198 5.23 23.14 -29.00
C THR U 198 5.44 21.87 -29.80
N GLN U 199 6.12 22.01 -30.94
CA GLN U 199 6.55 20.86 -31.72
C GLN U 199 8.00 21.07 -32.15
N TRP U 200 8.80 20.05 -31.94
CA TRP U 200 10.24 20.14 -32.10
C TRP U 200 10.67 19.41 -33.36
N LYS U 201 11.75 19.89 -33.97
CA LYS U 201 12.28 19.22 -35.14
C LYS U 201 13.03 17.97 -34.73
N ASN U 202 13.71 17.36 -35.70
CA ASN U 202 14.43 16.13 -35.46
C ASN U 202 15.60 16.32 -34.50
N VAL U 203 16.37 17.40 -34.68
CA VAL U 203 17.66 17.53 -34.01
C VAL U 203 17.52 17.39 -32.50
N THR U 204 18.50 16.73 -31.88
CA THR U 204 18.49 16.53 -30.44
C THR U 204 18.76 17.82 -29.67
N ASP U 205 19.18 18.89 -30.35
CA ASP U 205 19.51 20.12 -29.66
C ASP U 205 18.26 20.75 -29.05
N GLY U 206 18.48 21.59 -28.04
CA GLY U 206 17.43 22.37 -27.42
C GLY U 206 17.46 23.84 -27.74
N GLY U 207 18.22 24.27 -28.74
CA GLY U 207 18.34 25.68 -29.04
C GLY U 207 17.11 26.25 -29.70
N VAL U 208 17.26 27.47 -30.19
CA VAL U 208 16.14 28.18 -30.81
C VAL U 208 15.88 27.66 -32.22
N GLY U 209 16.93 27.21 -32.90
CA GLY U 209 16.76 26.73 -34.26
C GLY U 209 16.01 25.43 -34.36
N ALA U 210 15.79 24.76 -33.24
CA ALA U 210 15.22 23.42 -33.29
C ALA U 210 13.71 23.42 -33.09
N ILE U 211 13.09 24.57 -32.89
CA ILE U 211 11.67 24.59 -32.59
C ILE U 211 10.87 24.92 -33.84
N GLN U 212 9.92 24.07 -34.17
CA GLN U 212 9.11 24.28 -35.36
C GLN U 212 7.98 25.27 -35.12
N ARG U 213 7.28 25.15 -33.99
CA ARG U 213 6.19 26.05 -33.66
C ARG U 213 6.15 26.32 -32.17
N GLY U 214 5.45 27.40 -31.82
CA GLY U 214 5.14 27.70 -30.44
C GLY U 214 6.31 28.06 -29.55
N ALA U 215 7.11 29.03 -29.93
CA ALA U 215 8.17 29.47 -29.04
C ALA U 215 7.56 30.25 -27.88
N LEU U 216 8.42 30.67 -26.96
CA LEU U 216 7.97 31.48 -25.84
C LEU U 216 9.11 32.41 -25.45
N TYR U 217 8.78 33.65 -25.11
CA TYR U 217 9.82 34.64 -24.89
C TYR U 217 9.55 35.43 -23.62
N MET U 218 10.63 35.83 -22.96
CA MET U 218 10.59 36.72 -21.81
C MET U 218 11.26 38.02 -22.19
N VAL U 219 10.52 39.13 -22.10
CA VAL U 219 11.01 40.42 -22.55
C VAL U 219 11.04 41.38 -21.38
N ILE U 220 12.18 42.04 -21.18
CA ILE U 220 12.35 43.03 -20.14
C ILE U 220 12.64 44.36 -20.80
N ALA U 221 12.04 45.43 -20.29
CA ALA U 221 12.35 46.74 -20.77
C ALA U 221 12.48 47.67 -19.57
N PRO U 222 13.42 48.58 -19.59
CA PRO U 222 13.67 49.42 -18.43
C PRO U 222 12.78 50.66 -18.48
N GLY U 223 12.90 51.47 -17.44
CA GLY U 223 12.23 52.75 -17.39
C GLY U 223 12.96 53.75 -18.26
N ASN U 224 12.74 55.02 -17.99
CA ASN U 224 13.38 56.06 -18.78
C ASN U 224 14.82 56.21 -18.33
N GLY U 225 15.76 55.93 -19.23
CA GLY U 225 17.17 56.11 -18.96
C GLY U 225 17.69 55.37 -17.76
N LEU U 226 16.96 54.40 -17.23
CA LEU U 226 17.38 53.72 -16.00
C LEU U 226 17.70 52.26 -16.33
N THR U 227 18.98 51.94 -16.40
CA THR U 227 19.42 50.56 -16.56
C THR U 227 19.50 49.85 -15.21
N PHE U 228 19.43 48.53 -15.24
CA PHE U 228 19.63 47.76 -14.02
C PHE U 228 20.12 46.36 -14.39
N THR U 229 20.26 45.51 -13.37
CA THR U 229 20.65 44.12 -13.54
C THR U 229 19.69 43.25 -12.76
N ALA U 230 19.91 41.93 -12.80
CA ALA U 230 18.99 41.01 -12.17
C ALA U 230 19.75 39.83 -11.59
N HIS U 231 19.12 39.16 -10.65
CA HIS U 231 19.62 37.93 -10.07
C HIS U 231 18.42 37.10 -9.68
N GLY U 232 18.50 35.80 -9.88
CA GLY U 232 17.42 34.93 -9.47
C GLY U 232 17.35 33.69 -10.32
N GLN U 233 16.18 33.05 -10.29
CA GLN U 233 15.99 31.79 -11.00
C GLN U 233 14.51 31.60 -11.27
N THR U 234 14.22 30.76 -12.26
CA THR U 234 12.85 30.47 -12.64
C THR U 234 12.65 28.98 -12.74
N ARG U 235 11.38 28.57 -12.85
CA ARG U 235 11.04 27.17 -13.02
C ARG U 235 9.88 27.05 -13.99
N LEU U 236 9.85 25.92 -14.70
CA LEU U 236 8.77 25.59 -15.59
C LEU U 236 8.24 24.22 -15.26
N TYR U 237 7.01 23.95 -15.68
CA TYR U 237 6.37 22.68 -15.41
C TYR U 237 5.74 22.19 -16.70
N PHE U 238 6.19 21.04 -17.19
CA PHE U 238 5.69 20.54 -18.46
C PHE U 238 5.63 19.02 -18.41
N LYS U 239 5.15 18.43 -19.50
CA LYS U 239 5.10 16.99 -19.64
C LYS U 239 5.23 16.63 -21.11
N SER U 240 5.96 15.58 -21.40
CA SER U 240 6.18 15.19 -22.79
C SER U 240 5.03 14.34 -23.28
N VAL U 241 4.52 14.66 -24.46
CA VAL U 241 3.41 13.91 -25.03
C VAL U 241 3.66 13.62 -26.49
N GLY U 242 3.30 12.43 -26.96
CA GLY U 242 3.45 12.13 -28.37
C GLY U 242 3.73 10.69 -28.74
N ASN U 243 4.02 10.46 -30.02
CA ASN U 243 4.32 9.11 -30.49
C ASN U 243 3.28 8.13 -29.95
#